data_7YIR
# 
_entry.id   7YIR 
# 
_audit_conform.dict_name       mmcif_pdbx.dic 
_audit_conform.dict_version    5.380 
_audit_conform.dict_location   http://mmcif.pdb.org/dictionaries/ascii/mmcif_pdbx.dic 
# 
loop_
_database_2.database_id 
_database_2.database_code 
_database_2.pdbx_database_accession 
_database_2.pdbx_DOI 
PDB   7YIR         pdb_00007yir 10.2210/pdb7yir/pdb 
WWPDB D_1300030911 ?            ?                   
# 
_pdbx_database_status.status_code                     REL 
_pdbx_database_status.status_code_sf                  REL 
_pdbx_database_status.status_code_mr                  ? 
_pdbx_database_status.entry_id                        7YIR 
_pdbx_database_status.recvd_initial_deposition_date   2022-07-18 
_pdbx_database_status.SG_entry                        N 
_pdbx_database_status.deposit_site                    PDBJ 
_pdbx_database_status.process_site                    PDBJ 
_pdbx_database_status.status_code_cs                  ? 
_pdbx_database_status.status_code_nmr_data            ? 
_pdbx_database_status.methods_development_category    ? 
_pdbx_database_status.pdb_format_compatible           Y 
# 
loop_
_audit_author.name 
_audit_author.pdbx_ordinal 
_audit_author.identifier_ORCID 
'Zhang, Y.J.' 1 0000-0002-3592-1454 
'Liu, Y.R.'   2 0000-0001-8526-5566 
'Wu, B.'      3 0000-0003-4556-0477 
# 
_citation.abstract                  ? 
_citation.abstract_id_CAS           ? 
_citation.book_id_ISBN              ? 
_citation.book_publisher            ? 
_citation.book_publisher_city       ? 
_citation.book_title                ? 
_citation.coordinate_linkage        ? 
_citation.country                   CH 
_citation.database_id_Medline       ? 
_citation.details                   ? 
_citation.id                        primary 
_citation.journal_abbrev            'Int J Mol Sci' 
_citation.journal_id_ASTM           ? 
_citation.journal_id_CSD            ? 
_citation.journal_id_ISSN           1422-0067 
_citation.journal_full              ? 
_citation.journal_issue             ? 
_citation.journal_volume            24 
_citation.language                  ? 
_citation.page_first                ? 
_citation.page_last                 ? 
_citation.title                     
'Structural Insights Uncover the Specific Phosphoinositide Recognition by the PH1 Domain of Arap3.' 
_citation.year                      2023 
_citation.database_id_CSD           ? 
_citation.pdbx_database_id_DOI      10.3390/ijms24021125 
_citation.pdbx_database_id_PubMed   36674645 
_citation.pdbx_database_id_patent   ? 
_citation.unpublished_flag          ? 
# 
loop_
_citation_author.citation_id 
_citation_author.name 
_citation_author.ordinal 
_citation_author.identifier_ORCID 
primary 'Zhang, Y.' 1  ?                   
primary 'Ge, L.'    2  ?                   
primary 'Xu, L.'    3  ?                   
primary 'Liu, Y.'   4  ?                   
primary 'Wang, J.'  5  ?                   
primary 'Liu, C.'   6  ?                   
primary 'Zhao, H.'  7  ?                   
primary 'Xing, L.'  8  ?                   
primary 'Wang, J.'  9  0000-0002-9608-6851 
primary 'Wu, B.'    10 0000-0003-4556-0477 
# 
_cell.angle_alpha                  90.000 
_cell.angle_alpha_esd              ? 
_cell.angle_beta                   90.000 
_cell.angle_beta_esd               ? 
_cell.angle_gamma                  120.000 
_cell.angle_gamma_esd              ? 
_cell.entry_id                     7YIR 
_cell.details                      ? 
_cell.formula_units_Z              ? 
_cell.length_a                     102.634 
_cell.length_a_esd                 ? 
_cell.length_b                     102.634 
_cell.length_b_esd                 ? 
_cell.length_c                     45.506 
_cell.length_c_esd                 ? 
_cell.volume                       ? 
_cell.volume_esd                   ? 
_cell.Z_PDB                        12 
_cell.reciprocal_angle_alpha       ? 
_cell.reciprocal_angle_beta        ? 
_cell.reciprocal_angle_gamma       ? 
_cell.reciprocal_angle_alpha_esd   ? 
_cell.reciprocal_angle_beta_esd    ? 
_cell.reciprocal_angle_gamma_esd   ? 
_cell.reciprocal_length_a          ? 
_cell.reciprocal_length_b          ? 
_cell.reciprocal_length_c          ? 
_cell.reciprocal_length_a_esd      ? 
_cell.reciprocal_length_b_esd      ? 
_cell.reciprocal_length_c_esd      ? 
_cell.pdbx_unique_axis             ? 
_cell.pdbx_esd_method              ? 
# 
_symmetry.entry_id                         7YIR 
_symmetry.cell_setting                     ? 
_symmetry.Int_Tables_number                178 
_symmetry.space_group_name_Hall            ? 
_symmetry.space_group_name_H-M             'P 61 2 2' 
_symmetry.pdbx_full_space_group_name_H-M   ? 
# 
loop_
_entity.id 
_entity.type 
_entity.src_method 
_entity.pdbx_description 
_entity.formula_weight 
_entity.pdbx_number_of_molecules 
_entity.pdbx_ec 
_entity.pdbx_mutation 
_entity.pdbx_fragment 
_entity.details 
1 polymer     man 'Arf-GAP with Rho-GAP domain, ANK repeat and PH domain-containing protein 3' 13056.944 1  ? ? 'PH1 domain' ? 
2 non-polymer syn 'DI(HYDROXYETHYL)ETHER'                                                      106.120   1  ? ? ?            ? 
3 water       nat water                                                                        18.015    36 ? ? ?            ? 
# 
_entity_name_com.entity_id   1 
_entity_name_com.name        Centaurin-delta-3,Cnt-d3 
# 
_entity_poly.entity_id                      1 
_entity_poly.type                           'polypeptide(L)' 
_entity_poly.nstd_linkage                   no 
_entity_poly.nstd_monomer                   no 
_entity_poly.pdbx_seq_one_letter_code       
;MDRLTPLLSGWLDKLSPQGNYVFQRRFVQFNGRSLMYFGSDKDPFPKGVIPLTAIEMTRSSKDNKFQVITGQRVFVFRTE
SEAQRDMWCSTLQSCLKEQRLLGLEHHHHHH
;
_entity_poly.pdbx_seq_one_letter_code_can   
;MDRLTPLLSGWLDKLSPQGNYVFQRRFVQFNGRSLMYFGSDKDPFPKGVIPLTAIEMTRSSKDNKFQVITGQRVFVFRTE
SEAQRDMWCSTLQSCLKEQRLLGLEHHHHHH
;
_entity_poly.pdbx_strand_id                 A 
_entity_poly.pdbx_target_identifier         ? 
# 
loop_
_entity_poly_seq.entity_id 
_entity_poly_seq.num 
_entity_poly_seq.mon_id 
_entity_poly_seq.hetero 
1 1   MET n 
1 2   ASP n 
1 3   ARG n 
1 4   LEU n 
1 5   THR n 
1 6   PRO n 
1 7   LEU n 
1 8   LEU n 
1 9   SER n 
1 10  GLY n 
1 11  TRP n 
1 12  LEU n 
1 13  ASP n 
1 14  LYS n 
1 15  LEU n 
1 16  SER n 
1 17  PRO n 
1 18  GLN n 
1 19  GLY n 
1 20  ASN n 
1 21  TYR n 
1 22  VAL n 
1 23  PHE n 
1 24  GLN n 
1 25  ARG n 
1 26  ARG n 
1 27  PHE n 
1 28  VAL n 
1 29  GLN n 
1 30  PHE n 
1 31  ASN n 
1 32  GLY n 
1 33  ARG n 
1 34  SER n 
1 35  LEU n 
1 36  MET n 
1 37  TYR n 
1 38  PHE n 
1 39  GLY n 
1 40  SER n 
1 41  ASP n 
1 42  LYS n 
1 43  ASP n 
1 44  PRO n 
1 45  PHE n 
1 46  PRO n 
1 47  LYS n 
1 48  GLY n 
1 49  VAL n 
1 50  ILE n 
1 51  PRO n 
1 52  LEU n 
1 53  THR n 
1 54  ALA n 
1 55  ILE n 
1 56  GLU n 
1 57  MET n 
1 58  THR n 
1 59  ARG n 
1 60  SER n 
1 61  SER n 
1 62  LYS n 
1 63  ASP n 
1 64  ASN n 
1 65  LYS n 
1 66  PHE n 
1 67  GLN n 
1 68  VAL n 
1 69  ILE n 
1 70  THR n 
1 71  GLY n 
1 72  GLN n 
1 73  ARG n 
1 74  VAL n 
1 75  PHE n 
1 76  VAL n 
1 77  PHE n 
1 78  ARG n 
1 79  THR n 
1 80  GLU n 
1 81  SER n 
1 82  GLU n 
1 83  ALA n 
1 84  GLN n 
1 85  ARG n 
1 86  ASP n 
1 87  MET n 
1 88  TRP n 
1 89  CYS n 
1 90  SER n 
1 91  THR n 
1 92  LEU n 
1 93  GLN n 
1 94  SER n 
1 95  CYS n 
1 96  LEU n 
1 97  LYS n 
1 98  GLU n 
1 99  GLN n 
1 100 ARG n 
1 101 LEU n 
1 102 LEU n 
1 103 GLY n 
1 104 LEU n 
1 105 GLU n 
1 106 HIS n 
1 107 HIS n 
1 108 HIS n 
1 109 HIS n 
1 110 HIS n 
1 111 HIS n 
# 
_entity_src_gen.entity_id                          1 
_entity_src_gen.pdbx_src_id                        1 
_entity_src_gen.pdbx_alt_source_flag               sample 
_entity_src_gen.pdbx_seq_type                      'Biological sequence' 
_entity_src_gen.pdbx_beg_seq_num                   1 
_entity_src_gen.pdbx_end_seq_num                   111 
_entity_src_gen.gene_src_common_name               human 
_entity_src_gen.gene_src_genus                     ? 
_entity_src_gen.pdbx_gene_src_gene                 'ARAP3, CENTD3' 
_entity_src_gen.gene_src_species                   ? 
_entity_src_gen.gene_src_strain                    ? 
_entity_src_gen.gene_src_tissue                    ? 
_entity_src_gen.gene_src_tissue_fraction           ? 
_entity_src_gen.gene_src_details                   ? 
_entity_src_gen.pdbx_gene_src_fragment             ? 
_entity_src_gen.pdbx_gene_src_scientific_name      'Homo sapiens' 
_entity_src_gen.pdbx_gene_src_ncbi_taxonomy_id     9606 
_entity_src_gen.pdbx_gene_src_variant              ? 
_entity_src_gen.pdbx_gene_src_cell_line            ? 
_entity_src_gen.pdbx_gene_src_atcc                 ? 
_entity_src_gen.pdbx_gene_src_organ                ? 
_entity_src_gen.pdbx_gene_src_organelle            ? 
_entity_src_gen.pdbx_gene_src_cell                 ? 
_entity_src_gen.pdbx_gene_src_cellular_location    ? 
_entity_src_gen.host_org_common_name               ? 
_entity_src_gen.pdbx_host_org_scientific_name      'Escherichia coli' 
_entity_src_gen.pdbx_host_org_ncbi_taxonomy_id     562 
_entity_src_gen.host_org_genus                     ? 
_entity_src_gen.pdbx_host_org_gene                 ? 
_entity_src_gen.pdbx_host_org_organ                ? 
_entity_src_gen.host_org_species                   ? 
_entity_src_gen.pdbx_host_org_tissue               ? 
_entity_src_gen.pdbx_host_org_tissue_fraction      ? 
_entity_src_gen.pdbx_host_org_strain               ? 
_entity_src_gen.pdbx_host_org_variant              ? 
_entity_src_gen.pdbx_host_org_cell_line            ? 
_entity_src_gen.pdbx_host_org_atcc                 ? 
_entity_src_gen.pdbx_host_org_culture_collection   ? 
_entity_src_gen.pdbx_host_org_cell                 ? 
_entity_src_gen.pdbx_host_org_organelle            ? 
_entity_src_gen.pdbx_host_org_cellular_location    ? 
_entity_src_gen.pdbx_host_org_vector_type          ? 
_entity_src_gen.pdbx_host_org_vector               ? 
_entity_src_gen.host_org_details                   ? 
_entity_src_gen.expression_system_id               ? 
_entity_src_gen.plasmid_name                       ? 
_entity_src_gen.plasmid_details                    ? 
_entity_src_gen.pdbx_description                   ? 
# 
_struct_ref.id                         1 
_struct_ref.db_name                    UNP 
_struct_ref.db_code                    ARAP3_HUMAN 
_struct_ref.pdbx_db_accession          Q8WWN8 
_struct_ref.pdbx_db_isoform            ? 
_struct_ref.entity_id                  1 
_struct_ref.pdbx_seq_one_letter_code   
;DRLTPLLSGWLDKLSPQGNYVFQRRFVQFNGRSLMYFGSDKDPFPKGVIPLTAIEMTRSSKDNKFQVITGQRVFVFRTES
EAQRDMWCSTLQSCLKEQRLLG
;
_struct_ref.pdbx_align_begin           284 
# 
_struct_ref_seq.align_id                      1 
_struct_ref_seq.ref_id                        1 
_struct_ref_seq.pdbx_PDB_id_code              7YIR 
_struct_ref_seq.pdbx_strand_id                A 
_struct_ref_seq.seq_align_beg                 2 
_struct_ref_seq.pdbx_seq_align_beg_ins_code   ? 
_struct_ref_seq.seq_align_end                 103 
_struct_ref_seq.pdbx_seq_align_end_ins_code   ? 
_struct_ref_seq.pdbx_db_accession             Q8WWN8 
_struct_ref_seq.db_align_beg                  284 
_struct_ref_seq.pdbx_db_align_beg_ins_code    ? 
_struct_ref_seq.db_align_end                  385 
_struct_ref_seq.pdbx_db_align_end_ins_code    ? 
_struct_ref_seq.pdbx_auth_seq_align_beg       2 
_struct_ref_seq.pdbx_auth_seq_align_end       103 
# 
loop_
_struct_ref_seq_dif.align_id 
_struct_ref_seq_dif.pdbx_pdb_id_code 
_struct_ref_seq_dif.mon_id 
_struct_ref_seq_dif.pdbx_pdb_strand_id 
_struct_ref_seq_dif.seq_num 
_struct_ref_seq_dif.pdbx_pdb_ins_code 
_struct_ref_seq_dif.pdbx_seq_db_name 
_struct_ref_seq_dif.pdbx_seq_db_accession_code 
_struct_ref_seq_dif.db_mon_id 
_struct_ref_seq_dif.pdbx_seq_db_seq_num 
_struct_ref_seq_dif.details 
_struct_ref_seq_dif.pdbx_auth_seq_num 
_struct_ref_seq_dif.pdbx_ordinal 
1 7YIR MET A 1   ? UNP Q8WWN8 ? ? 'initiating methionine' 1   1 
1 7YIR LEU A 104 ? UNP Q8WWN8 ? ? 'expression tag'        104 2 
1 7YIR GLU A 105 ? UNP Q8WWN8 ? ? 'expression tag'        105 3 
1 7YIR HIS A 106 ? UNP Q8WWN8 ? ? 'expression tag'        106 4 
1 7YIR HIS A 107 ? UNP Q8WWN8 ? ? 'expression tag'        107 5 
1 7YIR HIS A 108 ? UNP Q8WWN8 ? ? 'expression tag'        108 6 
1 7YIR HIS A 109 ? UNP Q8WWN8 ? ? 'expression tag'        109 7 
1 7YIR HIS A 110 ? UNP Q8WWN8 ? ? 'expression tag'        110 8 
1 7YIR HIS A 111 ? UNP Q8WWN8 ? ? 'expression tag'        111 9 
# 
loop_
_chem_comp.id 
_chem_comp.type 
_chem_comp.mon_nstd_flag 
_chem_comp.name 
_chem_comp.pdbx_synonyms 
_chem_comp.formula 
_chem_comp.formula_weight 
ALA 'L-peptide linking' y ALANINE                 ? 'C3 H7 N O2'     89.093  
ARG 'L-peptide linking' y ARGININE                ? 'C6 H15 N4 O2 1' 175.209 
ASN 'L-peptide linking' y ASPARAGINE              ? 'C4 H8 N2 O3'    132.118 
ASP 'L-peptide linking' y 'ASPARTIC ACID'         ? 'C4 H7 N O4'     133.103 
CYS 'L-peptide linking' y CYSTEINE                ? 'C3 H7 N O2 S'   121.158 
GLN 'L-peptide linking' y GLUTAMINE               ? 'C5 H10 N2 O3'   146.144 
GLU 'L-peptide linking' y 'GLUTAMIC ACID'         ? 'C5 H9 N O4'     147.129 
GLY 'peptide linking'   y GLYCINE                 ? 'C2 H5 N O2'     75.067  
HIS 'L-peptide linking' y HISTIDINE               ? 'C6 H10 N3 O2 1' 156.162 
HOH non-polymer         . WATER                   ? 'H2 O'           18.015  
ILE 'L-peptide linking' y ISOLEUCINE              ? 'C6 H13 N O2'    131.173 
LEU 'L-peptide linking' y LEUCINE                 ? 'C6 H13 N O2'    131.173 
LYS 'L-peptide linking' y LYSINE                  ? 'C6 H15 N2 O2 1' 147.195 
MET 'L-peptide linking' y METHIONINE              ? 'C5 H11 N O2 S'  149.211 
PEG non-polymer         . 'DI(HYDROXYETHYL)ETHER' ? 'C4 H10 O3'      106.120 
PHE 'L-peptide linking' y PHENYLALANINE           ? 'C9 H11 N O2'    165.189 
PRO 'L-peptide linking' y PROLINE                 ? 'C5 H9 N O2'     115.130 
SER 'L-peptide linking' y SERINE                  ? 'C3 H7 N O3'     105.093 
THR 'L-peptide linking' y THREONINE               ? 'C4 H9 N O3'     119.119 
TRP 'L-peptide linking' y TRYPTOPHAN              ? 'C11 H12 N2 O2'  204.225 
TYR 'L-peptide linking' y TYROSINE                ? 'C9 H11 N O3'    181.189 
VAL 'L-peptide linking' y VALINE                  ? 'C5 H11 N O2'    117.146 
# 
_exptl.absorpt_coefficient_mu     ? 
_exptl.absorpt_correction_T_max   ? 
_exptl.absorpt_correction_T_min   ? 
_exptl.absorpt_correction_type    ? 
_exptl.absorpt_process_details    ? 
_exptl.entry_id                   7YIR 
_exptl.crystals_number            1 
_exptl.details                    ? 
_exptl.method                     'X-RAY DIFFRACTION' 
_exptl.method_details             ? 
# 
_exptl_crystal.colour                       ? 
_exptl_crystal.density_diffrn               ? 
_exptl_crystal.density_Matthews             2.65 
_exptl_crystal.density_method               ? 
_exptl_crystal.density_percent_sol          53.58 
_exptl_crystal.description                  ? 
_exptl_crystal.F_000                        ? 
_exptl_crystal.id                           1 
_exptl_crystal.preparation                  ? 
_exptl_crystal.size_max                     ? 
_exptl_crystal.size_mid                     ? 
_exptl_crystal.size_min                     ? 
_exptl_crystal.size_rad                     ? 
_exptl_crystal.colour_lustre                ? 
_exptl_crystal.colour_modifier              ? 
_exptl_crystal.colour_primary               ? 
_exptl_crystal.density_meas                 ? 
_exptl_crystal.density_meas_esd             ? 
_exptl_crystal.density_meas_gt              ? 
_exptl_crystal.density_meas_lt              ? 
_exptl_crystal.density_meas_temp            ? 
_exptl_crystal.density_meas_temp_esd        ? 
_exptl_crystal.density_meas_temp_gt         ? 
_exptl_crystal.density_meas_temp_lt         ? 
_exptl_crystal.pdbx_crystal_image_url       ? 
_exptl_crystal.pdbx_crystal_image_format    ? 
_exptl_crystal.pdbx_mosaicity               ? 
_exptl_crystal.pdbx_mosaicity_esd           ? 
_exptl_crystal.pdbx_mosaic_method           ? 
_exptl_crystal.pdbx_mosaic_block_size       ? 
_exptl_crystal.pdbx_mosaic_block_size_esd   ? 
# 
_exptl_crystal_grow.apparatus       ? 
_exptl_crystal_grow.atmosphere      ? 
_exptl_crystal_grow.crystal_id      1 
_exptl_crystal_grow.details         ? 
_exptl_crystal_grow.method          'VAPOR DIFFUSION, SITTING DROP' 
_exptl_crystal_grow.method_ref      ? 
_exptl_crystal_grow.pH              ? 
_exptl_crystal_grow.pressure        ? 
_exptl_crystal_grow.pressure_esd    ? 
_exptl_crystal_grow.seeding         ? 
_exptl_crystal_grow.seeding_ref     ? 
_exptl_crystal_grow.temp            291 
_exptl_crystal_grow.temp_details    ? 
_exptl_crystal_grow.temp_esd        ? 
_exptl_crystal_grow.time            ? 
_exptl_crystal_grow.pdbx_details    
'0.05 M Calcium chloride dihydrate, 0.1 M BIS-TRIS (pH 6.5), 30% v/v Polyethylene glycol monomethyl ether 550' 
_exptl_crystal_grow.pdbx_pH_range   ? 
# 
_diffrn.ambient_environment              ? 
_diffrn.ambient_temp                     100 
_diffrn.ambient_temp_details             ? 
_diffrn.ambient_temp_esd                 ? 
_diffrn.crystal_id                       1 
_diffrn.crystal_support                  ? 
_diffrn.crystal_treatment                ? 
_diffrn.details                          ? 
_diffrn.id                               1 
_diffrn.ambient_pressure                 ? 
_diffrn.ambient_pressure_esd             ? 
_diffrn.ambient_pressure_gt              ? 
_diffrn.ambient_pressure_lt              ? 
_diffrn.ambient_temp_gt                  ? 
_diffrn.ambient_temp_lt                  ? 
_diffrn.pdbx_serial_crystal_experiment   N 
# 
_diffrn_detector.details                      ? 
_diffrn_detector.detector                     PIXEL 
_diffrn_detector.diffrn_id                    1 
_diffrn_detector.type                         'DECTRIS PILATUS3 6M' 
_diffrn_detector.area_resol_mean              ? 
_diffrn_detector.dtime                        ? 
_diffrn_detector.pdbx_frames_total            ? 
_diffrn_detector.pdbx_collection_time_total   ? 
_diffrn_detector.pdbx_collection_date         2018-10-01 
_diffrn_detector.pdbx_frequency               ? 
# 
_diffrn_radiation.collimation                      ? 
_diffrn_radiation.diffrn_id                        1 
_diffrn_radiation.filter_edge                      ? 
_diffrn_radiation.inhomogeneity                    ? 
_diffrn_radiation.monochromator                    ? 
_diffrn_radiation.polarisn_norm                    ? 
_diffrn_radiation.polarisn_ratio                   ? 
_diffrn_radiation.probe                            ? 
_diffrn_radiation.type                             ? 
_diffrn_radiation.xray_symbol                      ? 
_diffrn_radiation.wavelength_id                    1 
_diffrn_radiation.pdbx_monochromatic_or_laue_m_l   M 
_diffrn_radiation.pdbx_wavelength_list             ? 
_diffrn_radiation.pdbx_wavelength                  ? 
_diffrn_radiation.pdbx_diffrn_protocol             'SINGLE WAVELENGTH' 
_diffrn_radiation.pdbx_analyzer                    ? 
_diffrn_radiation.pdbx_scattering_type             x-ray 
# 
_diffrn_radiation_wavelength.id           1 
_diffrn_radiation_wavelength.wavelength   0.9798 
_diffrn_radiation_wavelength.wt           1.0 
# 
_diffrn_source.current                     ? 
_diffrn_source.details                     ? 
_diffrn_source.diffrn_id                   1 
_diffrn_source.power                       ? 
_diffrn_source.size                        ? 
_diffrn_source.source                      SYNCHROTRON 
_diffrn_source.target                      ? 
_diffrn_source.type                        'SSRF BEAMLINE BL18U1' 
_diffrn_source.voltage                     ? 
_diffrn_source.take-off_angle              ? 
_diffrn_source.pdbx_wavelength_list        0.9798 
_diffrn_source.pdbx_wavelength             ? 
_diffrn_source.pdbx_synchrotron_beamline   BL18U1 
_diffrn_source.pdbx_synchrotron_site       SSRF 
# 
_reflns.B_iso_Wilson_estimate                          24.100 
_reflns.entry_id                                       7YIR 
_reflns.data_reduction_details                         ? 
_reflns.data_reduction_method                          ? 
_reflns.d_resolution_high                              2.0990 
_reflns.d_resolution_low                               50 
_reflns.details                                        ? 
_reflns.limit_h_max                                    ? 
_reflns.limit_h_min                                    ? 
_reflns.limit_k_max                                    ? 
_reflns.limit_k_min                                    ? 
_reflns.limit_l_max                                    ? 
_reflns.limit_l_min                                    ? 
_reflns.number_all                                     ? 
_reflns.number_obs                                     8653 
_reflns.observed_criterion                             ? 
_reflns.observed_criterion_F_max                       ? 
_reflns.observed_criterion_F_min                       ? 
_reflns.observed_criterion_I_max                       ? 
_reflns.observed_criterion_I_min                       ? 
_reflns.observed_criterion_sigma_F                     ? 
_reflns.observed_criterion_sigma_I                     ? 
_reflns.percent_possible_obs                           99.4 
_reflns.R_free_details                                 ? 
_reflns.Rmerge_F_all                                   ? 
_reflns.Rmerge_F_obs                                   ? 
_reflns.Friedel_coverage                               ? 
_reflns.number_gt                                      ? 
_reflns.threshold_expression                           ? 
_reflns.pdbx_redundancy                                8.9 
_reflns.pdbx_Rmerge_I_obs                              0.113 
_reflns.pdbx_Rmerge_I_all                              ? 
_reflns.pdbx_Rsym_value                                ? 
_reflns.pdbx_netI_over_av_sigmaI                       ? 
_reflns.pdbx_netI_over_sigmaI                          20.5 
_reflns.pdbx_res_netI_over_av_sigmaI_2                 ? 
_reflns.pdbx_res_netI_over_sigmaI_2                    ? 
_reflns.pdbx_chi_squared                               ? 
_reflns.pdbx_scaling_rejects                           ? 
_reflns.pdbx_d_res_high_opt                            ? 
_reflns.pdbx_d_res_low_opt                             ? 
_reflns.pdbx_d_res_opt_method                          ? 
_reflns.phase_calculation_details                      ? 
_reflns.pdbx_Rrim_I_all                                ? 
_reflns.pdbx_Rpim_I_all                                ? 
_reflns.pdbx_d_opt                                     ? 
_reflns.pdbx_number_measured_all                       ? 
_reflns.pdbx_diffrn_id                                 1 
_reflns.pdbx_ordinal                                   1 
_reflns.pdbx_CC_half                                   ? 
_reflns.pdbx_CC_star                                   ? 
_reflns.pdbx_R_split                                   ? 
_reflns.pdbx_aniso_diffraction_limit_axis_1_ortho[1]   ? 
_reflns.pdbx_aniso_diffraction_limit_axis_1_ortho[2]   ? 
_reflns.pdbx_aniso_diffraction_limit_axis_1_ortho[3]   ? 
_reflns.pdbx_aniso_diffraction_limit_axis_2_ortho[1]   ? 
_reflns.pdbx_aniso_diffraction_limit_axis_2_ortho[2]   ? 
_reflns.pdbx_aniso_diffraction_limit_axis_2_ortho[3]   ? 
_reflns.pdbx_aniso_diffraction_limit_axis_3_ortho[1]   ? 
_reflns.pdbx_aniso_diffraction_limit_axis_3_ortho[2]   ? 
_reflns.pdbx_aniso_diffraction_limit_axis_3_ortho[3]   ? 
_reflns.pdbx_aniso_diffraction_limit_1                 ? 
_reflns.pdbx_aniso_diffraction_limit_2                 ? 
_reflns.pdbx_aniso_diffraction_limit_3                 ? 
_reflns.pdbx_aniso_B_tensor_eigenvector_1_ortho[1]     ? 
_reflns.pdbx_aniso_B_tensor_eigenvector_1_ortho[2]     ? 
_reflns.pdbx_aniso_B_tensor_eigenvector_1_ortho[3]     ? 
_reflns.pdbx_aniso_B_tensor_eigenvector_2_ortho[1]     ? 
_reflns.pdbx_aniso_B_tensor_eigenvector_2_ortho[2]     ? 
_reflns.pdbx_aniso_B_tensor_eigenvector_2_ortho[3]     ? 
_reflns.pdbx_aniso_B_tensor_eigenvector_3_ortho[1]     ? 
_reflns.pdbx_aniso_B_tensor_eigenvector_3_ortho[2]     ? 
_reflns.pdbx_aniso_B_tensor_eigenvector_3_ortho[3]     ? 
_reflns.pdbx_aniso_B_tensor_eigenvalue_1               ? 
_reflns.pdbx_aniso_B_tensor_eigenvalue_2               ? 
_reflns.pdbx_aniso_B_tensor_eigenvalue_3               ? 
_reflns.pdbx_orthogonalization_convention              ? 
_reflns.pdbx_percent_possible_ellipsoidal              ? 
_reflns.pdbx_percent_possible_spherical                ? 
_reflns.pdbx_percent_possible_ellipsoidal_anomalous    ? 
_reflns.pdbx_percent_possible_spherical_anomalous      ? 
_reflns.pdbx_redundancy_anomalous                      ? 
_reflns.pdbx_CC_half_anomalous                         ? 
_reflns.pdbx_absDiff_over_sigma_anomalous              ? 
_reflns.pdbx_percent_possible_anomalous                ? 
_reflns.pdbx_observed_signal_threshold                 ? 
_reflns.pdbx_signal_type                               ? 
_reflns.pdbx_signal_details                            ? 
_reflns.pdbx_signal_software_id                        ? 
_reflns.pdbx_CC_split_method                           ? 
# 
_reflns_shell.d_res_high                                    2.0990 
_reflns_shell.d_res_low                                     2.14 
_reflns_shell.meanI_over_sigI_all                           ? 
_reflns_shell.meanI_over_sigI_obs                           ? 
_reflns_shell.number_measured_all                           ? 
_reflns_shell.number_measured_obs                           ? 
_reflns_shell.number_possible                               ? 
_reflns_shell.number_unique_all                             ? 
_reflns_shell.number_unique_obs                             429 
_reflns_shell.percent_possible_all                          ? 
_reflns_shell.percent_possible_obs                          ? 
_reflns_shell.Rmerge_F_all                                  ? 
_reflns_shell.Rmerge_F_obs                                  ? 
_reflns_shell.Rmerge_I_all                                  ? 
_reflns_shell.Rmerge_I_obs                                  0.357 
_reflns_shell.meanI_over_sigI_gt                            ? 
_reflns_shell.meanI_over_uI_all                             ? 
_reflns_shell.meanI_over_uI_gt                              ? 
_reflns_shell.number_measured_gt                            ? 
_reflns_shell.number_unique_gt                              ? 
_reflns_shell.percent_possible_gt                           ? 
_reflns_shell.Rmerge_F_gt                                   ? 
_reflns_shell.Rmerge_I_gt                                   ? 
_reflns_shell.pdbx_redundancy                               ? 
_reflns_shell.pdbx_Rsym_value                               ? 
_reflns_shell.pdbx_chi_squared                              ? 
_reflns_shell.pdbx_netI_over_sigmaI_all                     ? 
_reflns_shell.pdbx_netI_over_sigmaI_obs                     ? 
_reflns_shell.pdbx_Rrim_I_all                               ? 
_reflns_shell.pdbx_Rpim_I_all                               ? 
_reflns_shell.pdbx_rejects                                  ? 
_reflns_shell.pdbx_ordinal                                  1 
_reflns_shell.pdbx_diffrn_id                                1 
_reflns_shell.pdbx_CC_half                                  ? 
_reflns_shell.pdbx_CC_star                                  ? 
_reflns_shell.pdbx_R_split                                  ? 
_reflns_shell.pdbx_percent_possible_ellipsoidal             ? 
_reflns_shell.pdbx_percent_possible_spherical               ? 
_reflns_shell.pdbx_percent_possible_ellipsoidal_anomalous   ? 
_reflns_shell.pdbx_percent_possible_spherical_anomalous     ? 
_reflns_shell.pdbx_redundancy_anomalous                     ? 
_reflns_shell.pdbx_CC_half_anomalous                        ? 
_reflns_shell.pdbx_absDiff_over_sigma_anomalous             ? 
_reflns_shell.pdbx_percent_possible_anomalous               ? 
# 
_refine.aniso_B[1][1]                            ? 
_refine.aniso_B[1][2]                            ? 
_refine.aniso_B[1][3]                            ? 
_refine.aniso_B[2][2]                            ? 
_refine.aniso_B[2][3]                            ? 
_refine.aniso_B[3][3]                            ? 
_refine.B_iso_max                                84.690 
_refine.B_iso_mean                               37.2688 
_refine.B_iso_min                                16.980 
_refine.correlation_coeff_Fo_to_Fc               ? 
_refine.correlation_coeff_Fo_to_Fc_free          ? 
_refine.details                                  ? 
_refine.diff_density_max                         ? 
_refine.diff_density_max_esd                     ? 
_refine.diff_density_min                         ? 
_refine.diff_density_min_esd                     ? 
_refine.diff_density_rms                         ? 
_refine.diff_density_rms_esd                     ? 
_refine.entry_id                                 7YIR 
_refine.pdbx_refine_id                           'X-RAY DIFFRACTION' 
_refine.ls_abs_structure_details                 ? 
_refine.ls_abs_structure_Flack                   ? 
_refine.ls_abs_structure_Flack_esd               ? 
_refine.ls_abs_structure_Rogers                  ? 
_refine.ls_abs_structure_Rogers_esd              ? 
_refine.ls_d_res_high                            2.0990 
_refine.ls_d_res_low                             33.5950 
_refine.ls_extinction_coef                       ? 
_refine.ls_extinction_coef_esd                   ? 
_refine.ls_extinction_expression                 ? 
_refine.ls_extinction_method                     ? 
_refine.ls_goodness_of_fit_all                   ? 
_refine.ls_goodness_of_fit_all_esd               ? 
_refine.ls_goodness_of_fit_obs                   ? 
_refine.ls_goodness_of_fit_obs_esd               ? 
_refine.ls_hydrogen_treatment                    ? 
_refine.ls_matrix_type                           ? 
_refine.ls_number_constraints                    ? 
_refine.ls_number_parameters                     ? 
_refine.ls_number_reflns_all                     ? 
_refine.ls_number_reflns_obs                     8150 
_refine.ls_number_reflns_R_free                  424 
_refine.ls_number_reflns_R_work                  7726 
_refine.ls_number_restraints                     ? 
_refine.ls_percent_reflns_obs                    93.9000 
_refine.ls_percent_reflns_R_free                 5.2000 
_refine.ls_R_factor_all                          ? 
_refine.ls_R_factor_obs                          0.1867 
_refine.ls_R_factor_R_free                       0.2300 
_refine.ls_R_factor_R_free_error                 ? 
_refine.ls_R_factor_R_free_error_details         ? 
_refine.ls_R_factor_R_work                       0.1845 
_refine.ls_R_Fsqd_factor_obs                     ? 
_refine.ls_R_I_factor_obs                        ? 
_refine.ls_redundancy_reflns_all                 ? 
_refine.ls_redundancy_reflns_obs                 ? 
_refine.ls_restrained_S_all                      ? 
_refine.ls_restrained_S_obs                      ? 
_refine.ls_shift_over_esd_max                    ? 
_refine.ls_shift_over_esd_mean                   ? 
_refine.ls_structure_factor_coef                 ? 
_refine.ls_weighting_details                     ? 
_refine.ls_weighting_scheme                      ? 
_refine.ls_wR_factor_all                         ? 
_refine.ls_wR_factor_obs                         ? 
_refine.ls_wR_factor_R_free                      ? 
_refine.ls_wR_factor_R_work                      ? 
_refine.occupancy_max                            ? 
_refine.occupancy_min                            ? 
_refine.solvent_model_details                    'FLAT BULK SOLVENT MODEL' 
_refine.solvent_model_param_bsol                 ? 
_refine.solvent_model_param_ksol                 ? 
_refine.pdbx_R_complete                          ? 
_refine.ls_R_factor_gt                           ? 
_refine.ls_goodness_of_fit_gt                    ? 
_refine.ls_goodness_of_fit_ref                   ? 
_refine.ls_shift_over_su_max                     ? 
_refine.ls_shift_over_su_max_lt                  ? 
_refine.ls_shift_over_su_mean                    ? 
_refine.ls_shift_over_su_mean_lt                 ? 
_refine.pdbx_ls_sigma_I                          ? 
_refine.pdbx_ls_sigma_F                          1.360 
_refine.pdbx_ls_sigma_Fsqd                       ? 
_refine.pdbx_data_cutoff_high_absF               ? 
_refine.pdbx_data_cutoff_high_rms_absF           ? 
_refine.pdbx_data_cutoff_low_absF                ? 
_refine.pdbx_isotropic_thermal_model             ? 
_refine.pdbx_ls_cross_valid_method               THROUGHOUT 
_refine.pdbx_method_to_determine_struct          'MOLECULAR REPLACEMENT' 
_refine.pdbx_starting_model                      1UPR 
_refine.pdbx_stereochemistry_target_values       ML 
_refine.pdbx_R_Free_selection_details            ? 
_refine.pdbx_stereochem_target_val_spec_case     ? 
_refine.pdbx_overall_ESU_R                       ? 
_refine.pdbx_overall_ESU_R_Free                  ? 
_refine.pdbx_solvent_vdw_probe_radii             1.1100 
_refine.pdbx_solvent_ion_probe_radii             ? 
_refine.pdbx_solvent_shrinkage_radii             0.9000 
_refine.pdbx_real_space_R                        ? 
_refine.pdbx_density_correlation                 ? 
_refine.pdbx_pd_number_of_powder_patterns        ? 
_refine.pdbx_pd_number_of_points                 ? 
_refine.pdbx_pd_meas_number_of_points            ? 
_refine.pdbx_pd_proc_ls_prof_R_factor            ? 
_refine.pdbx_pd_proc_ls_prof_wR_factor           ? 
_refine.pdbx_pd_Marquardt_correlation_coeff      ? 
_refine.pdbx_pd_Fsqrd_R_factor                   ? 
_refine.pdbx_pd_ls_matrix_band_width             ? 
_refine.pdbx_overall_phase_error                 19.3500 
_refine.pdbx_overall_SU_R_free_Cruickshank_DPI   ? 
_refine.pdbx_overall_SU_R_free_Blow_DPI          ? 
_refine.pdbx_overall_SU_R_Blow_DPI               ? 
_refine.pdbx_TLS_residual_ADP_flag               ? 
_refine.pdbx_diffrn_id                           1 
_refine.overall_SU_B                             ? 
_refine.overall_SU_ML                            0.1100 
_refine.overall_SU_R_Cruickshank_DPI             ? 
_refine.overall_SU_R_free                        ? 
_refine.overall_FOM_free_R_set                   ? 
_refine.overall_FOM_work_R_set                   ? 
_refine.pdbx_average_fsc_overall                 ? 
_refine.pdbx_average_fsc_work                    ? 
_refine.pdbx_average_fsc_free                    ? 
# 
_refine_hist.pdbx_refine_id                   'X-RAY DIFFRACTION' 
_refine_hist.cycle_id                         final 
_refine_hist.details                          ? 
_refine_hist.d_res_high                       2.0990 
_refine_hist.d_res_low                        33.5950 
_refine_hist.number_atoms_solvent             36 
_refine_hist.number_atoms_total               852 
_refine_hist.number_reflns_all                ? 
_refine_hist.number_reflns_obs                ? 
_refine_hist.number_reflns_R_free             ? 
_refine_hist.number_reflns_R_work             ? 
_refine_hist.R_factor_all                     ? 
_refine_hist.R_factor_obs                     ? 
_refine_hist.R_factor_R_free                  ? 
_refine_hist.R_factor_R_work                  ? 
_refine_hist.pdbx_number_residues_total       99 
_refine_hist.pdbx_B_iso_mean_ligand           42.18 
_refine_hist.pdbx_B_iso_mean_solvent          34.61 
_refine_hist.pdbx_number_atoms_protein        799 
_refine_hist.pdbx_number_atoms_nucleic_acid   0 
_refine_hist.pdbx_number_atoms_ligand         17 
_refine_hist.pdbx_number_atoms_lipid          ? 
_refine_hist.pdbx_number_atoms_carb           ? 
_refine_hist.pdbx_pseudo_atom_details         ? 
# 
loop_
_refine_ls_restr.pdbx_refine_id 
_refine_ls_restr.criterion 
_refine_ls_restr.dev_ideal 
_refine_ls_restr.dev_ideal_target 
_refine_ls_restr.number 
_refine_ls_restr.rejects 
_refine_ls_restr.type 
_refine_ls_restr.weight 
_refine_ls_restr.pdbx_restraint_function 
'X-RAY DIFFRACTION' ? 0.009  ? 822  ? f_bond_d           ? ? 
'X-RAY DIFFRACTION' ? 0.976  ? 1103 ? f_angle_d          ? ? 
'X-RAY DIFFRACTION' ? 0.053  ? 118  ? f_chiral_restr     ? ? 
'X-RAY DIFFRACTION' ? 0.007  ? 142  ? f_plane_restr      ? ? 
'X-RAY DIFFRACTION' ? 16.679 ? 499  ? f_dihedral_angle_d ? ? 
# 
loop_
_refine_ls_shell.pdbx_refine_id 
_refine_ls_shell.d_res_high 
_refine_ls_shell.d_res_low 
_refine_ls_shell.number_reflns_all 
_refine_ls_shell.number_reflns_obs 
_refine_ls_shell.number_reflns_R_free 
_refine_ls_shell.number_reflns_R_work 
_refine_ls_shell.percent_reflns_obs 
_refine_ls_shell.percent_reflns_R_free 
_refine_ls_shell.R_factor_all 
_refine_ls_shell.R_factor_obs 
_refine_ls_shell.R_factor_R_free 
_refine_ls_shell.R_factor_R_free_error 
_refine_ls_shell.R_factor_R_work 
_refine_ls_shell.redundancy_reflns_all 
_refine_ls_shell.redundancy_reflns_obs 
_refine_ls_shell.wR_factor_all 
_refine_ls_shell.wR_factor_obs 
_refine_ls_shell.wR_factor_R_free 
_refine_ls_shell.wR_factor_R_work 
_refine_ls_shell.pdbx_R_complete 
_refine_ls_shell.pdbx_total_number_of_bins_used 
_refine_ls_shell.pdbx_phase_error 
_refine_ls_shell.pdbx_fsc_work 
_refine_ls_shell.pdbx_fsc_free 
'X-RAY DIFFRACTION' 2.0992 2.4029  . . 145 2432 91.0000 . . . 0.2486 0.0000 0.1811 . . . . . . . . . . . 
'X-RAY DIFFRACTION' 2.4029 3.0271  . . 143 2533 94.0000 . . . 0.2683 0.0000 0.1980 . . . . . . . . . . . 
'X-RAY DIFFRACTION' 3.0271 33.5950 . . 136 2761 96.0000 . . . 0.2032 0.0000 0.1794 . . . . . . . . . . . 
# 
_struct.entry_id                     7YIR 
_struct.title                        'Crystal structure of N-terminal PH domain of ARAP3 protein from human' 
_struct.pdbx_model_details           ? 
_struct.pdbx_formula_weight          ? 
_struct.pdbx_formula_weight_method   ? 
_struct.pdbx_model_type_details      ? 
_struct.pdbx_CASP_flag               N 
# 
_struct_keywords.entry_id        7YIR 
_struct_keywords.text            'ARAP3, PH domain, CYTOSOLIC PROTEIN' 
_struct_keywords.pdbx_keywords   'CYTOSOLIC PROTEIN' 
# 
loop_
_struct_asym.id 
_struct_asym.pdbx_blank_PDB_chainid_flag 
_struct_asym.pdbx_modified 
_struct_asym.entity_id 
_struct_asym.details 
A N N 1 ? 
B N N 2 ? 
C N N 3 ? 
# 
_struct_conf.conf_type_id            HELX_P 
_struct_conf.id                      HELX_P1 
_struct_conf.pdbx_PDB_helix_id       AA1 
_struct_conf.beg_label_comp_id       SER 
_struct_conf.beg_label_asym_id       A 
_struct_conf.beg_label_seq_id        81 
_struct_conf.pdbx_beg_PDB_ins_code   ? 
_struct_conf.end_label_comp_id       LEU 
_struct_conf.end_label_asym_id       A 
_struct_conf.end_label_seq_id        101 
_struct_conf.pdbx_end_PDB_ins_code   ? 
_struct_conf.beg_auth_comp_id        SER 
_struct_conf.beg_auth_asym_id        A 
_struct_conf.beg_auth_seq_id         81 
_struct_conf.end_auth_comp_id        LEU 
_struct_conf.end_auth_asym_id        A 
_struct_conf.end_auth_seq_id         101 
_struct_conf.pdbx_PDB_helix_class    1 
_struct_conf.details                 ? 
_struct_conf.pdbx_PDB_helix_length   21 
# 
_struct_conf_type.id          HELX_P 
_struct_conf_type.criteria    ? 
_struct_conf_type.reference   ? 
# 
_struct_sheet.id               AA1 
_struct_sheet.type             ? 
_struct_sheet.number_strands   7 
_struct_sheet.details          ? 
# 
loop_
_struct_sheet_order.sheet_id 
_struct_sheet_order.range_id_1 
_struct_sheet_order.range_id_2 
_struct_sheet_order.offset 
_struct_sheet_order.sense 
AA1 1 2 ? anti-parallel 
AA1 2 3 ? anti-parallel 
AA1 3 4 ? anti-parallel 
AA1 4 5 ? anti-parallel 
AA1 5 6 ? anti-parallel 
AA1 6 7 ? anti-parallel 
# 
loop_
_struct_sheet_range.sheet_id 
_struct_sheet_range.id 
_struct_sheet_range.beg_label_comp_id 
_struct_sheet_range.beg_label_asym_id 
_struct_sheet_range.beg_label_seq_id 
_struct_sheet_range.pdbx_beg_PDB_ins_code 
_struct_sheet_range.end_label_comp_id 
_struct_sheet_range.end_label_asym_id 
_struct_sheet_range.end_label_seq_id 
_struct_sheet_range.pdbx_end_PDB_ins_code 
_struct_sheet_range.beg_auth_comp_id 
_struct_sheet_range.beg_auth_asym_id 
_struct_sheet_range.beg_auth_seq_id 
_struct_sheet_range.end_auth_comp_id 
_struct_sheet_range.end_auth_asym_id 
_struct_sheet_range.end_auth_seq_id 
AA1 1 GLY A 48 ? PRO A 51 ? GLY A 48 PRO A 51 
AA1 2 SER A 34 ? PHE A 38 ? SER A 34 PHE A 38 
AA1 3 VAL A 22 ? PHE A 30 ? VAL A 22 PHE A 30 
AA1 4 LEU A 8  ? SER A 16 ? LEU A 8  SER A 16 
AA1 5 VAL A 74 ? ARG A 78 ? VAL A 74 ARG A 78 
AA1 6 LYS A 65 ? THR A 70 ? LYS A 65 THR A 70 
AA1 7 ILE A 55 ? SER A 61 ? ILE A 55 SER A 61 
# 
loop_
_pdbx_struct_sheet_hbond.sheet_id 
_pdbx_struct_sheet_hbond.range_id_1 
_pdbx_struct_sheet_hbond.range_id_2 
_pdbx_struct_sheet_hbond.range_1_label_atom_id 
_pdbx_struct_sheet_hbond.range_1_label_comp_id 
_pdbx_struct_sheet_hbond.range_1_label_asym_id 
_pdbx_struct_sheet_hbond.range_1_label_seq_id 
_pdbx_struct_sheet_hbond.range_1_PDB_ins_code 
_pdbx_struct_sheet_hbond.range_1_auth_atom_id 
_pdbx_struct_sheet_hbond.range_1_auth_comp_id 
_pdbx_struct_sheet_hbond.range_1_auth_asym_id 
_pdbx_struct_sheet_hbond.range_1_auth_seq_id 
_pdbx_struct_sheet_hbond.range_2_label_atom_id 
_pdbx_struct_sheet_hbond.range_2_label_comp_id 
_pdbx_struct_sheet_hbond.range_2_label_asym_id 
_pdbx_struct_sheet_hbond.range_2_label_seq_id 
_pdbx_struct_sheet_hbond.range_2_PDB_ins_code 
_pdbx_struct_sheet_hbond.range_2_auth_atom_id 
_pdbx_struct_sheet_hbond.range_2_auth_comp_id 
_pdbx_struct_sheet_hbond.range_2_auth_asym_id 
_pdbx_struct_sheet_hbond.range_2_auth_seq_id 
AA1 1 2 O ILE A 50 ? O ILE A 50 N LEU A 35 ? N LEU A 35 
AA1 2 3 O MET A 36 ? O MET A 36 N GLN A 29 ? N GLN A 29 
AA1 3 4 O ARG A 26 ? O ARG A 26 N LEU A 12 ? N LEU A 12 
AA1 4 5 N LEU A 15 ? N LEU A 15 O VAL A 76 ? O VAL A 76 
AA1 5 6 O PHE A 77 ? O PHE A 77 N PHE A 66 ? N PHE A 66 
AA1 6 7 O ILE A 69 ? O ILE A 69 N MET A 57 ? N MET A 57 
# 
_atom_sites.entry_id                    7YIR 
_atom_sites.Cartn_transf_matrix[1][1]   ? 
_atom_sites.Cartn_transf_matrix[1][2]   ? 
_atom_sites.Cartn_transf_matrix[1][3]   ? 
_atom_sites.Cartn_transf_matrix[2][1]   ? 
_atom_sites.Cartn_transf_matrix[2][2]   ? 
_atom_sites.Cartn_transf_matrix[2][3]   ? 
_atom_sites.Cartn_transf_matrix[3][1]   ? 
_atom_sites.Cartn_transf_matrix[3][2]   ? 
_atom_sites.Cartn_transf_matrix[3][3]   ? 
_atom_sites.Cartn_transf_vector[1]      ? 
_atom_sites.Cartn_transf_vector[2]      ? 
_atom_sites.Cartn_transf_vector[3]      ? 
_atom_sites.fract_transf_matrix[1][1]   -0.00503384 
_atom_sites.fract_transf_matrix[1][2]   -0.00637434 
_atom_sites.fract_transf_matrix[1][3]   0.00778428 
_atom_sites.fract_transf_matrix[2][1]   -0.00910979 
_atom_sites.fract_transf_matrix[2][2]   0.00383202 
_atom_sites.fract_transf_matrix[2][3]   0.00537702 
_atom_sites.fract_transf_matrix[3][1]   -0.01285089 
_atom_sites.fract_transf_matrix[3][2]   -0.00878974 
_atom_sites.fract_transf_matrix[3][3]   -0.01550793 
_atom_sites.fract_transf_vector[1]      0.103237 
_atom_sites.fract_transf_vector[2]      -0.330731 
_atom_sites.fract_transf_vector[3]      0.015410 
_atom_sites.solution_primary            ? 
_atom_sites.solution_secondary          ? 
_atom_sites.solution_hydrogens          ? 
_atom_sites.special_details             ? 
# 
loop_
_atom_type.symbol 
C 
H 
N 
O 
S 
# 
loop_
_atom_site.group_PDB 
_atom_site.id 
_atom_site.type_symbol 
_atom_site.label_atom_id 
_atom_site.label_alt_id 
_atom_site.label_comp_id 
_atom_site.label_asym_id 
_atom_site.label_entity_id 
_atom_site.label_seq_id 
_atom_site.pdbx_PDB_ins_code 
_atom_site.Cartn_x 
_atom_site.Cartn_y 
_atom_site.Cartn_z 
_atom_site.occupancy 
_atom_site.B_iso_or_equiv 
_atom_site.pdbx_formal_charge 
_atom_site.auth_seq_id 
_atom_site.auth_comp_id 
_atom_site.auth_asym_id 
_atom_site.auth_atom_id 
_atom_site.pdbx_PDB_model_num 
ATOM   1   N N   . ARG A 1 3   ? 18.909  -6.973  2.077   1.00 56.42 ? 3   ARG A N   1 
ATOM   2   C CA  . ARG A 1 3   ? 18.209  -5.719  1.780   1.00 53.44 ? 3   ARG A CA  1 
ATOM   3   C C   . ARG A 1 3   ? 17.065  -5.965  0.783   1.00 50.80 ? 3   ARG A C   1 
ATOM   4   O O   . ARG A 1 3   ? 17.301  -5.980  -0.429  1.00 61.21 ? 3   ARG A O   1 
ATOM   5   C CB  . ARG A 1 3   ? 19.198  -4.677  1.228   1.00 46.83 ? 3   ARG A CB  1 
ATOM   6   N N   . LEU A 1 4   ? 15.835  -6.148  1.272   1.00 50.68 ? 4   LEU A N   1 
ATOM   7   C CA  . LEU A 1 4   ? 14.749  -6.551  0.383   1.00 43.45 ? 4   LEU A CA  1 
ATOM   8   C C   . LEU A 1 4   ? 14.326  -5.378  -0.490  1.00 41.02 ? 4   LEU A C   1 
ATOM   9   O O   . LEU A 1 4   ? 13.823  -4.367  0.019   1.00 36.93 ? 4   LEU A O   1 
ATOM   10  C CB  . LEU A 1 4   ? 13.549  -7.055  1.186   1.00 36.91 ? 4   LEU A CB  1 
ATOM   11  C CG  . LEU A 1 4   ? 13.503  -8.549  1.468   1.00 40.56 ? 4   LEU A CG  1 
ATOM   12  C CD1 . LEU A 1 4   ? 14.761  -8.973  2.171   1.00 38.75 ? 4   LEU A CD1 1 
ATOM   13  C CD2 . LEU A 1 4   ? 12.269  -8.900  2.296   1.00 39.50 ? 4   LEU A CD2 1 
ATOM   14  N N   . THR A 1 5   ? 14.466  -5.541  -1.811  1.00 40.06 ? 5   THR A N   1 
ATOM   15  C CA  . THR A 1 5   ? 14.123  -4.502  -2.783  1.00 41.97 ? 5   THR A CA  1 
ATOM   16  C C   . THR A 1 5   ? 13.217  -5.089  -3.864  1.00 39.25 ? 5   THR A C   1 
ATOM   17  O O   . THR A 1 5   ? 13.616  -5.215  -5.027  1.00 46.51 ? 5   THR A O   1 
ATOM   18  C CB  . THR A 1 5   ? 15.377  -3.880  -3.405  1.00 44.63 ? 5   THR A CB  1 
ATOM   19  O OG1 . THR A 1 5   ? 15.986  -4.814  -4.304  1.00 46.33 ? 5   THR A OG1 1 
ATOM   20  C CG2 . THR A 1 5   ? 16.389  -3.497  -2.321  1.00 46.38 ? 5   THR A CG2 1 
ATOM   21  N N   . PRO A 1 6   ? 11.990  -5.458  -3.507  1.00 39.16 ? 6   PRO A N   1 
ATOM   22  C CA  . PRO A 1 6   ? 10.983  -5.770  -4.528  1.00 41.11 ? 6   PRO A CA  1 
ATOM   23  C C   . PRO A 1 6   ? 10.565  -4.493  -5.240  1.00 43.22 ? 6   PRO A C   1 
ATOM   24  O O   . PRO A 1 6   ? 10.854  -3.382  -4.791  1.00 41.77 ? 6   PRO A O   1 
ATOM   25  C CB  . PRO A 1 6   ? 9.826   -6.335  -3.701  1.00 36.21 ? 6   PRO A CB  1 
ATOM   26  C CG  . PRO A 1 6   ? 9.885   -5.501  -2.457  1.00 30.53 ? 6   PRO A CG  1 
ATOM   27  C CD  . PRO A 1 6   ? 11.382  -5.355  -2.168  1.00 32.64 ? 6   PRO A CD  1 
ATOM   28  N N   . LEU A 1 7   ? 9.882   -4.651  -6.371  1.00 39.72 ? 7   LEU A N   1 
ATOM   29  C CA  . LEU A 1 7   ? 9.199   -3.522  -7.000  1.00 41.64 ? 7   LEU A CA  1 
ATOM   30  C C   . LEU A 1 7   ? 7.808   -3.992  -7.387  1.00 36.15 ? 7   LEU A C   1 
ATOM   31  O O   . LEU A 1 7   ? 7.652   -4.897  -8.217  1.00 38.08 ? 7   LEU A O   1 
ATOM   32  C CB  . LEU A 1 7   ? 9.975   -2.967  -8.205  1.00 47.25 ? 7   LEU A CB  1 
ATOM   33  C CG  . LEU A 1 7   ? 9.478   -1.617  -8.785  1.00 48.28 ? 7   LEU A CG  1 
ATOM   34  C CD1 . LEU A 1 7   ? 9.314   -0.520  -7.710  1.00 39.43 ? 7   LEU A CD1 1 
ATOM   35  C CD2 . LEU A 1 7   ? 10.381  -1.117  -9.909  1.00 51.27 ? 7   LEU A CD2 1 
ATOM   36  N N   . LEU A 1 8   ? 6.807   -3.411  -6.746  1.00 32.42 ? 8   LEU A N   1 
ATOM   37  C CA  . LEU A 1 8   ? 5.417   -3.605  -7.105  1.00 34.13 ? 8   LEU A CA  1 
ATOM   38  C C   . LEU A 1 8   ? 4.883   -2.253  -7.517  1.00 35.85 ? 8   LEU A C   1 
ATOM   39  O O   . LEU A 1 8   ? 5.099   -1.266  -6.818  1.00 38.63 ? 8   LEU A O   1 
ATOM   40  C CB  . LEU A 1 8   ? 4.587   -4.135  -5.930  1.00 33.38 ? 8   LEU A CB  1 
ATOM   41  C CG  . LEU A 1 8   ? 4.920   -5.512  -5.368  1.00 35.83 ? 8   LEU A CG  1 
ATOM   42  C CD1 . LEU A 1 8   ? 3.927   -5.855  -4.294  1.00 31.48 ? 8   LEU A CD1 1 
ATOM   43  C CD2 . LEU A 1 8   ? 4.893   -6.540  -6.490  1.00 37.55 ? 8   LEU A CD2 1 
ATOM   44  N N   . SER A 1 9   ? 4.183   -2.200  -8.635  1.00 38.23 ? 9   SER A N   1 
ATOM   45  C CA  . SER A 1 9   ? 3.525   -0.959  -8.984  1.00 36.96 ? 9   SER A CA  1 
ATOM   46  C C   . SER A 1 9   ? 2.286   -1.310  -9.777  1.00 33.39 ? 9   SER A C   1 
ATOM   47  O O   . SER A 1 9   ? 2.267   -2.297  -10.505 1.00 37.58 ? 9   SER A O   1 
ATOM   48  C CB  . SER A 1 9   ? 4.456   -0.028  -9.781  1.00 37.17 ? 9   SER A CB  1 
ATOM   49  O OG  . SER A 1 9   ? 4.940   -0.687  -10.920 1.00 47.65 ? 9   SER A OG  1 
ATOM   50  N N   . GLY A 1 10  ? 1.251   -0.507  -9.624  1.00 36.75 ? 10  GLY A N   1 
ATOM   51  C CA  . GLY A 1 10  ? 0.056   -0.729  -10.405 1.00 36.73 ? 10  GLY A CA  1 
ATOM   52  C C   . GLY A 1 10  ? -1.043  0.189   -9.938  1.00 36.67 ? 10  GLY A C   1 
ATOM   53  O O   . GLY A 1 10  ? -0.921  0.899   -8.932  1.00 32.89 ? 10  GLY A O   1 
ATOM   54  N N   . TRP A 1 11  ? -2.116  0.201   -10.715 1.00 36.03 ? 11  TRP A N   1 
ATOM   55  C CA  . TRP A 1 11  ? -3.284  0.977   -10.339 1.00 38.09 ? 11  TRP A CA  1 
ATOM   56  C C   . TRP A 1 11  ? -4.063  0.201   -9.288  1.00 40.04 ? 11  TRP A C   1 
ATOM   57  O O   . TRP A 1 11  ? -4.453  -0.948  -9.521  1.00 38.88 ? 11  TRP A O   1 
ATOM   58  C CB  . TRP A 1 11  ? -4.143  1.270   -11.564 1.00 38.76 ? 11  TRP A CB  1 
ATOM   59  C CG  . TRP A 1 11  ? -3.454  2.180   -12.508 1.00 41.01 ? 11  TRP A CG  1 
ATOM   60  C CD1 . TRP A 1 11  ? -2.674  1.826   -13.572 1.00 38.53 ? 11  TRP A CD1 1 
ATOM   61  C CD2 . TRP A 1 11  ? -3.461  3.609   -12.466 1.00 42.55 ? 11  TRP A CD2 1 
ATOM   62  N NE1 . TRP A 1 11  ? -2.209  2.954   -14.208 1.00 42.33 ? 11  TRP A NE1 1 
ATOM   63  C CE2 . TRP A 1 11  ? -2.680  4.062   -13.547 1.00 40.04 ? 11  TRP A CE2 1 
ATOM   64  C CE3 . TRP A 1 11  ? -4.078  4.553   -11.637 1.00 45.66 ? 11  TRP A CE3 1 
ATOM   65  C CZ2 . TRP A 1 11  ? -2.486  5.415   -13.810 1.00 42.31 ? 11  TRP A CZ2 1 
ATOM   66  C CZ3 . TRP A 1 11  ? -3.888  5.898   -11.904 1.00 43.60 ? 11  TRP A CZ3 1 
ATOM   67  C CH2 . TRP A 1 11  ? -3.095  6.315   -12.976 1.00 42.61 ? 11  TRP A CH2 1 
ATOM   68  N N   . LEU A 1 12  ? -4.251  0.815   -8.122  1.00 38.28 ? 12  LEU A N   1 
ATOM   69  C CA  . LEU A 1 12  ? -5.063  0.261   -7.049  1.00 36.55 ? 12  LEU A CA  1 
ATOM   70  C C   . LEU A 1 12  ? -6.146  1.263   -6.689  1.00 37.20 ? 12  LEU A C   1 
ATOM   71  O O   . LEU A 1 12  ? -6.019  2.452   -6.977  1.00 37.61 ? 12  LEU A O   1 
ATOM   72  C CB  . LEU A 1 12  ? -4.222  -0.036  -5.801  1.00 31.46 ? 12  LEU A CB  1 
ATOM   73  C CG  . LEU A 1 12  ? -3.014  -0.952  -5.983  1.00 32.34 ? 12  LEU A CG  1 
ATOM   74  C CD1 . LEU A 1 12  ? -2.323  -1.141  -4.649  1.00 29.68 ? 12  LEU A CD1 1 
ATOM   75  C CD2 . LEU A 1 12  ? -3.461  -2.277  -6.568  1.00 38.02 ? 12  LEU A CD2 1 
ATOM   76  N N   . ASP A 1 13  ? -7.219  0.780   -6.064  1.00 33.09 ? 13  ASP A N   1 
ATOM   77  C CA  . ASP A 1 13  ? -8.175  1.676   -5.418  1.00 36.70 ? 13  ASP A CA  1 
ATOM   78  C C   . ASP A 1 13  ? -7.704  1.951   -3.994  1.00 36.70 ? 13  ASP A C   1 
ATOM   79  O O   . ASP A 1 13  ? -7.349  1.021   -3.264  1.00 36.15 ? 13  ASP A O   1 
ATOM   80  C CB  . ASP A 1 13  ? -9.581  1.080   -5.391  1.00 34.83 ? 13  ASP A CB  1 
ATOM   81  C CG  . ASP A 1 13  ? -10.280 1.133   -6.752  1.00 41.93 ? 13  ASP A CG  1 
ATOM   82  O OD1 . ASP A 1 13  ? -9.799  1.823   -7.682  1.00 37.16 ? 13  ASP A OD1 1 
ATOM   83  O OD2 . ASP A 1 13  ? -11.334 0.482   -6.873  1.00 48.16 ? 13  ASP A OD2 1 
ATOM   84  N N   . LYS A 1 14  ? -7.700  3.218   -3.599  1.00 36.25 ? 14  LYS A N   1 
ATOM   85  C CA  . LYS A 1 14  ? -7.329  3.609   -2.245  1.00 35.69 ? 14  LYS A CA  1 
ATOM   86  C C   . LYS A 1 14  ? -8.521  4.274   -1.570  1.00 37.19 ? 14  LYS A C   1 
ATOM   87  O O   . LYS A 1 14  ? -9.149  5.173   -2.142  1.00 35.05 ? 14  LYS A O   1 
ATOM   88  C CB  . LYS A 1 14  ? -6.115  4.545   -2.241  1.00 33.26 ? 14  LYS A CB  1 
ATOM   89  C CG  . LYS A 1 14  ? -5.775  5.038   -0.846  1.00 35.90 ? 14  LYS A CG  1 
ATOM   90  C CD  . LYS A 1 14  ? -4.594  5.990   -0.806  1.00 35.56 ? 14  LYS A CD  1 
ATOM   91  C CE  . LYS A 1 14  ? -4.614  6.751   0.501   1.00 38.45 ? 14  LYS A CE  1 
ATOM   92  N NZ  . LYS A 1 14  ? -5.852  7.590   0.629   1.00 40.27 ? 14  LYS A NZ  1 
ATOM   93  N N   . LEU A 1 15  ? -8.846  3.828   -0.362  1.00 38.98 ? 15  LEU A N   1 
ATOM   94  C CA  . LEU A 1 15  ? -9.903  4.494   0.385   1.00 40.48 ? 15  LEU A CA  1 
ATOM   95  C C   . LEU A 1 15  ? -9.501  5.924   0.721   1.00 42.89 ? 15  LEU A C   1 
ATOM   96  O O   . LEU A 1 15  ? -8.436  6.174   1.282   1.00 42.28 ? 15  LEU A O   1 
ATOM   97  C CB  . LEU A 1 15  ? -10.210 3.728   1.657   1.00 37.55 ? 15  LEU A CB  1 
ATOM   98  C CG  . LEU A 1 15  ? -11.428 4.193   2.419   1.00 40.56 ? 15  LEU A CG  1 
ATOM   99  C CD1 . LEU A 1 15  ? -12.710 3.956   1.616   1.00 40.45 ? 15  LEU A CD1 1 
ATOM   100 C CD2 . LEU A 1 15  ? -11.457 3.440   3.728   1.00 43.41 ? 15  LEU A CD2 1 
ATOM   101 N N   . SER A 1 16  ? -10.362 6.864   0.366   1.00 41.14 ? 16  SER A N   1 
ATOM   102 C CA  . SER A 1 16  ? -10.207 8.247   0.767   1.00 53.25 ? 16  SER A CA  1 
ATOM   103 C C   . SER A 1 16  ? -11.157 8.516   1.917   1.00 64.74 ? 16  SER A C   1 
ATOM   104 O O   . SER A 1 16  ? -12.393 8.488   1.715   1.00 69.78 ? 16  SER A O   1 
ATOM   105 C CB  . SER A 1 16  ? -10.499 9.193   -0.391  1.00 59.83 ? 16  SER A CB  1 
ATOM   106 O OG  . SER A 1 16  ? -10.677 10.506  0.105   1.00 64.40 ? 16  SER A OG  1 
ATOM   107 N N   . PRO A 1 17  ? -10.643 8.727   3.135   1.00 63.37 ? 17  PRO A N   1 
ATOM   108 C CA  . PRO A 1 17  ? -11.510 9.188   4.231   1.00 67.27 ? 17  PRO A CA  1 
ATOM   109 C C   . PRO A 1 17  ? -11.972 10.622  4.056   1.00 69.01 ? 17  PRO A C   1 
ATOM   110 O O   . PRO A 1 17  ? -13.060 10.967  4.532   1.00 71.51 ? 17  PRO A O   1 
ATOM   111 C CB  . PRO A 1 17  ? -10.620 9.025   5.473   1.00 66.02 ? 17  PRO A CB  1 
ATOM   112 C CG  . PRO A 1 17  ? -9.214  9.129   4.945   1.00 62.89 ? 17  PRO A CG  1 
ATOM   113 C CD  . PRO A 1 17  ? -9.241  8.542   3.556   1.00 61.30 ? 17  PRO A CD  1 
ATOM   114 N N   . GLN A 1 18  ? -11.183 11.466  3.379   1.00 67.91 ? 18  GLN A N   1 
ATOM   115 C CA  . GLN A 1 18  ? -11.575 12.854  3.151   1.00 73.14 ? 18  GLN A CA  1 
ATOM   116 C C   . GLN A 1 18  ? -12.749 12.997  2.187   1.00 78.65 ? 18  GLN A C   1 
ATOM   117 O O   . GLN A 1 18  ? -13.284 14.106  2.060   1.00 81.30 ? 18  GLN A O   1 
ATOM   118 C CB  . GLN A 1 18  ? -10.384 13.671  2.636   1.00 73.06 ? 18  GLN A CB  1 
ATOM   119 C CG  . GLN A 1 18  ? -9.572  14.352  3.743   1.00 77.14 ? 18  GLN A CG  1 
ATOM   120 C CD  . GLN A 1 18  ? -8.783  15.558  3.248   1.00 82.14 ? 18  GLN A CD  1 
ATOM   121 O OE1 . GLN A 1 18  ? -8.297  15.576  2.113   1.00 84.69 ? 18  GLN A OE1 1 
ATOM   122 N NE2 . GLN A 1 18  ? -8.658  16.580  4.104   1.00 81.77 ? 18  GLN A NE2 1 
ATOM   123 N N   . GLY A 1 19  ? -13.151 11.921  1.505   1.00 74.00 ? 19  GLY A N   1 
ATOM   124 C CA  . GLY A 1 19  ? -14.316 11.925  0.637   1.00 73.43 ? 19  GLY A CA  1 
ATOM   125 C C   . GLY A 1 19  ? -15.496 11.203  1.262   1.00 74.73 ? 19  GLY A C   1 
ATOM   126 O O   . GLY A 1 19  ? -16.432 10.792  0.567   1.00 74.90 ? 19  GLY A O   1 
ATOM   127 N N   . ASN A 1 20  ? -15.459 11.061  2.591   1.00 76.07 ? 20  ASN A N   1 
ATOM   128 C CA  . ASN A 1 20  ? -16.408 10.233  3.342   1.00 74.26 ? 20  ASN A CA  1 
ATOM   129 C C   . ASN A 1 20  ? -16.281 8.761   2.949   1.00 70.22 ? 20  ASN A C   1 
ATOM   130 O O   . ASN A 1 20  ? -17.267 8.070   2.664   1.00 71.97 ? 20  ASN A O   1 
ATOM   131 C CB  . ASN A 1 20  ? -17.843 10.740  3.186   1.00 74.60 ? 20  ASN A CB  1 
ATOM   132 C CG  . ASN A 1 20  ? -18.127 11.928  4.088   1.00 79.37 ? 20  ASN A CG  1 
ATOM   133 O OD1 . ASN A 1 20  ? -17.190 12.581  4.561   1.00 79.72 ? 20  ASN A OD1 1 
ATOM   134 N ND2 . ASN A 1 20  ? -19.413 12.211  4.346   1.00 82.70 ? 20  ASN A ND2 1 
ATOM   135 N N   . TYR A 1 21  ? -15.034 8.283   2.952   1.00 68.81 ? 21  TYR A N   1 
ATOM   136 C CA  . TYR A 1 21  ? -14.719 6.865   2.816   1.00 64.08 ? 21  TYR A CA  1 
ATOM   137 C C   . TYR A 1 21  ? -15.223 6.315   1.476   1.00 63.58 ? 21  TYR A C   1 
ATOM   138 O O   . TYR A 1 21  ? -16.108 5.450   1.403   1.00 64.80 ? 21  TYR A O   1 
ATOM   139 C CB  . TYR A 1 21  ? -15.297 6.081   4.006   1.00 59.10 ? 21  TYR A CB  1 
ATOM   140 N N   . VAL A 1 22  ? -14.611 6.824   0.400   1.00 62.11 ? 22  VAL A N   1 
ATOM   141 C CA  . VAL A 1 22  ? -14.904 6.307   -0.937  1.00 55.05 ? 22  VAL A CA  1 
ATOM   142 C C   . VAL A 1 22  ? -13.593 5.940   -1.606  1.00 49.69 ? 22  VAL A C   1 
ATOM   143 O O   . VAL A 1 22  ? -12.569 6.585   -1.377  1.00 52.61 ? 22  VAL A O   1 
ATOM   144 C CB  . VAL A 1 22  ? -15.677 7.310   -1.811  1.00 54.08 ? 22  VAL A CB  1 
ATOM   145 C CG1 . VAL A 1 22  ? -17.132 7.363   -1.387  1.00 56.46 ? 22  VAL A CG1 1 
ATOM   146 C CG2 . VAL A 1 22  ? -15.025 8.679   -1.718  1.00 56.96 ? 22  VAL A CG2 1 
ATOM   147 N N   . PHE A 1 23  ? -13.627 4.909   -2.450  1.00 43.23 ? 23  PHE A N   1 
ATOM   148 C CA  . PHE A 1 23  ? -12.403 4.424   -3.079  1.00 43.09 ? 23  PHE A CA  1 
ATOM   149 C C   . PHE A 1 23  ? -12.071 5.263   -4.303  1.00 41.69 ? 23  PHE A C   1 
ATOM   150 O O   . PHE A 1 23  ? -12.946 5.587   -5.105  1.00 46.46 ? 23  PHE A O   1 
ATOM   151 C CB  . PHE A 1 23  ? -12.532 2.944   -3.450  1.00 43.13 ? 23  PHE A CB  1 
ATOM   152 C CG  . PHE A 1 23  ? -12.342 2.009   -2.273  1.00 45.34 ? 23  PHE A CG  1 
ATOM   153 C CD1 . PHE A 1 23  ? -11.078 1.597   -1.900  1.00 37.93 ? 23  PHE A CD1 1 
ATOM   154 C CD2 . PHE A 1 23  ? -13.433 1.571   -1.523  1.00 49.45 ? 23  PHE A CD2 1 
ATOM   155 C CE1 . PHE A 1 23  ? -10.893 0.753   -0.809  1.00 44.41 ? 23  PHE A CE1 1 
ATOM   156 C CE2 . PHE A 1 23  ? -13.257 0.728   -0.427  1.00 47.34 ? 23  PHE A CE2 1 
ATOM   157 C CZ  . PHE A 1 23  ? -11.986 0.318   -0.073  1.00 43.95 ? 23  PHE A CZ  1 
ATOM   158 N N   . GLN A 1 24  ? -10.810 5.615   -4.445  1.00 40.71 ? 24  GLN A N   1 
ATOM   159 C CA  . GLN A 1 24  ? -10.348 6.431   -5.557  1.00 43.69 ? 24  GLN A CA  1 
ATOM   160 C C   . GLN A 1 24  ? -9.146  5.765   -6.214  1.00 39.59 ? 24  GLN A C   1 
ATOM   161 O O   . GLN A 1 24  ? -8.269  5.235   -5.534  1.00 35.68 ? 24  GLN A O   1 
ATOM   162 C CB  . GLN A 1 24  ? -9.986  7.830   -5.076  1.00 41.30 ? 24  GLN A CB  1 
ATOM   163 C CG  . GLN A 1 24  ? -11.158 8.554   -4.447  1.00 49.20 ? 24  GLN A CG  1 
ATOM   164 C CD  . GLN A 1 24  ? -10.736 9.864   -3.840  1.00 56.02 ? 24  GLN A CD  1 
ATOM   165 O OE1 . GLN A 1 24  ? -9.552  10.068  -3.558  1.00 60.40 ? 24  GLN A OE1 1 
ATOM   166 N NE2 . GLN A 1 24  ? -11.690 10.766  -3.637  1.00 58.13 ? 24  GLN A NE2 1 
ATOM   167 N N   . ARG A 1 25  ? -9.115  5.791   -7.539  1.00 39.53 ? 25  ARG A N   1 
ATOM   168 C CA  . ARG A 1 25  ? -8.031  5.170   -8.290  1.00 37.83 ? 25  ARG A CA  1 
ATOM   169 C C   . ARG A 1 25  ? -6.712  5.903   -8.043  1.00 32.46 ? 25  ARG A C   1 
ATOM   170 O O   . ARG A 1 25  ? -6.651  7.131   -8.125  1.00 40.54 ? 25  ARG A O   1 
ATOM   171 C CB  . ARG A 1 25  ? -8.385  5.192   -9.771  1.00 40.25 ? 25  ARG A CB  1 
ATOM   172 C CG  . ARG A 1 25  ? -7.825  4.072   -10.590 1.00 51.57 ? 25  ARG A CG  1 
ATOM   173 C CD  . ARG A 1 25  ? -8.778  3.790   -11.732 1.00 64.97 ? 25  ARG A CD  1 
ATOM   174 N NE  . ARG A 1 25  ? -8.143  3.045   -12.809 1.00 75.97 ? 25  ARG A NE  1 
ATOM   175 C CZ  . ARG A 1 25  ? -7.805  1.761   -12.737 1.00 80.87 ? 25  ARG A CZ  1 
ATOM   176 N NH1 . ARG A 1 25  ? -7.231  1.174   -13.787 1.00 82.59 ? 25  ARG A NH1 1 
ATOM   177 N NH2 . ARG A 1 25  ? -8.027  1.068   -11.619 1.00 80.66 ? 25  ARG A NH2 1 
ATOM   178 N N   . ARG A 1 26  ? -5.657  5.154   -7.746  1.00 33.77 ? 26  ARG A N   1 
ATOM   179 C CA  . ARG A 1 26  ? -4.331  5.715   -7.515  1.00 35.39 ? 26  ARG A CA  1 
ATOM   180 C C   . ARG A 1 26  ? -3.299  4.817   -8.178  1.00 38.65 ? 26  ARG A C   1 
ATOM   181 O O   . ARG A 1 26  ? -3.500  3.607   -8.287  1.00 35.24 ? 26  ARG A O   1 
ATOM   182 C CB  . ARG A 1 26  ? -3.986  5.829   -6.008  1.00 33.33 ? 26  ARG A CB  1 
ATOM   183 C CG  . ARG A 1 26  ? -4.828  6.811   -5.226  1.00 38.00 ? 26  ARG A CG  1 
ATOM   184 C CD  . ARG A 1 26  ? -4.501  8.248   -5.599  1.00 41.20 ? 26  ARG A CD  1 
ATOM   185 N NE  . ARG A 1 26  ? -5.328  9.174   -4.831  1.00 41.63 ? 26  ARG A NE  1 
ATOM   186 C CZ  . ARG A 1 26  ? -6.415  9.762   -5.307  1.00 46.39 ? 26  ARG A CZ  1 
ATOM   187 N NH1 . ARG A 1 26  ? -7.109  10.577  -4.534  1.00 49.05 ? 26  ARG A NH1 1 
ATOM   188 N NH2 . ARG A 1 26  ? -6.801  9.548   -6.557  1.00 49.48 ? 26  ARG A NH2 1 
ATOM   189 N N   . PHE A 1 27  ? -2.178  5.410   -8.597  1.00 34.29 ? 27  PHE A N   1 
ATOM   190 C CA  . PHE A 1 27  ? -1.031  4.626   -9.034  1.00 33.70 ? 27  PHE A CA  1 
ATOM   191 C C   . PHE A 1 27  ? -0.104  4.414   -7.842  1.00 33.74 ? 27  PHE A C   1 
ATOM   192 O O   . PHE A 1 27  ? 0.375   5.381   -7.246  1.00 35.13 ? 27  PHE A O   1 
ATOM   193 C CB  . PHE A 1 27  ? -0.286  5.304   -10.180 1.00 36.78 ? 27  PHE A CB  1 
ATOM   194 C CG  . PHE A 1 27  ? 0.848   4.476   -10.709 1.00 38.75 ? 27  PHE A CG  1 
ATOM   195 C CD1 . PHE A 1 27  ? 0.600   3.401   -11.549 1.00 38.74 ? 27  PHE A CD1 1 
ATOM   196 C CD2 . PHE A 1 27  ? 2.150   4.737   -10.326 1.00 39.33 ? 27  PHE A CD2 1 
ATOM   197 C CE1 . PHE A 1 27  ? 1.638   2.615   -12.025 1.00 39.96 ? 27  PHE A CE1 1 
ATOM   198 C CE2 . PHE A 1 27  ? 3.196   3.960   -10.799 1.00 42.82 ? 27  PHE A CE2 1 
ATOM   199 C CZ  . PHE A 1 27  ? 2.942   2.900   -11.649 1.00 40.73 ? 27  PHE A CZ  1 
ATOM   200 N N   . VAL A 1 28  ? 0.144   3.157   -7.489  1.00 36.29 ? 28  VAL A N   1 
ATOM   201 C CA  . VAL A 1 28  ? 0.823   2.816   -6.242  1.00 32.05 ? 28  VAL A CA  1 
ATOM   202 C C   . VAL A 1 28  ? 2.124   2.091   -6.561  1.00 33.69 ? 28  VAL A C   1 
ATOM   203 O O   . VAL A 1 28  ? 2.198   1.315   -7.522  1.00 30.93 ? 28  VAL A O   1 
ATOM   204 C CB  . VAL A 1 28  ? -0.082  1.961   -5.333  1.00 27.82 ? 28  VAL A CB  1 
ATOM   205 C CG1 . VAL A 1 28  ? 0.571   1.747   -3.927  1.00 30.29 ? 28  VAL A CG1 1 
ATOM   206 C CG2 . VAL A 1 28  ? -1.465  2.605   -5.236  1.00 31.55 ? 28  VAL A CG2 1 
ATOM   207 N N   . GLN A 1 29  ? 3.159   2.379   -5.771  1.00 31.67 ? 29  GLN A N   1 
ATOM   208 C CA  . GLN A 1 29  ? 4.471   1.786   -5.972  1.00 32.05 ? 29  GLN A CA  1 
ATOM   209 C C   . GLN A 1 29  ? 5.095   1.478   -4.629  1.00 30.78 ? 29  GLN A C   1 
ATOM   210 O O   . GLN A 1 29  ? 5.158   2.357   -3.766  1.00 24.93 ? 29  GLN A O   1 
ATOM   211 C CB  . GLN A 1 29  ? 5.386   2.711   -6.767  1.00 34.19 ? 29  GLN A CB  1 
ATOM   212 C CG  . GLN A 1 29  ? 6.411   1.977   -7.558  1.00 50.72 ? 29  GLN A CG  1 
ATOM   213 C CD  . GLN A 1 29  ? 6.871   2.800   -8.734  1.00 62.82 ? 29  GLN A CD  1 
ATOM   214 O OE1 . GLN A 1 29  ? 6.817   2.353   -9.884  1.00 65.23 ? 29  GLN A OE1 1 
ATOM   215 N NE2 . GLN A 1 29  ? 7.306   4.030   -8.456  1.00 65.26 ? 29  GLN A NE2 1 
ATOM   216 N N   . PHE A 1 30  ? 5.556   0.239   -4.456  1.00 32.89 ? 30  PHE A N   1 
ATOM   217 C CA  . PHE A 1 30  ? 6.309   -0.174  -3.278  1.00 30.90 ? 30  PHE A CA  1 
ATOM   218 C C   . PHE A 1 30  ? 7.660   -0.696  -3.747  1.00 31.01 ? 30  PHE A C   1 
ATOM   219 O O   . PHE A 1 30  ? 7.720   -1.625  -4.559  1.00 31.81 ? 30  PHE A O   1 
ATOM   220 C CB  . PHE A 1 30  ? 5.540   -1.227  -2.473  1.00 26.94 ? 30  PHE A CB  1 
ATOM   221 C CG  . PHE A 1 30  ? 6.297   -1.737  -1.276  1.00 29.64 ? 30  PHE A CG  1 
ATOM   222 C CD1 . PHE A 1 30  ? 6.574   -0.899  -0.205  1.00 26.45 ? 30  PHE A CD1 1 
ATOM   223 C CD2 . PHE A 1 30  ? 6.753   -3.045  -1.230  1.00 27.27 ? 30  PHE A CD2 1 
ATOM   224 C CE1 . PHE A 1 30  ? 7.301   -1.365  0.878   1.00 31.20 ? 30  PHE A CE1 1 
ATOM   225 C CE2 . PHE A 1 30  ? 7.450   -3.514  -0.124  1.00 30.52 ? 30  PHE A CE2 1 
ATOM   226 C CZ  . PHE A 1 30  ? 7.723   -2.678  0.922   1.00 26.37 ? 30  PHE A CZ  1 
ATOM   227 N N   . ASN A 1 31  ? 8.733   -0.016  -3.327  1.00 31.37 ? 31  ASN A N   1 
ATOM   228 C CA  . ASN A 1 31  ? 10.115  -0.339  -3.663  1.00 28.06 ? 31  ASN A CA  1 
ATOM   229 C C   . ASN A 1 31  ? 10.873  -1.012  -2.520  1.00 28.61 ? 31  ASN A C   1 
ATOM   230 O O   . ASN A 1 31  ? 12.106  -1.045  -2.545  1.00 28.80 ? 31  ASN A O   1 
ATOM   231 C CB  . ASN A 1 31  ? 10.858  0.926   -4.108  1.00 29.15 ? 31  ASN A CB  1 
ATOM   232 C CG  . ASN A 1 31  ? 10.912  1.961   -3.023  1.00 32.77 ? 31  ASN A CG  1 
ATOM   233 O OD1 . ASN A 1 31  ? 10.538  1.693   -1.880  1.00 28.63 ? 31  ASN A OD1 1 
ATOM   234 N ND2 . ASN A 1 31  ? 11.398  3.153   -3.361  1.00 29.51 ? 31  ASN A ND2 1 
ATOM   235 N N   . GLY A 1 32  ? 10.185  -1.388  -1.450  1.00 28.74 ? 32  GLY A N   1 
ATOM   236 C CA  . GLY A 1 32  ? 10.792  -1.947  -0.257  1.00 32.09 ? 32  GLY A CA  1 
ATOM   237 C C   . GLY A 1 32  ? 11.175  -0.915  0.795   1.00 34.09 ? 32  GLY A C   1 
ATOM   238 O O   . GLY A 1 32  ? 11.262  -1.249  1.974   1.00 36.27 ? 32  GLY A O   1 
ATOM   239 N N   . ARG A 1 33  ? 11.450  0.322   0.389   1.00 29.77 ? 33  ARG A N   1 
ATOM   240 C CA  . ARG A 1 33  ? 11.697  1.420   1.323   1.00 27.39 ? 33  ARG A CA  1 
ATOM   241 C C   . ARG A 1 33  ? 10.436  2.192   1.673   1.00 24.50 ? 33  ARG A C   1 
ATOM   242 O O   . ARG A 1 33  ? 10.305  2.686   2.798   1.00 28.30 ? 33  ARG A O   1 
ATOM   243 C CB  . ARG A 1 33  ? 12.770  2.362   0.759   1.00 26.65 ? 33  ARG A CB  1 
ATOM   244 C CG  . ARG A 1 33  ? 14.153  1.697   0.599   1.00 46.79 ? 33  ARG A CG  1 
ATOM   245 C CD  . ARG A 1 33  ? 14.404  0.617   1.696   1.00 61.06 ? 33  ARG A CD  1 
ATOM   246 N NE  . ARG A 1 33  ? 14.097  1.076   3.062   1.00 66.81 ? 33  ARG A NE  1 
ATOM   247 C CZ  . ARG A 1 33  ? 13.992  0.285   4.138   1.00 61.86 ? 33  ARG A CZ  1 
ATOM   248 N NH1 . ARG A 1 33  ? 14.168  -1.030  4.026   1.00 64.09 ? 33  ARG A NH1 1 
ATOM   249 N NH2 . ARG A 1 33  ? 13.698  0.810   5.332   1.00 49.15 ? 33  ARG A NH2 1 
ATOM   250 N N   . SER A 1 34  ? 9.515   2.357   0.731   1.00 26.79 ? 34  SER A N   1 
ATOM   251 C CA  . SER A 1 34  ? 8.347   3.173   1.024   1.00 27.79 ? 34  SER A CA  1 
ATOM   252 C C   . SER A 1 34  ? 7.212   2.745   0.113   1.00 27.25 ? 34  SER A C   1 
ATOM   253 O O   . SER A 1 34  ? 7.434   2.193   -0.969  1.00 27.63 ? 34  SER A O   1 
ATOM   254 C CB  . SER A 1 34  ? 8.659   4.660   0.824   1.00 32.57 ? 34  SER A CB  1 
ATOM   255 O OG  . SER A 1 34  ? 8.783   4.938   -0.566  1.00 26.53 ? 34  SER A OG  1 
ATOM   256 N N   . LEU A 1 35  ? 5.993   3.032   0.554   1.00 27.43 ? 35  LEU A N   1 
ATOM   257 C CA  . LEU A 1 35  ? 4.797   2.856   -0.260  1.00 27.75 ? 35  LEU A CA  1 
ATOM   258 C C   . LEU A 1 35  ? 4.349   4.237   -0.729  1.00 30.40 ? 35  LEU A C   1 
ATOM   259 O O   . LEU A 1 35  ? 3.926   5.054   0.083   1.00 28.23 ? 35  LEU A O   1 
ATOM   260 C CB  . LEU A 1 35  ? 3.703   2.172   0.557   1.00 26.86 ? 35  LEU A CB  1 
ATOM   261 C CG  . LEU A 1 35  ? 2.426   1.747   -0.184  1.00 30.98 ? 35  LEU A CG  1 
ATOM   262 C CD1 . LEU A 1 35  ? 2.773   0.807   -1.277  1.00 36.36 ? 35  LEU A CD1 1 
ATOM   263 C CD2 . LEU A 1 35  ? 1.480   1.043   0.784   1.00 30.34 ? 35  LEU A CD2 1 
ATOM   264 N N   . MET A 1 36  ? 4.437   4.507   -2.027  1.00 30.40 ? 36  MET A N   1 
ATOM   265 C CA  . MET A 1 36  ? 4.028   5.794   -2.575  1.00 33.00 ? 36  MET A CA  1 
ATOM   266 C C   . MET A 1 36  ? 2.721   5.636   -3.349  1.00 30.77 ? 36  MET A C   1 
ATOM   267 O O   . MET A 1 36  ? 2.540   4.655   -4.074  1.00 28.54 ? 36  MET A O   1 
ATOM   268 C CB  . MET A 1 36  ? 5.098   6.377   -3.515  1.00 31.05 ? 36  MET A CB  1 
ATOM   269 C CG  . MET A 1 36  ? 6.495   6.573   -2.912  1.00 27.87 ? 36  MET A CG  1 
ATOM   270 S SD  . MET A 1 36  ? 7.521   7.559   -4.001  1.00 29.86 ? 36  MET A SD  1 
ATOM   271 C CE  . MET A 1 36  ? 9.184   7.224   -3.322  1.00 26.24 ? 36  MET A CE  1 
ATOM   272 N N   . TYR A 1 37  ? 1.822   6.615   -3.233  1.00 28.51 ? 37  TYR A N   1 
ATOM   273 C CA  . TYR A 1 37  ? 0.648   6.626   -4.097  1.00 31.39 ? 37  TYR A CA  1 
ATOM   274 C C   . TYR A 1 37  ? 0.516   7.986   -4.767  1.00 31.29 ? 37  TYR A C   1 
ATOM   275 O O   . TYR A 1 37  ? 0.667   9.040   -4.123  1.00 32.34 ? 37  TYR A O   1 
ATOM   276 C CB  . TYR A 1 37  ? -0.642  6.238   -3.353  1.00 29.45 ? 37  TYR A CB  1 
ATOM   277 C CG  . TYR A 1 37  ? -0.890  6.957   -2.056  1.00 30.70 ? 37  TYR A CG  1 
ATOM   278 C CD1 . TYR A 1 37  ? -1.665  8.108   -2.017  1.00 32.38 ? 37  TYR A CD1 1 
ATOM   279 C CD2 . TYR A 1 37  ? -0.393  6.458   -0.858  1.00 31.15 ? 37  TYR A CD2 1 
ATOM   280 C CE1 . TYR A 1 37  ? -1.909  8.766   -0.821  1.00 31.77 ? 37  TYR A CE1 1 
ATOM   281 C CE2 . TYR A 1 37  ? -0.640  7.111   0.344   1.00 34.96 ? 37  TYR A CE2 1 
ATOM   282 C CZ  . TYR A 1 37  ? -1.388  8.267   0.350   1.00 32.16 ? 37  TYR A CZ  1 
ATOM   283 O OH  . TYR A 1 37  ? -1.626  8.927   1.524   1.00 38.40 ? 37  TYR A OH  1 
ATOM   284 N N   . PHE A 1 38  ? 0.247   7.927   -6.072  1.00 32.63 ? 38  PHE A N   1 
ATOM   285 C CA  . PHE A 1 38  ? 0.185   9.042   -6.998  1.00 35.91 ? 38  PHE A CA  1 
ATOM   286 C C   . PHE A 1 38  ? -1.234  9.156   -7.545  1.00 36.32 ? 38  PHE A C   1 
ATOM   287 O O   . PHE A 1 38  ? -1.938  8.151   -7.702  1.00 33.77 ? 38  PHE A O   1 
ATOM   288 C CB  . PHE A 1 38  ? 1.139   8.841   -8.197  1.00 29.43 ? 38  PHE A CB  1 
ATOM   289 C CG  . PHE A 1 38  ? 2.600   8.669   -7.833  1.00 36.89 ? 38  PHE A CG  1 
ATOM   290 C CD1 . PHE A 1 38  ? 3.517   9.696   -8.069  1.00 33.89 ? 38  PHE A CD1 1 
ATOM   291 C CD2 . PHE A 1 38  ? 3.072   7.472   -7.309  1.00 30.39 ? 38  PHE A CD2 1 
ATOM   292 C CE1 . PHE A 1 38  ? 4.861   9.544   -7.775  1.00 31.31 ? 38  PHE A CE1 1 
ATOM   293 C CE2 . PHE A 1 38  ? 4.431   7.315   -7.008  1.00 29.43 ? 38  PHE A CE2 1 
ATOM   294 C CZ  . PHE A 1 38  ? 5.318   8.346   -7.232  1.00 31.95 ? 38  PHE A CZ  1 
ATOM   295 N N   . GLY A 1 39  ? -1.632  10.381  -7.887  1.00 33.71 ? 39  GLY A N   1 
ATOM   296 C CA  . GLY A 1 39  ? -2.860  10.553  -8.639  1.00 38.83 ? 39  GLY A CA  1 
ATOM   297 C C   . GLY A 1 39  ? -2.771  9.969   -10.034 1.00 42.87 ? 39  GLY A C   1 
ATOM   298 O O   . GLY A 1 39  ? -3.780  9.535   -10.596 1.00 42.64 ? 39  GLY A O   1 
ATOM   299 N N   . SER A 1 40  ? -1.570  9.941   -10.606 1.00 41.03 ? 40  SER A N   1 
ATOM   300 C CA  . SER A 1 40  ? -1.332  9.367   -11.922 1.00 40.41 ? 40  SER A CA  1 
ATOM   301 C C   . SER A 1 40  ? 0.105   8.854   -11.995 1.00 39.09 ? 40  SER A C   1 
ATOM   302 O O   . SER A 1 40  ? 0.998   9.369   -11.312 1.00 37.68 ? 40  SER A O   1 
ATOM   303 C CB  . SER A 1 40  ? -1.589  10.399  -13.021 1.00 41.23 ? 40  SER A CB  1 
ATOM   304 O OG  . SER A 1 40  ? -0.948  10.003  -14.214 1.00 42.19 ? 40  SER A OG  1 
ATOM   305 N N   . ASP A 1 41  ? 0.326   7.822   -12.817 1.00 37.37 ? 41  ASP A N   1 
ATOM   306 C CA  . ASP A 1 41  ? 1.695   7.368   -13.049 1.00 38.45 ? 41  ASP A CA  1 
ATOM   307 C C   . ASP A 1 41  ? 2.508   8.388   -13.832 1.00 40.96 ? 41  ASP A C   1 
ATOM   308 O O   . ASP A 1 41  ? 3.729   8.233   -13.944 1.00 42.87 ? 41  ASP A O   1 
ATOM   309 C CB  . ASP A 1 41  ? 1.704   6.024   -13.788 1.00 39.48 ? 41  ASP A CB  1 
ATOM   310 C CG  . ASP A 1 41  ? 0.956   6.073   -15.113 1.00 46.08 ? 41  ASP A CG  1 
ATOM   311 O OD1 . ASP A 1 41  ? -0.026  6.838   -15.252 1.00 46.65 ? 41  ASP A OD1 1 
ATOM   312 O OD2 . ASP A 1 41  ? 1.357   5.338   -16.029 1.00 50.22 ? 41  ASP A OD2 1 
ATOM   313 N N   . LYS A 1 42  ? 1.860   9.418   -14.379 1.00 38.19 ? 42  LYS A N   1 
ATOM   314 C CA  . LYS A 1 42  ? 2.554   10.509  -15.046 1.00 39.64 ? 42  LYS A CA  1 
ATOM   315 C C   . LYS A 1 42  ? 2.976   11.619  -14.090 1.00 37.84 ? 42  LYS A C   1 
ATOM   316 O O   . LYS A 1 42  ? 3.714   12.519  -14.500 1.00 40.54 ? 42  LYS A O   1 
ATOM   317 C CB  . LYS A 1 42  ? 1.665   11.083  -16.162 1.00 42.69 ? 42  LYS A CB  1 
ATOM   318 C CG  . LYS A 1 42  ? 1.392   10.076  -17.294 1.00 46.74 ? 42  LYS A CG  1 
ATOM   319 C CD  . LYS A 1 42  ? 0.481   10.651  -18.368 1.00 56.38 ? 42  LYS A CD  1 
ATOM   320 C CE  . LYS A 1 42  ? -0.875  9.950   -18.371 1.00 61.25 ? 42  LYS A CE  1 
ATOM   321 N NZ  . LYS A 1 42  ? -1.638  10.241  -19.623 1.00 68.94 ? 42  LYS A NZ  1 
ATOM   322 N N   . ASP A 1 43  ? 2.537   11.577  -12.837 1.00 37.05 ? 43  ASP A N   1 
ATOM   323 C CA  . ASP A 1 43  ? 2.850   12.645  -11.885 1.00 38.96 ? 43  ASP A CA  1 
ATOM   324 C C   . ASP A 1 43  ? 4.288   12.514  -11.386 1.00 34.75 ? 43  ASP A C   1 
ATOM   325 O O   . ASP A 1 43  ? 4.682   11.434  -10.938 1.00 34.31 ? 43  ASP A O   1 
ATOM   326 C CB  . ASP A 1 43  ? 1.914   12.593  -10.673 1.00 37.87 ? 43  ASP A CB  1 
ATOM   327 C CG  . ASP A 1 43  ? 0.475   12.952  -11.008 1.00 39.11 ? 43  ASP A CG  1 
ATOM   328 O OD1 . ASP A 1 43  ? 0.223   13.563  -12.065 1.00 36.51 ? 43  ASP A OD1 1 
ATOM   329 O OD2 . ASP A 1 43  ? -0.402  12.614  -10.182 1.00 36.17 ? 43  ASP A OD2 1 
ATOM   330 N N   . PRO A 1 44  ? 5.065   13.594  -11.372 1.00 34.09 ? 44  PRO A N   1 
ATOM   331 C CA  . PRO A 1 44  ? 6.409   13.524  -10.757 1.00 33.93 ? 44  PRO A CA  1 
ATOM   332 C C   . PRO A 1 44  ? 6.381   13.244  -9.266  1.00 35.35 ? 44  PRO A C   1 
ATOM   333 O O   . PRO A 1 44  ? 7.222   12.485  -8.764  1.00 33.66 ? 44  PRO A O   1 
ATOM   334 C CB  . PRO A 1 44  ? 7.000   14.913  -11.043 1.00 36.37 ? 44  PRO A CB  1 
ATOM   335 C CG  . PRO A 1 44  ? 6.189   15.442  -12.191 1.00 42.54 ? 44  PRO A CG  1 
ATOM   336 C CD  . PRO A 1 44  ? 4.807   14.895  -12.010 1.00 36.45 ? 44  PRO A CD  1 
ATOM   337 N N   . PHE A 1 45  ? 5.424   13.827  -8.533  1.00 33.17 ? 45  PHE A N   1 
ATOM   338 C CA  . PHE A 1 45  ? 5.451   13.633  -7.101  1.00 31.02 ? 45  PHE A CA  1 
ATOM   339 C C   . PHE A 1 45  ? 4.243   12.838  -6.650  1.00 33.59 ? 45  PHE A C   1 
ATOM   340 O O   . PHE A 1 45  ? 3.149   12.980  -7.206  1.00 30.56 ? 45  PHE A O   1 
ATOM   341 C CB  . PHE A 1 45  ? 5.452   14.953  -6.324  1.00 32.78 ? 45  PHE A CB  1 
ATOM   342 C CG  . PHE A 1 45  ? 6.498   15.925  -6.769  1.00 34.42 ? 45  PHE A CG  1 
ATOM   343 C CD1 . PHE A 1 45  ? 7.797   15.823  -6.305  1.00 35.72 ? 45  PHE A CD1 1 
ATOM   344 C CD2 . PHE A 1 45  ? 6.175   16.959  -7.628  1.00 36.48 ? 45  PHE A CD2 1 
ATOM   345 C CE1 . PHE A 1 45  ? 8.768   16.733  -6.724  1.00 37.04 ? 45  PHE A CE1 1 
ATOM   346 C CE2 . PHE A 1 45  ? 7.138   17.871  -8.041  1.00 38.77 ? 45  PHE A CE2 1 
ATOM   347 C CZ  . PHE A 1 45  ? 8.428   17.758  -7.582  1.00 39.04 ? 45  PHE A CZ  1 
ATOM   348 N N   . PRO A 1 46  ? 4.408   12.030  -5.612  1.00 30.04 ? 46  PRO A N   1 
ATOM   349 C CA  . PRO A 1 46  ? 3.286   11.245  -5.090  1.00 36.26 ? 46  PRO A CA  1 
ATOM   350 C C   . PRO A 1 46  ? 2.313   12.132  -4.330  1.00 34.84 ? 46  PRO A C   1 
ATOM   351 O O   . PRO A 1 46  ? 2.665   13.195  -3.836  1.00 29.57 ? 46  PRO A O   1 
ATOM   352 C CB  . PRO A 1 46  ? 3.970   10.258  -4.142  1.00 26.49 ? 46  PRO A CB  1 
ATOM   353 C CG  . PRO A 1 46  ? 5.139   11.073  -3.604  1.00 27.81 ? 46  PRO A CG  1 
ATOM   354 C CD  . PRO A 1 46  ? 5.624   11.884  -4.791  1.00 29.09 ? 46  PRO A CD  1 
ATOM   355 N N   . LYS A 1 47  ? 1.070   11.658  -4.202  1.00 30.22 ? 47  LYS A N   1 
ATOM   356 C CA  . LYS A 1 47  ? 0.167   12.347  -3.299  1.00 31.36 ? 47  LYS A CA  1 
ATOM   357 C C   . LYS A 1 47  ? 0.489   12.007  -1.854  1.00 31.95 ? 47  LYS A C   1 
ATOM   358 O O   . LYS A 1 47  ? 0.351   12.859  -0.975  1.00 28.61 ? 47  LYS A O   1 
ATOM   359 C CB  . LYS A 1 47  ? -1.292  12.010  -3.640  1.00 33.79 ? 47  LYS A CB  1 
ATOM   360 C CG  . LYS A 1 47  ? -1.758  12.744  -4.891  1.00 48.85 ? 47  LYS A CG  1 
ATOM   361 C CD  . LYS A 1 47  ? -3.255  12.594  -5.158  1.00 59.44 ? 47  LYS A CD  1 
ATOM   362 C CE  . LYS A 1 47  ? -3.651  13.343  -6.434  1.00 67.36 ? 47  LYS A CE  1 
ATOM   363 N NZ  . LYS A 1 47  ? -5.101  13.174  -6.774  1.00 75.03 ? 47  LYS A NZ  1 
ATOM   364 N N   . GLY A 1 48  ? 0.949   10.792  -1.591  1.00 33.14 ? 48  GLY A N   1 
ATOM   365 C CA  . GLY A 1 48  ? 1.330   10.433  -0.234  1.00 32.17 ? 48  GLY A CA  1 
ATOM   366 C C   . GLY A 1 48  ? 2.424   9.383   -0.274  1.00 30.03 ? 48  GLY A C   1 
ATOM   367 O O   . GLY A 1 48  ? 2.608   8.685   -1.275  1.00 30.66 ? 48  GLY A O   1 
ATOM   368 N N   . VAL A 1 49  ? 3.160   9.296   0.829   1.00 27.92 ? 49  VAL A N   1 
ATOM   369 C CA  . VAL A 1 49  ? 4.251   8.336   0.979   1.00 26.97 ? 49  VAL A CA  1 
ATOM   370 C C   . VAL A 1 49  ? 4.225   7.804   2.403   1.00 29.99 ? 49  VAL A C   1 
ATOM   371 O O   . VAL A 1 49  ? 4.209   8.584   3.367   1.00 29.73 ? 49  VAL A O   1 
ATOM   372 C CB  . VAL A 1 49  ? 5.622   8.967   0.675   1.00 32.67 ? 49  VAL A CB  1 
ATOM   373 C CG1 . VAL A 1 49  ? 6.763   7.953   0.937   1.00 31.50 ? 49  VAL A CG1 1 
ATOM   374 C CG2 . VAL A 1 49  ? 5.652   9.500   -0.763  1.00 26.12 ? 49  VAL A CG2 1 
ATOM   375 N N   . ILE A 1 50  ? 4.233   6.478   2.530   1.00 27.71 ? 50  ILE A N   1 
ATOM   376 C CA  . ILE A 1 50  ? 4.354   5.774   3.801   1.00 30.22 ? 50  ILE A CA  1 
ATOM   377 C C   . ILE A 1 50  ? 5.735   5.131   3.858   1.00 28.36 ? 50  ILE A C   1 
ATOM   378 O O   . ILE A 1 50  ? 5.950   4.095   3.213   1.00 25.65 ? 50  ILE A O   1 
ATOM   379 C CB  . ILE A 1 50  ? 3.255   4.711   3.924   1.00 29.38 ? 50  ILE A CB  1 
ATOM   380 C CG1 . ILE A 1 50  ? 1.894   5.330   3.612   1.00 26.21 ? 50  ILE A CG1 1 
ATOM   381 C CG2 . ILE A 1 50  ? 3.261   4.097   5.341   1.00 32.60 ? 50  ILE A CG2 1 
ATOM   382 C CD1 . ILE A 1 50  ? 0.855   4.311   3.140   1.00 27.29 ? 50  ILE A CD1 1 
ATOM   383 N N   . PRO A 1 51  ? 6.692   5.668   4.611   1.00 27.35 ? 51  PRO A N   1 
ATOM   384 C CA  . PRO A 1 51  ? 7.978   4.982   4.726   1.00 28.71 ? 51  PRO A CA  1 
ATOM   385 C C   . PRO A 1 51  ? 7.783   3.662   5.453   1.00 30.46 ? 51  PRO A C   1 
ATOM   386 O O   . PRO A 1 51  ? 6.941   3.540   6.346   1.00 28.01 ? 51  PRO A O   1 
ATOM   387 C CB  . PRO A 1 51  ? 8.838   5.953   5.542   1.00 26.06 ? 51  PRO A CB  1 
ATOM   388 C CG  . PRO A 1 51  ? 8.119   7.282   5.418   1.00 30.18 ? 51  PRO A CG  1 
ATOM   389 C CD  . PRO A 1 51  ? 6.673   6.903   5.412   1.00 25.30 ? 51  PRO A CD  1 
ATOM   390 N N   . LEU A 1 52  ? 8.566   2.662   5.053   1.00 30.00 ? 52  LEU A N   1 
ATOM   391 C CA  . LEU A 1 52  ? 8.467   1.363   5.714   1.00 33.32 ? 52  LEU A CA  1 
ATOM   392 C C   . LEU A 1 52  ? 8.645   1.498   7.229   1.00 30.13 ? 52  LEU A C   1 
ATOM   393 O O   . LEU A 1 52  ? 7.996   0.780   8.006   1.00 27.65 ? 52  LEU A O   1 
ATOM   394 C CB  . LEU A 1 52  ? 9.501   0.395   5.128   1.00 26.95 ? 52  LEU A CB  1 
ATOM   395 C CG  . LEU A 1 52  ? 9.307   -1.061  5.552   1.00 29.91 ? 52  LEU A CG  1 
ATOM   396 C CD1 . LEU A 1 52  ? 8.101   -1.692  4.796   1.00 31.28 ? 52  LEU A CD1 1 
ATOM   397 C CD2 . LEU A 1 52  ? 10.615  -1.841  5.343   1.00 27.99 ? 52  LEU A CD2 1 
ATOM   398 N N   . THR A 1 53  ? 9.529   2.400   7.668   1.00 25.46 ? 53  THR A N   1 
ATOM   399 C CA  . THR A 1 53  ? 9.738   2.584   9.101   1.00 27.41 ? 53  THR A CA  1 
ATOM   400 C C   . THR A 1 53  ? 8.471   3.040   9.828   1.00 28.77 ? 53  THR A C   1 
ATOM   401 O O   . THR A 1 53  ? 8.388   2.884   11.044  1.00 28.14 ? 53  THR A O   1 
ATOM   402 C CB  . THR A 1 53  ? 10.858  3.592   9.363   1.00 32.17 ? 53  THR A CB  1 
ATOM   403 O OG1 . THR A 1 53  ? 10.612  4.773   8.588   1.00 32.50 ? 53  THR A OG1 1 
ATOM   404 C CG2 . THR A 1 53  ? 12.221  3.006   8.982   1.00 33.12 ? 53  THR A CG2 1 
ATOM   405 N N   . ALA A 1 54  ? 7.480   3.593   9.127   1.00 26.09 ? 54  ALA A N   1 
ATOM   406 C CA  . ALA A 1 54  ? 6.249   4.017   9.799   1.00 28.24 ? 54  ALA A CA  1 
ATOM   407 C C   . ALA A 1 54  ? 5.207   2.911   9.913   1.00 31.46 ? 54  ALA A C   1 
ATOM   408 O O   . ALA A 1 54  ? 4.240   3.063   10.677  1.00 26.16 ? 54  ALA A O   1 
ATOM   409 C CB  . ALA A 1 54  ? 5.619   5.189   9.037   1.00 25.42 ? 54  ALA A CB  1 
ATOM   410 N N   . ILE A 1 55  ? 5.370   1.813   9.176   1.00 27.84 ? 55  ILE A N   1 
ATOM   411 C CA  . ILE A 1 55  ? 4.362   0.758   9.095   1.00 24.89 ? 55  ILE A CA  1 
ATOM   412 C C   . ILE A 1 55  ? 4.567   -0.204  10.249  1.00 28.89 ? 55  ILE A C   1 
ATOM   413 O O   . ILE A 1 55  ? 5.674   -0.720  10.442  1.00 25.59 ? 55  ILE A O   1 
ATOM   414 C CB  . ILE A 1 55  ? 4.447   0.027   7.754   1.00 25.73 ? 55  ILE A CB  1 
ATOM   415 C CG1 . ILE A 1 55  ? 4.333   1.036   6.612   1.00 22.13 ? 55  ILE A CG1 1 
ATOM   416 C CG2 . ILE A 1 55  ? 3.379   -1.092  7.649   1.00 22.19 ? 55  ILE A CG2 1 
ATOM   417 C CD1 . ILE A 1 55  ? 4.489   0.363   5.248   1.00 21.49 ? 55  ILE A CD1 1 
ATOM   418 N N   . GLU A 1 56  ? 3.536   -0.351  11.082  1.00 25.94 ? 56  GLU A N   1 
ATOM   419 C CA  . GLU A 1 56  ? 3.520   -1.367  12.126  1.00 24.00 ? 56  GLU A CA  1 
ATOM   420 C C   . GLU A 1 56  ? 2.972   -2.700  11.639  1.00 32.23 ? 56  GLU A C   1 
ATOM   421 O O   . GLU A 1 56  ? 3.385   -3.750  12.132  1.00 24.02 ? 56  GLU A O   1 
ATOM   422 C CB  . GLU A 1 56  ? 2.731   -0.847  13.325  1.00 25.40 ? 56  GLU A CB  1 
ATOM   423 C CG  . GLU A 1 56  ? 3.298   0.469   13.830  1.00 26.39 ? 56  GLU A CG  1 
ATOM   424 C CD  . GLU A 1 56  ? 2.720   0.902   15.148  1.00 31.72 ? 56  GLU A CD  1 
ATOM   425 O OE1 . GLU A 1 56  ? 1.726   0.291   15.602  1.00 29.79 ? 56  GLU A OE1 1 
ATOM   426 O OE2 . GLU A 1 56  ? 3.288   1.835   15.748  1.00 37.25 ? 56  GLU A OE2 1 
ATOM   427 N N   . MET A 1 57  ? 2.011   -2.700  10.720  1.00 23.08 ? 57  MET A N   1 
ATOM   428 C CA  . MET A 1 57  ? 1.490   -3.986  10.260  1.00 24.02 ? 57  MET A CA  1 
ATOM   429 C C   . MET A 1 57  ? 0.841   -3.817  8.889   1.00 26.70 ? 57  MET A C   1 
ATOM   430 O O   . MET A 1 57  ? 0.299   -2.756  8.581   1.00 27.67 ? 57  MET A O   1 
ATOM   431 C CB  . MET A 1 57  ? 0.484   -4.564  11.257  1.00 23.75 ? 57  MET A CB  1 
ATOM   432 C CG  . MET A 1 57  ? -0.266  -5.794  10.694  1.00 25.67 ? 57  MET A CG  1 
ATOM   433 S SD  . MET A 1 57  ? -1.603  -6.312  11.784  1.00 28.37 ? 57  MET A SD  1 
ATOM   434 C CE  . MET A 1 57  ? -0.776  -6.949  13.250  1.00 31.69 ? 57  MET A CE  1 
ATOM   435 N N   . THR A 1 58  ? 0.912   -4.854  8.063   1.00 25.02 ? 58  THR A N   1 
ATOM   436 C CA  . THR A 1 58  ? 0.084   -4.947  6.863   1.00 24.01 ? 58  THR A CA  1 
ATOM   437 C C   . THR A 1 58  ? -0.723  -6.228  6.964   1.00 27.29 ? 58  THR A C   1 
ATOM   438 O O   . THR A 1 58  ? -0.172  -7.280  7.329   1.00 24.31 ? 58  THR A O   1 
ATOM   439 C CB  . THR A 1 58  ? 0.921   -4.939  5.582   1.00 23.99 ? 58  THR A CB  1 
ATOM   440 O OG1 . THR A 1 58  ? 1.674   -3.721  5.519   1.00 27.13 ? 58  THR A OG1 1 
ATOM   441 C CG2 . THR A 1 58  ? 0.031   -5.026  4.351   1.00 21.96 ? 58  THR A CG2 1 
ATOM   442 N N   . ARG A 1 59  ? -2.023  -6.147  6.665   1.00 27.12 ? 59  ARG A N   1 
ATOM   443 C CA  . ARG A 1 59  ? -2.905  -7.311  6.792   1.00 24.50 ? 59  ARG A CA  1 
ATOM   444 C C   . ARG A 1 59  ? -3.900  -7.340  5.637   1.00 28.97 ? 59  ARG A C   1 
ATOM   445 O O   . ARG A 1 59  ? -4.234  -6.306  5.060   1.00 25.31 ? 59  ARG A O   1 
ATOM   446 C CB  . ARG A 1 59  ? -3.664  -7.318  8.136   1.00 23.83 ? 59  ARG A CB  1 
ATOM   447 C CG  . ARG A 1 59  ? -4.599  -6.103  8.401   1.00 24.32 ? 59  ARG A CG  1 
ATOM   448 C CD  . ARG A 1 59  ? -5.412  -6.242  9.711   1.00 25.91 ? 59  ARG A CD  1 
ATOM   449 N NE  . ARG A 1 59  ? -6.257  -7.447  9.730   1.00 29.29 ? 59  ARG A NE  1 
ATOM   450 C CZ  . ARG A 1 59  ? -7.522  -7.510  9.299   1.00 27.96 ? 59  ARG A CZ  1 
ATOM   451 N NH1 . ARG A 1 59  ? -8.118  -6.435  8.802   1.00 29.11 ? 59  ARG A NH1 1 
ATOM   452 N NH2 . ARG A 1 59  ? -8.193  -8.647  9.357   1.00 29.25 ? 59  ARG A NH2 1 
ATOM   453 N N   . SER A 1 60  ? -4.390  -8.543  5.317   1.00 25.13 ? 60  SER A N   1 
ATOM   454 C CA  . SER A 1 60  ? -5.468  -8.705  4.351   1.00 29.59 ? 60  SER A CA  1 
ATOM   455 C C   . SER A 1 60  ? -6.824  -8.458  5.001   1.00 30.60 ? 60  SER A C   1 
ATOM   456 O O   . SER A 1 60  ? -6.995  -8.639  6.205   1.00 28.27 ? 60  SER A O   1 
ATOM   457 C CB  . SER A 1 60  ? -5.434  -10.109 3.741   1.00 26.92 ? 60  SER A CB  1 
ATOM   458 O OG  . SER A 1 60  ? -4.239  -10.232 2.961   1.00 32.47 ? 60  SER A OG  1 
ATOM   459 N N   . SER A 1 61  ? -7.800  -8.053  4.187   1.00 27.88 ? 61  SER A N   1 
ATOM   460 C CA  . SER A 1 61  ? -9.184  -7.899  4.651   1.00 32.98 ? 61  SER A CA  1 
ATOM   461 C C   . SER A 1 61  ? -10.117 -8.468  3.585   1.00 36.34 ? 61  SER A C   1 
ATOM   462 O O   . SER A 1 61  ? -9.673  -8.939  2.533   1.00 43.42 ? 61  SER A O   1 
ATOM   463 C CB  . SER A 1 61  ? -9.488  -6.418  4.968   1.00 28.23 ? 61  SER A CB  1 
ATOM   464 O OG  . SER A 1 61  ? -10.835 -6.239  5.386   1.00 30.16 ? 61  SER A OG  1 
ATOM   465 N N   . LYS A 1 62  ? -11.425 -8.376  3.837   1.00 35.12 ? 62  LYS A N   1 
ATOM   466 C CA  . LYS A 1 62  ? -12.436 -8.872  2.915   1.00 29.70 ? 62  LYS A CA  1 
ATOM   467 C C   . LYS A 1 62  ? -12.330 -8.175  1.555   1.00 44.41 ? 62  LYS A C   1 
ATOM   468 O O   . LYS A 1 62  ? -11.700 -7.122  1.410   1.00 41.05 ? 62  LYS A O   1 
ATOM   469 C CB  . LYS A 1 62  ? -13.837 -8.625  3.476   1.00 47.49 ? 62  LYS A CB  1 
ATOM   470 C CG  . LYS A 1 62  ? -14.035 -9.003  4.932   1.00 57.99 ? 62  LYS A CG  1 
ATOM   471 C CD  . LYS A 1 62  ? -14.178 -10.503 5.092   1.00 64.62 ? 62  LYS A CD  1 
ATOM   472 C CE  . LYS A 1 62  ? -14.328 -10.895 6.549   1.00 69.13 ? 62  LYS A CE  1 
ATOM   473 N NZ  . LYS A 1 62  ? -14.213 -12.372 6.724   1.00 73.37 ? 62  LYS A NZ  1 
ATOM   474 N N   . ASP A 1 63  ? -12.901 -8.823  0.529   1.00 45.90 ? 63  ASP A N   1 
ATOM   475 C CA  . ASP A 1 63  ? -13.163 -8.201  -0.783  1.00 45.27 ? 63  ASP A CA  1 
ATOM   476 C C   . ASP A 1 63  ? -11.911 -7.585  -1.419  1.00 36.59 ? 63  ASP A C   1 
ATOM   477 O O   . ASP A 1 63  ? -11.955 -6.462  -1.958  1.00 31.31 ? 63  ASP A O   1 
ATOM   478 C CB  . ASP A 1 63  ? -14.269 -7.146  -0.683  1.00 56.00 ? 63  ASP A CB  1 
ATOM   479 C CG  . ASP A 1 63  ? -15.570 -7.709  -0.151  1.00 64.62 ? 63  ASP A CG  1 
ATOM   480 O OD1 . ASP A 1 63  ? -15.893 -8.892  -0.431  1.00 61.39 ? 63  ASP A OD1 1 
ATOM   481 O OD2 . ASP A 1 63  ? -16.278 -6.957  0.553   1.00 71.64 ? 63  ASP A OD2 1 
ATOM   482 N N   . ASN A 1 64  ? -10.793 -8.330  -1.372  1.00 31.01 ? 64  ASN A N   1 
ATOM   483 C CA  . ASN A 1 64  ? -9.564  -7.981  -2.094  1.00 34.71 ? 64  ASN A CA  1 
ATOM   484 C C   . ASN A 1 64  ? -8.915  -6.714  -1.561  1.00 30.84 ? 64  ASN A C   1 
ATOM   485 O O   . ASN A 1 64  ? -8.308  -5.953  -2.330  1.00 33.34 ? 64  ASN A O   1 
ATOM   486 C CB  . ASN A 1 64  ? -9.818  -7.835  -3.603  1.00 34.35 ? 64  ASN A CB  1 
ATOM   487 C CG  . ASN A 1 64  ? -10.283 -9.135  -4.239  1.00 43.58 ? 64  ASN A CG  1 
ATOM   488 O OD1 . ASN A 1 64  ? -10.226 -10.192 -3.609  1.00 47.90 ? 64  ASN A OD1 1 
ATOM   489 N ND2 . ASN A 1 64  ? -10.726 -9.069  -5.496  1.00 47.15 ? 64  ASN A ND2 1 
ATOM   490 N N   . LYS A 1 65  ? -9.009  -6.482  -0.253  1.00 28.32 ? 65  LYS A N   1 
ATOM   491 C CA  . LYS A 1 65  ? -8.399  -5.320  0.381   1.00 28.93 ? 65  LYS A CA  1 
ATOM   492 C C   . LYS A 1 65  ? -7.154  -5.734  1.162   1.00 28.20 ? 65  LYS A C   1 
ATOM   493 O O   . LYS A 1 65  ? -7.034  -6.869  1.631   1.00 29.93 ? 65  LYS A O   1 
ATOM   494 C CB  . LYS A 1 65  ? -9.379  -4.612  1.324   1.00 31.59 ? 65  LYS A CB  1 
ATOM   495 C CG  . LYS A 1 65  ? -10.548 -3.921  0.631   1.00 34.02 ? 65  LYS A CG  1 
ATOM   496 C CD  . LYS A 1 65  ? -11.467 -3.270  1.641   1.00 35.76 ? 65  LYS A CD  1 
ATOM   497 C CE  . LYS A 1 65  ? -12.325 -4.339  2.333   1.00 44.70 ? 65  LYS A CE  1 
ATOM   498 N NZ  . LYS A 1 65  ? -12.170 -4.279  3.804   1.00 45.86 ? 65  LYS A NZ  1 
ATOM   499 N N   . PHE A 1 66  ? -6.206  -4.818  1.258   1.00 23.61 ? 66  PHE A N   1 
ATOM   500 C CA  . PHE A 1 66  ? -5.157  -4.930  2.257   1.00 26.24 ? 66  PHE A CA  1 
ATOM   501 C C   . PHE A 1 66  ? -5.035  -3.582  2.951   1.00 28.91 ? 66  PHE A C   1 
ATOM   502 O O   . PHE A 1 66  ? -5.395  -2.535  2.404   1.00 34.22 ? 66  PHE A O   1 
ATOM   503 C CB  . PHE A 1 66  ? -3.801  -5.411  1.666   1.00 25.49 ? 66  PHE A CB  1 
ATOM   504 C CG  . PHE A 1 66  ? -3.171  -4.471  0.645   1.00 28.26 ? 66  PHE A CG  1 
ATOM   505 C CD1 . PHE A 1 66  ? -2.231  -3.519  1.034   1.00 26.28 ? 66  PHE A CD1 1 
ATOM   506 C CD2 . PHE A 1 66  ? -3.477  -4.579  -0.714  1.00 25.28 ? 66  PHE A CD2 1 
ATOM   507 C CE1 . PHE A 1 66  ? -1.611  -2.684  0.072   1.00 24.54 ? 66  PHE A CE1 1 
ATOM   508 C CE2 . PHE A 1 66  ? -2.875  -3.732  -1.668  1.00 24.91 ? 66  PHE A CE2 1 
ATOM   509 C CZ  . PHE A 1 66  ? -1.941  -2.792  -1.271  1.00 22.16 ? 66  PHE A CZ  1 
ATOM   510 N N   . GLN A 1 67  ? -4.579  -3.628  4.196   1.00 29.13 ? 67  GLN A N   1 
ATOM   511 C CA  . GLN A 1 67  ? -4.501  -2.470  5.066   1.00 24.33 ? 67  GLN A CA  1 
ATOM   512 C C   . GLN A 1 67  ? -3.056  -2.314  5.504   1.00 26.71 ? 67  GLN A C   1 
ATOM   513 O O   . GLN A 1 67  ? -2.423  -3.287  5.955   1.00 25.47 ? 67  GLN A O   1 
ATOM   514 C CB  . GLN A 1 67  ? -5.413  -2.628  6.290   1.00 25.60 ? 67  GLN A CB  1 
ATOM   515 C CG  . GLN A 1 67  ? -6.846  -2.885  5.951   1.00 24.22 ? 67  GLN A CG  1 
ATOM   516 C CD  . GLN A 1 67  ? -7.629  -3.274  7.158   1.00 28.40 ? 67  GLN A CD  1 
ATOM   517 O OE1 . GLN A 1 67  ? -7.076  -3.863  8.091   1.00 31.94 ? 67  GLN A OE1 1 
ATOM   518 N NE2 . GLN A 1 67  ? -8.930  -2.960  7.167   1.00 28.10 ? 67  GLN A NE2 1 
ATOM   519 N N   . VAL A 1 68  ? -2.544  -1.101  5.334   1.00 25.43 ? 68  VAL A N   1 
ATOM   520 C CA  . VAL A 1 68  ? -1.230  -0.687  5.791   1.00 25.76 ? 68  VAL A CA  1 
ATOM   521 C C   . VAL A 1 68  ? -1.458  0.149   7.039   1.00 27.83 ? 68  VAL A C   1 
ATOM   522 O O   . VAL A 1 68  ? -2.033  1.243   6.967   1.00 28.22 ? 68  VAL A O   1 
ATOM   523 C CB  . VAL A 1 68  ? -0.500  0.116   4.715   1.00 27.36 ? 68  VAL A CB  1 
ATOM   524 C CG1 . VAL A 1 68  ? 0.819   0.629   5.266   1.00 22.32 ? 68  VAL A CG1 1 
ATOM   525 C CG2 . VAL A 1 68  ? -0.301  -0.732  3.469   1.00 22.42 ? 68  VAL A CG2 1 
ATOM   526 N N   . ILE A 1 69  ? -1.041  -0.379  8.185   1.00 23.49 ? 69  ILE A N   1 
ATOM   527 C CA  . ILE A 1 69  ? -1.361  0.177   9.495   1.00 27.12 ? 69  ILE A CA  1 
ATOM   528 C C   . ILE A 1 69  ? -0.098  0.787   10.093  1.00 26.82 ? 69  ILE A C   1 
ATOM   529 O O   . ILE A 1 69  ? 0.917   0.096   10.281  1.00 25.91 ? 69  ILE A O   1 
ATOM   530 C CB  . ILE A 1 69  ? -1.935  -0.897  10.423  1.00 27.93 ? 69  ILE A CB  1 
ATOM   531 C CG1 . ILE A 1 69  ? -3.136  -1.602  9.743   1.00 31.65 ? 69  ILE A CG1 1 
ATOM   532 C CG2 . ILE A 1 69  ? -2.284  -0.291  11.788  1.00 26.49 ? 69  ILE A CG2 1 
ATOM   533 C CD1 . ILE A 1 69  ? -3.421  -3.022  10.270  1.00 28.49 ? 69  ILE A CD1 1 
ATOM   534 N N   . THR A 1 70  ? -0.188  2.056   10.456  1.00 27.68 ? 70  THR A N   1 
ATOM   535 C CA  . THR A 1 70  ? 0.883   2.787   11.112  1.00 27.17 ? 70  THR A CA  1 
ATOM   536 C C   . THR A 1 70  ? 0.443   3.045   12.541  1.00 32.77 ? 70  THR A C   1 
ATOM   537 O O   . THR A 1 70  ? -0.592  2.545   12.983  1.00 30.63 ? 70  THR A O   1 
ATOM   538 C CB  . THR A 1 70  ? 1.213   4.077   10.343  1.00 26.90 ? 70  THR A CB  1 
ATOM   539 O OG1 . THR A 1 70  ? 0.151   5.023   10.512  1.00 30.23 ? 70  THR A OG1 1 
ATOM   540 C CG2 . THR A 1 70  ? 1.400   3.775   8.831   1.00 23.38 ? 70  THR A CG2 1 
ATOM   541 N N   . GLY A 1 71  ? 1.244   3.800   13.291  1.00 33.17 ? 71  GLY A N   1 
ATOM   542 C CA  . GLY A 1 71  ? 0.885   4.046   14.674  1.00 31.96 ? 71  GLY A CA  1 
ATOM   543 C C   . GLY A 1 71  ? -0.488  4.680   14.828  1.00 32.83 ? 71  GLY A C   1 
ATOM   544 O O   . GLY A 1 71  ? -1.214  4.374   15.777  1.00 33.63 ? 71  GLY A O   1 
ATOM   545 N N   . GLN A 1 72  ? -0.786  5.692   14.018  1.00 32.38 ? 72  GLN A N   1 
ATOM   546 C CA  . GLN A 1 72  ? -2.038  6.427   14.159  1.00 38.39 ? 72  GLN A CA  1 
ATOM   547 C C   . GLN A 1 72  ? -3.020  6.293   12.997  1.00 30.21 ? 72  GLN A C   1 
ATOM   548 O O   . GLN A 1 72  ? -4.118  6.871   13.068  1.00 33.93 ? 72  GLN A O   1 
ATOM   549 C CB  . GLN A 1 72  ? -1.724  7.898   14.429  1.00 41.30 ? 72  GLN A CB  1 
ATOM   550 C CG  . GLN A 1 72  ? -0.924  8.058   15.692  1.00 44.21 ? 72  GLN A CG  1 
ATOM   551 C CD  . GLN A 1 72  ? -0.854  9.485   16.154  1.00 42.95 ? 72  GLN A CD  1 
ATOM   552 O OE1 . GLN A 1 72  ? -0.987  10.427  15.365  1.00 45.39 ? 72  GLN A OE1 1 
ATOM   553 N NE2 . GLN A 1 72  ? -0.657  9.656   17.438  1.00 44.87 ? 72  GLN A NE2 1 
ATOM   554 N N   . ARG A 1 73  ? -2.671  5.591   11.927  1.00 29.22 ? 73  ARG A N   1 
ATOM   555 C CA  . ARG A 1 73  ? -3.460  5.650   10.700  1.00 33.01 ? 73  ARG A CA  1 
ATOM   556 C C   . ARG A 1 73  ? -3.548  4.289   10.031  1.00 29.25 ? 73  ARG A C   1 
ATOM   557 O O   . ARG A 1 73  ? -2.692  3.425   10.213  1.00 30.67 ? 73  ARG A O   1 
ATOM   558 C CB  . ARG A 1 73  ? -2.869  6.653   9.700   1.00 35.30 ? 73  ARG A CB  1 
ATOM   559 C CG  . ARG A 1 73  ? -2.934  8.096   10.165  1.00 36.58 ? 73  ARG A CG  1 
ATOM   560 C CD  . ARG A 1 73  ? -2.154  8.979   9.194   1.00 42.67 ? 73  ARG A CD  1 
ATOM   561 N NE  . ARG A 1 73  ? -2.072  10.331  9.720   1.00 55.44 ? 73  ARG A NE  1 
ATOM   562 C CZ  . ARG A 1 73  ? -2.967  11.267  9.448   1.00 63.80 ? 73  ARG A CZ  1 
ATOM   563 N NH1 . ARG A 1 73  ? -3.971  10.973  8.631   1.00 64.47 ? 73  ARG A NH1 1 
ATOM   564 N NH2 . ARG A 1 73  ? -2.852  12.483  9.980   1.00 68.95 ? 73  ARG A NH2 1 
ATOM   565 N N   . VAL A 1 74  ? -4.588  4.110   9.225   1.00 28.99 ? 74  VAL A N   1 
ATOM   566 C CA  . VAL A 1 74  ? -4.686  2.961   8.340   1.00 29.42 ? 74  VAL A CA  1 
ATOM   567 C C   . VAL A 1 74  ? -4.858  3.479   6.922   1.00 32.60 ? 74  VAL A C   1 
ATOM   568 O O   . VAL A 1 74  ? -5.518  4.506   6.699   1.00 32.00 ? 74  VAL A O   1 
ATOM   569 C CB  . VAL A 1 74  ? -5.836  2.012   8.740   1.00 25.77 ? 74  VAL A CB  1 
ATOM   570 C CG1 . VAL A 1 74  ? -7.209  2.721   8.654   1.00 27.49 ? 74  VAL A CG1 1 
ATOM   571 C CG2 . VAL A 1 74  ? -5.799  0.746   7.879   1.00 25.53 ? 74  VAL A CG2 1 
ATOM   572 N N   . PHE A 1 75  ? -4.230  2.789   5.976   1.00 24.63 ? 75  PHE A N   1 
ATOM   573 C CA  . PHE A 1 75  ? -4.352  3.057   4.548   1.00 30.31 ? 75  PHE A CA  1 
ATOM   574 C C   . PHE A 1 75  ? -4.916  1.800   3.922   1.00 33.58 ? 75  PHE A C   1 
ATOM   575 O O   . PHE A 1 75  ? -4.309  0.731   4.031   1.00 31.15 ? 75  PHE A O   1 
ATOM   576 C CB  . PHE A 1 75  ? -2.997  3.444   3.928   1.00 23.37 ? 75  PHE A CB  1 
ATOM   577 C CG  . PHE A 1 75  ? -2.389  4.666   4.572   1.00 29.02 ? 75  PHE A CG  1 
ATOM   578 C CD1 . PHE A 1 75  ? -1.722  4.566   5.791   1.00 26.44 ? 75  PHE A CD1 1 
ATOM   579 C CD2 . PHE A 1 75  ? -2.544  5.922   3.998   1.00 32.82 ? 75  PHE A CD2 1 
ATOM   580 C CE1 . PHE A 1 75  ? -1.174  5.691   6.407   1.00 29.79 ? 75  PHE A CE1 1 
ATOM   581 C CE2 . PHE A 1 75  ? -2.003  7.072   4.614   1.00 33.31 ? 75  PHE A CE2 1 
ATOM   582 C CZ  . PHE A 1 75  ? -1.320  6.953   5.819   1.00 34.85 ? 75  PHE A CZ  1 
ATOM   583 N N   . VAL A 1 76  ? -6.086  1.914   3.298   1.00 28.08 ? 76  VAL A N   1 
ATOM   584 C CA  . VAL A 1 76  ? -6.826  0.757   2.814   1.00 30.74 ? 76  VAL A CA  1 
ATOM   585 C C   . VAL A 1 76  ? -6.789  0.757   1.292   1.00 32.07 ? 76  VAL A C   1 
ATOM   586 O O   . VAL A 1 76  ? -7.249  1.710   0.651   1.00 29.41 ? 76  VAL A O   1 
ATOM   587 C CB  . VAL A 1 76  ? -8.276  0.758   3.322   1.00 28.64 ? 76  VAL A CB  1 
ATOM   588 C CG1 . VAL A 1 76  ? -8.978  -0.538  2.892   1.00 30.93 ? 76  VAL A CG1 1 
ATOM   589 C CG2 . VAL A 1 76  ? -8.323  0.963   4.811   1.00 27.89 ? 76  VAL A CG2 1 
ATOM   590 N N   . PHE A 1 77  ? -6.275  -0.324  0.714   1.00 27.45 ? 77  PHE A N   1 
ATOM   591 C CA  . PHE A 1 77  ? -6.179  -0.480  -0.730  1.00 27.42 ? 77  PHE A CA  1 
ATOM   592 C C   . PHE A 1 77  ? -6.997  -1.683  -1.175  1.00 31.09 ? 77  PHE A C   1 
ATOM   593 O O   . PHE A 1 77  ? -7.155  -2.656  -0.428  1.00 30.86 ? 77  PHE A O   1 
ATOM   594 C CB  . PHE A 1 77  ? -4.722  -0.642  -1.164  1.00 28.95 ? 77  PHE A CB  1 
ATOM   595 C CG  . PHE A 1 77  ? -3.863  0.534   -0.824  1.00 31.54 ? 77  PHE A CG  1 
ATOM   596 C CD1 . PHE A 1 77  ? -3.731  1.591   -1.712  1.00 32.93 ? 77  PHE A CD1 1 
ATOM   597 C CD2 . PHE A 1 77  ? -3.183  0.587   0.397   1.00 33.04 ? 77  PHE A CD2 1 
ATOM   598 C CE1 . PHE A 1 77  ? -2.941  2.685   -1.389  1.00 33.38 ? 77  PHE A CE1 1 
ATOM   599 C CE2 . PHE A 1 77  ? -2.391  1.663   0.722   1.00 26.63 ? 77  PHE A CE2 1 
ATOM   600 C CZ  . PHE A 1 77  ? -2.270  2.720   -0.160  1.00 32.37 ? 77  PHE A CZ  1 
ATOM   601 N N   . ARG A 1 78  ? -7.531  -1.600  -2.392  1.00 28.20 ? 78  ARG A N   1 
ATOM   602 C CA  . ARG A 1 78  ? -8.355  -2.656  -2.956  1.00 29.96 ? 78  ARG A CA  1 
ATOM   603 C C   . ARG A 1 78  ? -7.818  -3.000  -4.340  1.00 34.35 ? 78  ARG A C   1 
ATOM   604 O O   . ARG A 1 78  ? -7.485  -2.100  -5.125  1.00 30.47 ? 78  ARG A O   1 
ATOM   605 C CB  . ARG A 1 78  ? -9.825  -2.238  -3.028  1.00 29.76 ? 78  ARG A CB  1 
ATOM   606 C CG  . ARG A 1 78  ? -10.757 -3.357  -3.499  1.00 36.05 ? 78  ARG A CG  1 
ATOM   607 C CD  . ARG A 1 78  ? -12.191 -2.870  -3.542  1.00 40.25 ? 78  ARG A CD  1 
ATOM   608 N NE  . ARG A 1 78  ? -12.337 -1.750  -4.472  1.00 48.16 ? 78  ARG A NE  1 
ATOM   609 C CZ  . ARG A 1 78  ? -13.367 -0.911  -4.481  1.00 48.35 ? 78  ARG A CZ  1 
ATOM   610 N NH1 . ARG A 1 78  ? -14.344 -1.055  -3.595  1.00 46.20 ? 78  ARG A NH1 1 
ATOM   611 N NH2 . ARG A 1 78  ? -13.411 0.082   -5.362  1.00 49.16 ? 78  ARG A NH2 1 
ATOM   612 N N   . THR A 1 79  ? -7.697  -4.298  -4.617  1.00 32.56 ? 79  THR A N   1 
ATOM   613 C CA  . THR A 1 79  ? -7.140  -4.779  -5.872  1.00 32.82 ? 79  THR A CA  1 
ATOM   614 C C   . THR A 1 79  ? -8.251  -5.336  -6.745  1.00 35.98 ? 79  THR A C   1 
ATOM   615 O O   . THR A 1 79  ? -9.396  -5.495  -6.305  1.00 36.46 ? 79  THR A O   1 
ATOM   616 C CB  . THR A 1 79  ? -6.072  -5.851  -5.615  1.00 36.79 ? 79  THR A CB  1 
ATOM   617 O OG1 . THR A 1 79  ? -6.657  -6.946  -4.901  1.00 36.47 ? 79  THR A OG1 1 
ATOM   618 C CG2 . THR A 1 79  ? -4.905  -5.267  -4.807  1.00 25.49 ? 79  THR A CG2 1 
ATOM   619 N N   . GLU A 1 80  ? -7.881  -5.704  -7.977  1.00 31.76 ? 80  GLU A N   1 
ATOM   620 C CA  . GLU A 1 80  ? -8.843  -6.322  -8.877  1.00 39.21 ? 80  GLU A CA  1 
ATOM   621 C C   . GLU A 1 80  ? -9.054  -7.791  -8.564  1.00 40.11 ? 80  GLU A C   1 
ATOM   622 O O   . GLU A 1 80  ? -10.139 -8.329  -8.820  1.00 40.28 ? 80  GLU A O   1 
ATOM   623 C CB  . GLU A 1 80  ? -8.398  -6.167  -10.332 1.00 47.01 ? 80  GLU A CB  1 
ATOM   624 C CG  . GLU A 1 80  ? -8.781  -4.834  -10.956 1.00 58.10 ? 80  GLU A CG  1 
ATOM   625 C CD  . GLU A 1 80  ? -10.284 -4.582  -10.919 1.00 66.46 ? 80  GLU A CD  1 
ATOM   626 O OE1 . GLU A 1 80  ? -10.689 -3.455  -10.561 1.00 68.98 ? 80  GLU A OE1 1 
ATOM   627 O OE2 . GLU A 1 80  ? -11.063 -5.511  -11.238 1.00 69.12 ? 80  GLU A OE2 1 
ATOM   628 N N   . SER A 1 81  ? -8.047  -8.469  -8.030  1.00 34.30 ? 81  SER A N   1 
ATOM   629 C CA  . SER A 1 81  ? -8.194  -9.890  -7.780  1.00 34.88 ? 81  SER A CA  1 
ATOM   630 C C   . SER A 1 81  ? -7.593  -10.228 -6.432  1.00 34.12 ? 81  SER A C   1 
ATOM   631 O O   . SER A 1 81  ? -6.784  -9.483  -5.879  1.00 33.27 ? 81  SER A O   1 
ATOM   632 C CB  . SER A 1 81  ? -7.521  -10.741 -8.871  1.00 40.73 ? 81  SER A CB  1 
ATOM   633 O OG  . SER A 1 81  ? -6.113  -10.767 -8.650  1.00 40.00 ? 81  SER A OG  1 
ATOM   634 N N   . GLU A 1 82  ? -7.991  -11.395 -5.923  1.00 32.84 ? 82  GLU A N   1 
ATOM   635 C CA  . GLU A 1 82  ? -7.497  -11.858 -4.634  1.00 30.48 ? 82  GLU A CA  1 
ATOM   636 C C   . GLU A 1 82  ? -6.003  -12.161 -4.672  1.00 29.65 ? 82  GLU A C   1 
ATOM   637 O O   . GLU A 1 82  ? -5.275  -11.817 -3.737  1.00 32.88 ? 82  GLU A O   1 
ATOM   638 C CB  . GLU A 1 82  ? -8.270  -13.103 -4.218  1.00 33.92 ? 82  GLU A CB  1 
ATOM   639 C CG  . GLU A 1 82  ? -7.894  -13.580 -2.841  1.00 41.93 ? 82  GLU A CG  1 
ATOM   640 C CD  . GLU A 1 82  ? -8.711  -14.776 -2.432  1.00 49.27 ? 82  GLU A CD  1 
ATOM   641 O OE1 . GLU A 1 82  ? -9.939  -14.706 -2.542  1.00 52.75 ? 82  GLU A OE1 1 
ATOM   642 O OE2 . GLU A 1 82  ? -8.132  -15.787 -2.014  1.00 55.83 ? 82  GLU A OE2 1 
ATOM   643 N N   . ALA A 1 83  ? -5.537  -12.845 -5.720  1.00 31.71 ? 83  ALA A N   1 
ATOM   644 C CA  . ALA A 1 83  ? -4.113  -13.147 -5.828  1.00 33.18 ? 83  ALA A CA  1 
ATOM   645 C C   . ALA A 1 83  ? -3.277  -11.872 -5.845  1.00 32.06 ? 83  ALA A C   1 
ATOM   646 O O   . ALA A 1 83  ? -2.208  -11.808 -5.231  1.00 30.54 ? 83  ALA A O   1 
ATOM   647 C CB  . ALA A 1 83  ? -3.855  -13.988 -7.088  1.00 31.85 ? 83  ALA A CB  1 
ATOM   648 N N   . GLN A 1 84  ? -3.739  -10.846 -6.559  1.00 28.88 ? 84  GLN A N   1 
ATOM   649 C CA  . GLN A 1 84  ? -3.031  -9.570  -6.566  1.00 28.81 ? 84  GLN A CA  1 
ATOM   650 C C   . GLN A 1 84  ? -2.952  -8.964  -5.167  1.00 30.18 ? 84  GLN A C   1 
ATOM   651 O O   . GLN A 1 84  ? -1.892  -8.460  -4.745  1.00 25.02 ? 84  GLN A O   1 
ATOM   652 C CB  . GLN A 1 84  ? -3.736  -8.629  -7.540  1.00 27.72 ? 84  GLN A CB  1 
ATOM   653 C CG  . GLN A 1 84  ? -3.031  -7.338  -7.799  1.00 47.53 ? 84  GLN A CG  1 
ATOM   654 C CD  . GLN A 1 84  ? -3.891  -6.408  -8.653  1.00 52.05 ? 84  GLN A CD  1 
ATOM   655 O OE1 . GLN A 1 84  ? -5.059  -6.720  -8.970  1.00 48.26 ? 84  GLN A OE1 1 
ATOM   656 N NE2 . GLN A 1 84  ? -3.324  -5.259  -9.023  1.00 49.38 ? 84  GLN A NE2 1 
ATOM   657 N N   . ARG A 1 85  ? -4.067  -8.992  -4.431  1.00 29.16 ? 85  ARG A N   1 
ATOM   658 C CA  . ARG A 1 85  ? -4.062  -8.502  -3.052  1.00 28.33 ? 85  ARG A CA  1 
ATOM   659 C C   . ARG A 1 85  ? -3.051  -9.272  -2.206  1.00 28.51 ? 85  ARG A C   1 
ATOM   660 O O   . ARG A 1 85  ? -2.273  -8.678  -1.434  1.00 25.88 ? 85  ARG A O   1 
ATOM   661 C CB  . ARG A 1 85  ? -5.479  -8.613  -2.461  1.00 25.18 ? 85  ARG A CB  1 
ATOM   662 C CG  . ARG A 1 85  ? -5.620  -8.154  -1.007  1.00 24.51 ? 85  ARG A CG  1 
ATOM   663 C CD  . ARG A 1 85  ? -5.082  -9.191  -0.008  1.00 24.60 ? 85  ARG A CD  1 
ATOM   664 N NE  . ARG A 1 85  ? -5.783  -10.478 -0.032  1.00 30.25 ? 85  ARG A NE  1 
ATOM   665 C CZ  . ARG A 1 85  ? -7.043  -10.670 0.367   1.00 36.46 ? 85  ARG A CZ  1 
ATOM   666 N NH1 . ARG A 1 85  ? -7.782  -9.652  0.815   1.00 32.92 ? 85  ARG A NH1 1 
ATOM   667 N NH2 . ARG A 1 85  ? -7.574  -11.888 0.306   1.00 34.33 ? 85  ARG A NH2 1 
ATOM   668 N N   . ASP A 1 86  ? -3.066  -10.605 -2.325  1.00 25.42 ? 86  ASP A N   1 
ATOM   669 C CA  . ASP A 1 86  ? -2.094  -11.436 -1.624  1.00 28.54 ? 86  ASP A CA  1 
ATOM   670 C C   . ASP A 1 86  ? -0.667  -11.010 -1.940  1.00 28.25 ? 86  ASP A C   1 
ATOM   671 O O   . ASP A 1 86  ? 0.195   -11.003 -1.059  1.00 26.97 ? 86  ASP A O   1 
ATOM   672 C CB  . ASP A 1 86  ? -2.270  -12.906 -2.018  1.00 28.70 ? 86  ASP A CB  1 
ATOM   673 C CG  . ASP A 1 86  ? -3.596  -13.485 -1.582  1.00 31.46 ? 86  ASP A CG  1 
ATOM   674 O OD1 . ASP A 1 86  ? -4.275  -12.871 -0.742  1.00 26.73 ? 86  ASP A OD1 1 
ATOM   675 O OD2 . ASP A 1 86  ? -3.946  -14.576 -2.087  1.00 29.04 ? 86  ASP A OD2 1 
ATOM   676 N N   . MET A 1 87  ? -0.375  -10.734 -3.212  1.00 24.51 ? 87  MET A N   1 
ATOM   677 C CA  . MET A 1 87  ? 0.990   -10.392 -3.589  1.00 29.41 ? 87  MET A CA  1 
ATOM   678 C C   . MET A 1 87  ? 1.434   -9.104  -2.909  1.00 23.78 ? 87  MET A C   1 
ATOM   679 O O   . MET A 1 87  ? 2.546   -9.032  -2.357  1.00 26.54 ? 87  MET A O   1 
ATOM   680 C CB  . MET A 1 87  ? 1.103   -10.262 -5.108  1.00 31.99 ? 87  MET A CB  1 
ATOM   681 C CG  . MET A 1 87  ? 2.553   -10.049 -5.586  1.00 40.45 ? 87  MET A CG  1 
ATOM   682 S SD  . MET A 1 87  ? 2.649   -9.943  -7.390  1.00 43.39 ? 87  MET A SD  1 
ATOM   683 C CE  . MET A 1 87  ? 1.594   -8.530  -7.726  1.00 35.70 ? 87  MET A CE  1 
ATOM   684 N N   . TRP A 1 88  ? 0.583   -8.069  -2.942  1.00 22.76 ? 88  TRP A N   1 
ATOM   685 C CA  . TRP A 1 88  ? 0.935   -6.816  -2.265  1.00 30.64 ? 88  TRP A CA  1 
ATOM   686 C C   . TRP A 1 88  ? 1.077   -7.021  -0.761  1.00 29.98 ? 88  TRP A C   1 
ATOM   687 O O   . TRP A 1 88  ? 2.047   -6.563  -0.139  1.00 28.02 ? 88  TRP A O   1 
ATOM   688 C CB  . TRP A 1 88  ? -0.110  -5.732  -2.542  1.00 24.79 ? 88  TRP A CB  1 
ATOM   689 C CG  . TRP A 1 88  ? -0.014  -5.135  -3.924  1.00 25.58 ? 88  TRP A CG  1 
ATOM   690 C CD1 . TRP A 1 88  ? -0.517  -5.654  -5.083  1.00 33.98 ? 88  TRP A CD1 1 
ATOM   691 C CD2 . TRP A 1 88  ? 0.608   -3.891  -4.275  1.00 29.19 ? 88  TRP A CD2 1 
ATOM   692 N NE1 . TRP A 1 88  ? -0.229  -4.815  -6.148  1.00 33.01 ? 88  TRP A NE1 1 
ATOM   693 C CE2 . TRP A 1 88  ? 0.453   -3.722  -5.672  1.00 33.60 ? 88  TRP A CE2 1 
ATOM   694 C CE3 . TRP A 1 88  ? 1.296   -2.911  -3.544  1.00 28.14 ? 88  TRP A CE3 1 
ATOM   695 C CZ2 . TRP A 1 88  ? 0.965   -2.597  -6.364  1.00 30.82 ? 88  TRP A CZ2 1 
ATOM   696 C CZ3 . TRP A 1 88  ? 1.804   -1.789  -4.240  1.00 30.08 ? 88  TRP A CZ3 1 
ATOM   697 C CH2 . TRP A 1 88  ? 1.629   -1.650  -5.631  1.00 27.14 ? 88  TRP A CH2 1 
ATOM   698 N N   . CYS A 1 89  ? 0.119   -7.728  -0.165  1.00 26.70 ? 89  CYS A N   1 
ATOM   699 C CA  . CYS A 1 89  ? 0.136   -7.912  1.278   1.00 21.39 ? 89  CYS A CA  1 
ATOM   700 C C   . CYS A 1 89  ? 1.361   -8.712  1.718   1.00 21.90 ? 89  CYS A C   1 
ATOM   701 O O   . CYS A 1 89  ? 2.049   -8.340  2.666   1.00 23.03 ? 89  CYS A O   1 
ATOM   702 C CB  . CYS A 1 89  ? -1.159  -8.596  1.716   1.00 23.73 ? 89  CYS A CB  1 
ATOM   703 S SG  . CYS A 1 89  ? -1.239  -8.746  3.486   1.00 29.98 ? 89  CYS A SG  1 
ATOM   704 N N   . SER A 1 90  ? 1.652   -9.823  1.052   1.00 21.20 ? 90  SER A N   1 
ATOM   705 C CA  . SER A 1 90  ? 2.771   -10.643 1.493   1.00 25.40 ? 90  SER A CA  1 
ATOM   706 C C   . SER A 1 90  ? 4.115   -9.980  1.181   1.00 27.56 ? 90  SER A C   1 
ATOM   707 O O   . SER A 1 90  ? 5.078   -10.151 1.935   1.00 22.55 ? 90  SER A O   1 
ATOM   708 C CB  . SER A 1 90  ? 2.682   -12.032 0.862   1.00 26.43 ? 90  SER A CB  1 
ATOM   709 O OG  . SER A 1 90  ? 2.808   -11.927 -0.553  1.00 32.59 ? 90  SER A OG  1 
ATOM   710 N N   . THR A 1 91  ? 4.213   -9.204  0.095   1.00 23.73 ? 91  THR A N   1 
ATOM   711 C CA  . THR A 1 91  ? 5.455   -8.473  -0.125  1.00 22.82 ? 91  THR A CA  1 
ATOM   712 C C   . THR A 1 91  ? 5.696   -7.485  1.012   1.00 24.90 ? 91  THR A C   1 
ATOM   713 O O   . THR A 1 91  ? 6.769   -7.482  1.637   1.00 26.96 ? 91  THR A O   1 
ATOM   714 C CB  . THR A 1 91  ? 5.424   -7.768  -1.486  1.00 23.66 ? 91  THR A CB  1 
ATOM   715 O OG1 . THR A 1 91  ? 5.358   -8.763  -2.501  1.00 23.53 ? 91  THR A OG1 1 
ATOM   716 C CG2 . THR A 1 91  ? 6.708   -6.945  -1.706  1.00 25.96 ? 91  THR A CG2 1 
ATOM   717 N N   . LEU A 1 92  ? 4.683   -6.672  1.329   1.00 22.66 ? 92  LEU A N   1 
ATOM   718 C CA  . LEU A 1 92  ? 4.817   -5.739  2.448   1.00 21.63 ? 92  LEU A CA  1 
ATOM   719 C C   . LEU A 1 92  ? 5.141   -6.462  3.753   1.00 27.41 ? 92  LEU A C   1 
ATOM   720 O O   . LEU A 1 92  ? 6.037   -6.055  4.506   1.00 26.94 ? 92  LEU A O   1 
ATOM   721 C CB  . LEU A 1 92  ? 3.537   -4.920  2.587   1.00 20.84 ? 92  LEU A CB  1 
ATOM   722 C CG  . LEU A 1 92  ? 3.442   -3.743  1.618   1.00 25.72 ? 92  LEU A CG  1 
ATOM   723 C CD1 . LEU A 1 92  ? 1.978   -3.335  1.419   1.00 30.06 ? 92  LEU A CD1 1 
ATOM   724 C CD2 . LEU A 1 92  ? 4.227   -2.554  2.135   1.00 30.15 ? 92  LEU A CD2 1 
ATOM   725 N N   . GLN A 1 93  ? 4.427   -7.546  4.043   1.00 25.00 ? 93  GLN A N   1 
ATOM   726 C CA  . GLN A 1 93  ? 4.718   -8.291  5.261   1.00 23.92 ? 93  GLN A CA  1 
ATOM   727 C C   . GLN A 1 93  ? 6.160   -8.764  5.289   1.00 25.37 ? 93  GLN A C   1 
ATOM   728 O O   . GLN A 1 93  ? 6.811   -8.717  6.335   1.00 24.87 ? 93  GLN A O   1 
ATOM   729 C CB  . GLN A 1 93  ? 3.750   -9.472  5.386   1.00 24.80 ? 93  GLN A CB  1 
ATOM   730 C CG  . GLN A 1 93  ? 2.369   -8.998  5.733   1.00 25.77 ? 93  GLN A CG  1 
ATOM   731 C CD  . GLN A 1 93  ? 1.363   -10.097 5.815   1.00 32.94 ? 93  GLN A CD  1 
ATOM   732 O OE1 . GLN A 1 93  ? 1.556   -11.174 5.249   1.00 29.10 ? 93  GLN A OE1 1 
ATOM   733 N NE2 . GLN A 1 93  ? 0.258   -9.832  6.516   1.00 30.47 ? 93  GLN A NE2 1 
ATOM   734 N N   . SER A 1 94  ? 6.680   -9.241  4.153   1.00 22.52 ? 94  SER A N   1 
ATOM   735 C CA  . SER A 1 94  ? 8.048   -9.752  4.154   1.00 28.81 ? 94  SER A CA  1 
ATOM   736 C C   . SER A 1 94  ? 9.040   -8.641  4.448   1.00 26.39 ? 94  SER A C   1 
ATOM   737 O O   . SER A 1 94  ? 9.977   -8.819  5.246   1.00 25.33 ? 94  SER A O   1 
ATOM   738 C CB  . SER A 1 94  ? 8.371   -10.413 2.813   1.00 34.10 ? 94  SER A CB  1 
ATOM   739 O OG  . SER A 1 94  ? 7.684   -11.646 2.714   1.00 44.74 ? 94  SER A OG  1 
ATOM   740 N N   . CYS A 1 95  ? 8.846   -7.475  3.817   1.00 25.51 ? 95  CYS A N   1 
ATOM   741 C CA  . CYS A 1 95  ? 9.744   -6.357  4.094   1.00 27.47 ? 95  CYS A CA  1 
ATOM   742 C C   . CYS A 1 95  ? 9.675   -5.962  5.561   1.00 28.71 ? 95  CYS A C   1 
ATOM   743 O O   . CYS A 1 95  ? 10.709  -5.689  6.196   1.00 29.29 ? 95  CYS A O   1 
ATOM   744 C CB  . CYS A 1 95  ? 9.405   -5.195  3.166   1.00 31.18 ? 95  CYS A CB  1 
ATOM   745 S SG  . CYS A 1 95  ? 9.901   -5.637  1.469   1.00 28.17 ? 95  CYS A SG  1 
ATOM   746 N N   . LEU A 1 96  ? 8.469   -5.997  6.136   1.00 24.34 ? 96  LEU A N   1 
ATOM   747 C CA  . LEU A 1 96  ? 8.300   -5.620  7.540   1.00 28.12 ? 96  LEU A CA  1 
ATOM   748 C C   . LEU A 1 96  ? 8.934   -6.644  8.458   1.00 30.08 ? 96  LEU A C   1 
ATOM   749 O O   . LEU A 1 96  ? 9.456   -6.291  9.519   1.00 34.70 ? 96  LEU A O   1 
ATOM   750 C CB  . LEU A 1 96  ? 6.811   -5.469  7.862   1.00 33.07 ? 96  LEU A CB  1 
ATOM   751 C CG  . LEU A 1 96  ? 6.082   -4.375  7.082   1.00 33.57 ? 96  LEU A CG  1 
ATOM   752 C CD1 . LEU A 1 96  ? 4.509   -4.527  7.038   1.00 30.91 ? 96  LEU A CD1 1 
ATOM   753 C CD2 . LEU A 1 96  ? 6.495   -3.039  7.697   1.00 35.34 ? 96  LEU A CD2 1 
ATOM   754 N N   . LYS A 1 97  ? 8.910   -7.915  8.062   1.00 32.03 ? 97  LYS A N   1 
ATOM   755 C CA  . LYS A 1 97  ? 9.592   -8.944  8.833   1.00 32.70 ? 97  LYS A CA  1 
ATOM   756 C C   . LYS A 1 97  ? 11.098  -8.734  8.814   1.00 32.69 ? 97  LYS A C   1 
ATOM   757 O O   . LYS A 1 97  ? 11.768  -8.911  9.839   1.00 33.69 ? 97  LYS A O   1 
ATOM   758 C CB  . LYS A 1 97  ? 9.226   -10.327 8.289   1.00 29.74 ? 97  LYS A CB  1 
ATOM   759 C CG  . LYS A 1 97  ? 9.879   -11.482 9.023   1.00 32.39 ? 97  LYS A CG  1 
ATOM   760 C CD  . LYS A 1 97  ? 9.253   -12.806 8.528   1.00 32.33 ? 97  LYS A CD  1 
ATOM   761 C CE  . LYS A 1 97  ? 10.013  -14.028 8.953   1.00 43.68 ? 97  LYS A CE  1 
ATOM   762 N NZ  . LYS A 1 97  ? 9.252   -15.240 8.490   1.00 44.01 ? 97  LYS A NZ  1 
ATOM   763 N N   . GLU A 1 98  ? 11.655  -8.358  7.661   1.00 29.60 ? 98  GLU A N   1 
ATOM   764 C CA  . GLU A 1 98  ? 13.087  -8.077  7.610   1.00 31.27 ? 98  GLU A CA  1 
ATOM   765 C C   . GLU A 1 98  ? 13.430  -6.886  8.503   1.00 37.76 ? 98  GLU A C   1 
ATOM   766 O O   . GLU A 1 98  ? 14.394  -6.929  9.264   1.00 36.11 ? 98  GLU A O   1 
ATOM   767 C CB  . GLU A 1 98  ? 13.528  -7.815  6.162   1.00 31.15 ? 98  GLU A CB  1 
ATOM   768 C CG  . GLU A 1 98  ? 15.064  -7.670  5.930   1.00 33.38 ? 98  GLU A CG  1 
ATOM   769 C CD  . GLU A 1 98  ? 15.812  -9.017  5.971   1.00 64.42 ? 98  GLU A CD  1 
ATOM   770 O OE1 . GLU A 1 98  ? 15.272  -10.007 6.511   1.00 65.71 ? 98  GLU A OE1 1 
ATOM   771 O OE2 . GLU A 1 98  ? 16.953  -9.095  5.474   1.00 63.63 ? 98  GLU A OE2 1 
ATOM   772 N N   . GLN A 1 99  ? 12.650  -5.803  8.405   1.00 35.27 ? 99  GLN A N   1 
ATOM   773 C CA  . GLN A 1 99  ? 12.851  -4.628  9.252   1.00 33.88 ? 99  GLN A CA  1 
ATOM   774 C C   . GLN A 1 99  ? 12.780  -4.988  10.728  1.00 37.63 ? 99  GLN A C   1 
ATOM   775 O O   . GLN A 1 99  ? 13.583  -4.513  11.532  1.00 40.43 ? 99  GLN A O   1 
ATOM   776 C CB  . GLN A 1 99  ? 11.792  -3.567  8.920   1.00 35.57 ? 99  GLN A CB  1 
ATOM   777 C CG  . GLN A 1 99  ? 11.661  -2.405  9.943   1.00 37.31 ? 99  GLN A CG  1 
ATOM   778 C CD  . GLN A 1 99  ? 10.720  -1.307  9.446   1.00 37.88 ? 99  GLN A CD  1 
ATOM   779 O OE1 . GLN A 1 99  ? 11.160  -0.363  8.783   1.00 39.85 ? 99  GLN A OE1 1 
ATOM   780 N NE2 . GLN A 1 99  ? 9.412   -1.435  9.749   1.00 31.17 ? 99  GLN A NE2 1 
ATOM   781 N N   . ARG A 1 100 ? 11.818  -5.832  11.095  1.00 34.05 ? 100 ARG A N   1 
ATOM   782 C CA  . ARG A 1 100 ? 11.616  -6.220  12.484  1.00 36.88 ? 100 ARG A CA  1 
ATOM   783 C C   . ARG A 1 100 ? 12.783  -7.062  13.000  1.00 47.01 ? 100 ARG A C   1 
ATOM   784 O O   . ARG A 1 100 ? 13.211  -6.901  14.151  1.00 51.19 ? 100 ARG A O   1 
ATOM   785 C CB  . ARG A 1 100 ? 10.286  -6.968  12.569  1.00 38.59 ? 100 ARG A CB  1 
ATOM   786 C CG  . ARG A 1 100 ? 9.755   -7.281  13.929  1.00 46.12 ? 100 ARG A CG  1 
ATOM   787 C CD  . ARG A 1 100 ? 8.415   -7.989  13.775  1.00 53.18 ? 100 ARG A CD  1 
ATOM   788 N NE  . ARG A 1 100 ? 7.483   -7.250  12.915  1.00 55.44 ? 100 ARG A NE  1 
ATOM   789 C CZ  . ARG A 1 100 ? 6.856   -7.766  11.856  1.00 55.79 ? 100 ARG A CZ  1 
ATOM   790 N NH1 . ARG A 1 100 ? 7.049   -9.040  11.510  1.00 52.24 ? 100 ARG A NH1 1 
ATOM   791 N NH2 . ARG A 1 100 ? 6.026   -7.006  11.143  1.00 56.02 ? 100 ARG A NH2 1 
ATOM   792 N N   . LEU A 1 101 ? 13.343  -7.934  12.160  1.00 43.10 ? 101 LEU A N   1 
ATOM   793 C CA  . LEU A 1 101 ? 14.427  -8.820  12.611  1.00 50.47 ? 101 LEU A CA  1 
ATOM   794 C C   . LEU A 1 101 ? 15.807  -8.148  12.528  1.00 53.10 ? 101 LEU A C   1 
ATOM   795 O O   . LEU A 1 101 ? 15.923  -6.948  12.213  1.00 50.59 ? 101 LEU A O   1 
ATOM   796 C CB  . LEU A 1 101 ? 14.426  -10.128 11.797  1.00 49.53 ? 101 LEU A CB  1 
ATOM   797 C CG  . LEU A 1 101 ? 13.368  -11.224 12.030  1.00 46.98 ? 101 LEU A CG  1 
ATOM   798 C CD1 . LEU A 1 101 ? 11.986  -10.657 12.348  1.00 47.29 ? 101 LEU A CD1 1 
ATOM   799 C CD2 . LEU A 1 101 ? 13.264  -12.139 10.789  1.00 44.08 ? 101 LEU A CD2 1 
HETATM 800 C C1  . PEG B 2 .   ? -0.277  10.719  4.364   1.00 44.02 ? 201 PEG A C1  1 
HETATM 801 O O1  . PEG B 2 .   ? -0.205  11.416  5.588   1.00 43.34 ? 201 PEG A O1  1 
HETATM 802 C C2  . PEG B 2 .   ? 1.108   10.175  3.976   1.00 41.10 ? 201 PEG A C2  1 
HETATM 803 O O2  . PEG B 2 .   ? 1.711   11.037  3.055   1.00 34.60 ? 201 PEG A O2  1 
HETATM 804 C C3  . PEG B 2 .   ? 2.776   11.836  3.519   1.00 33.40 ? 201 PEG A C3  1 
HETATM 805 C C4  . PEG B 2 .   ? 3.023   12.928  2.479   1.00 33.62 ? 201 PEG A C4  1 
HETATM 806 O O4  . PEG B 2 .   ? 4.054   12.606  1.575   1.00 31.72 ? 201 PEG A O4  1 
HETATM 807 H H11 . PEG B 2 .   ? -0.590  11.320  3.671   1.00 52.83 ? 201 PEG A H11 1 
HETATM 808 H H12 . PEG B 2 .   ? -0.899  9.979   4.453   1.00 52.83 ? 201 PEG A H12 1 
HETATM 809 H HO1 . PEG B 2 .   ? -0.515  10.929  6.211   1.00 52.00 ? 201 PEG A HO1 1 
HETATM 810 H H21 . PEG B 2 .   ? 1.008   9.295   3.579   1.00 49.32 ? 201 PEG A H21 1 
HETATM 811 H H22 . PEG B 2 .   ? 1.663   10.110  4.770   1.00 49.32 ? 201 PEG A H22 1 
HETATM 812 H H31 . PEG B 2 .   ? 3.573   11.294  3.624   1.00 40.08 ? 201 PEG A H31 1 
HETATM 813 H H32 . PEG B 2 .   ? 2.538   12.240  4.369   1.00 40.08 ? 201 PEG A H32 1 
HETATM 814 H H41 . PEG B 2 .   ? 3.258   13.749  2.939   1.00 40.34 ? 201 PEG A H41 1 
HETATM 815 H H42 . PEG B 2 .   ? 2.205   13.073  1.978   1.00 40.34 ? 201 PEG A H42 1 
HETATM 816 H HO4 . PEG B 2 .   ? 4.759   13.034  1.784   1.00 38.07 ? 201 PEG A HO4 1 
HETATM 817 O O   . HOH C 3 .   ? 3.189   3.891   17.160  1.00 35.85 ? 301 HOH A O   1 
HETATM 818 O O   . HOH C 3 .   ? -3.297  10.921  1.305   1.00 42.23 ? 302 HOH A O   1 
HETATM 819 O O   . HOH C 3 .   ? 3.925   4.733   12.672  1.00 29.17 ? 303 HOH A O   1 
HETATM 820 O O   . HOH C 3 .   ? -6.905  4.724   2.909   1.00 32.90 ? 304 HOH A O   1 
HETATM 821 O O   . HOH C 3 .   ? 0.554   12.423  -7.561  1.00 31.34 ? 305 HOH A O   1 
HETATM 822 O O   . HOH C 3 .   ? -6.541  7.718   12.249  1.00 33.69 ? 306 HOH A O   1 
HETATM 823 O O   . HOH C 3 .   ? -0.646  -4.944  -8.873  1.00 39.39 ? 307 HOH A O   1 
HETATM 824 O O   . HOH C 3 .   ? -6.482  9.016   -10.057 1.00 42.51 ? 308 HOH A O   1 
HETATM 825 O O   . HOH C 3 .   ? 12.535  -3.683  2.305   1.00 36.73 ? 309 HOH A O   1 
HETATM 826 O O   . HOH C 3 .   ? -6.384  -14.366 0.153   1.00 35.13 ? 310 HOH A O   1 
HETATM 827 O O   . HOH C 3 .   ? 8.479   10.571  -10.264 1.00 33.63 ? 311 HOH A O   1 
HETATM 828 O O   . HOH C 3 .   ? -11.129 7.146   -8.910  1.00 40.11 ? 312 HOH A O   1 
HETATM 829 O O   . HOH C 3 .   ? 7.776   3.320   -3.541  1.00 29.84 ? 313 HOH A O   1 
HETATM 830 O O   . HOH C 3 .   ? 11.841  3.390   -6.119  1.00 35.28 ? 314 HOH A O   1 
HETATM 831 O O   . HOH C 3 .   ? 5.405   -8.946  8.757   1.00 32.83 ? 315 HOH A O   1 
HETATM 832 O O   . HOH C 3 .   ? 5.825   2.720   14.897  1.00 37.76 ? 316 HOH A O   1 
HETATM 833 O O   . HOH C 3 .   ? 14.567  -12.338 7.938   1.00 39.19 ? 317 HOH A O   1 
HETATM 834 O O   . HOH C 3 .   ? 6.889   -9.270  -4.834  0.50 32.38 ? 318 HOH A O   1 
HETATM 835 O O   . HOH C 3 .   ? -7.874  5.524   5.470   1.00 38.20 ? 319 HOH A O   1 
HETATM 836 O O   . HOH C 3 .   ? -2.190  -1.646  -12.896 1.00 38.08 ? 320 HOH A O   1 
HETATM 837 O O   . HOH C 3 .   ? 12.095  3.180   5.210   1.00 40.00 ? 321 HOH A O   1 
HETATM 838 O O   . HOH C 3 .   ? 12.978  -4.509  4.845   1.00 32.11 ? 322 HOH A O   1 
HETATM 839 O O   . HOH C 3 .   ? -1.567  -16.057 -2.871  1.00 34.03 ? 323 HOH A O   1 
HETATM 840 O O   . HOH C 3 .   ? -10.734 -9.709  8.245   1.00 37.61 ? 324 HOH A O   1 
HETATM 841 O O   . HOH C 3 .   ? -5.446  -10.269 10.274  1.00 30.73 ? 325 HOH A O   1 
HETATM 842 O O   . HOH C 3 .   ? 3.104   15.652  -9.096  1.00 32.62 ? 326 HOH A O   1 
HETATM 843 O O   . HOH C 3 .   ? 8.823   4.122   -5.861  1.00 36.96 ? 327 HOH A O   1 
HETATM 844 O O   . HOH C 3 .   ? 1.169   7.269   12.242  1.00 31.41 ? 328 HOH A O   1 
HETATM 845 O O   . HOH C 3 .   ? -9.969  -13.135 -7.405  1.00 36.35 ? 329 HOH A O   1 
HETATM 846 O O   . HOH C 3 .   ? -2.981  -10.854 6.710   1.00 23.44 ? 330 HOH A O   1 
HETATM 847 O O   . HOH C 3 .   ? 8.150   -7.674  -6.783  0.50 34.48 ? 331 HOH A O   1 
HETATM 848 O O   . HOH C 3 .   ? -6.769  6.468   9.487   1.00 25.33 ? 332 HOH A O   1 
HETATM 849 O O   . HOH C 3 .   ? -4.917  10.220  -1.793  1.00 38.81 ? 333 HOH A O   1 
HETATM 850 O O   . HOH C 3 .   ? 3.111   -7.099  9.098   1.00 16.98 ? 334 HOH A O   1 
HETATM 851 O O   . HOH C 3 .   ? 0.197   10.133  12.145  1.00 42.13 ? 335 HOH A O   1 
HETATM 852 O O   . HOH C 3 .   ? 5.561   -12.445 7.705   1.00 36.83 ? 336 HOH A O   1 
# 
loop_
_atom_site_anisotrop.id 
_atom_site_anisotrop.type_symbol 
_atom_site_anisotrop.pdbx_label_atom_id 
_atom_site_anisotrop.pdbx_label_alt_id 
_atom_site_anisotrop.pdbx_label_comp_id 
_atom_site_anisotrop.pdbx_label_asym_id 
_atom_site_anisotrop.pdbx_label_seq_id 
_atom_site_anisotrop.pdbx_PDB_ins_code 
_atom_site_anisotrop.U[1][1] 
_atom_site_anisotrop.U[2][2] 
_atom_site_anisotrop.U[3][3] 
_atom_site_anisotrop.U[1][2] 
_atom_site_anisotrop.U[1][3] 
_atom_site_anisotrop.U[2][3] 
_atom_site_anisotrop.pdbx_auth_seq_id 
_atom_site_anisotrop.pdbx_auth_comp_id 
_atom_site_anisotrop.pdbx_auth_asym_id 
_atom_site_anisotrop.pdbx_auth_atom_id 
1   N N   . ARG A 3   ? 0.4826 0.8154 0.8459 0.1038  0.0095  0.0923  3   ARG A N   
2   C CA  . ARG A 3   ? 0.4564 0.7835 0.7906 0.0812  0.0160  0.0883  3   ARG A CA  
3   C C   . ARG A 3   ? 0.4509 0.7411 0.7382 0.0890  0.0355  0.0699  3   ARG A C   
4   O O   . ARG A 3   ? 0.5770 0.8802 0.8687 0.1015  0.0599  0.0643  3   ARG A O   
5   C CB  . ARG A 3   ? 0.3508 0.7159 0.7126 0.0697  0.0264  0.0949  3   ARG A CB  
6   N N   . LEU A 4   ? 0.4793 0.7253 0.7212 0.0806  0.0251  0.0611  4   LEU A N   
7   C CA  . LEU A 4   ? 0.4123 0.6243 0.6143 0.0882  0.0390  0.0449  4   LEU A CA  
8   C C   . LEU A 4   ? 0.3864 0.6023 0.5701 0.0761  0.0527  0.0408  4   LEU A C   
9   O O   . LEU A 4   ? 0.3413 0.5509 0.5111 0.0556  0.0435  0.0431  4   LEU A O   
10  C CB  . LEU A 4   ? 0.3559 0.5254 0.5211 0.0804  0.0238  0.0388  4   LEU A CB  
11  C CG  . LEU A 4   ? 0.4106 0.5562 0.5741 0.0972  0.0173  0.0366  4   LEU A CG  
12  C CD1 . LEU A 4   ? 0.3653 0.5360 0.5712 0.1066  0.0057  0.0511  4   LEU A CD1 
13  C CD2 . LEU A 4   ? 0.4225 0.5294 0.5492 0.0838  0.0034  0.0332  4   LEU A CD2 
14  N N   . THR A 5   ? 0.3740 0.5951 0.5529 0.0894  0.0747  0.0340  5   THR A N   
15  C CA  . THR A 5   ? 0.4040 0.6274 0.5632 0.0795  0.0881  0.0322  5   THR A CA  
16  C C   . THR A 5   ? 0.3938 0.5859 0.5118 0.0902  0.0995  0.0169  5   THR A C   
17  O O   . THR A 5   ? 0.4847 0.6854 0.5971 0.1013  0.1200  0.0130  5   THR A O   
18  C CB  . THR A 5   ? 0.4114 0.6794 0.6049 0.0800  0.1046  0.0432  5   THR A CB  
19  O OG1 . THR A 5   ? 0.4315 0.7010 0.6278 0.0999  0.1212  0.0348  5   THR A OG1 
20  C CG2 . THR A 5   ? 0.4067 0.7086 0.6468 0.0701  0.0902  0.0590  5   THR A CG2 
21  N N   . PRO A 6   ? 0.4149 0.5706 0.5024 0.0856  0.0866  0.0082  6   PRO A N   
22  C CA  . PRO A 6   ? 0.4631 0.5893 0.5097 0.0891  0.0926  -0.0048 6   PRO A CA  
23  C C   . PRO A 6   ? 0.4941 0.6243 0.5235 0.0758  0.0973  -0.0015 6   PRO A C   
24  O O   . PRO A 6   ? 0.4642 0.6125 0.5105 0.0622  0.0936  0.0095  6   PRO A O   
25  C CB  . PRO A 6   ? 0.4169 0.5120 0.4470 0.0828  0.0745  -0.0105 6   PRO A CB  
26  C CG  . PRO A 6   ? 0.3343 0.4429 0.3831 0.0672  0.0619  0.0002  6   PRO A CG  
27  C CD  . PRO A 6   ? 0.3369 0.4795 0.4237 0.0722  0.0659  0.0113  6   PRO A CD  
28  N N   . LEU A 7   ? 0.4685 0.5786 0.4621 0.0790  0.1036  -0.0105 7   LEU A N   
29  C CA  . LEU A 7   ? 0.5017 0.6070 0.4736 0.0662  0.1023  -0.0068 7   LEU A CA  
30  C C   . LEU A 7   ? 0.4546 0.5269 0.3921 0.0650  0.0915  -0.0179 7   LEU A C   
31  O O   . LEU A 7   ? 0.4938 0.5480 0.4050 0.0748  0.0968  -0.0289 7   LEU A O   
32  C CB  . LEU A 7   ? 0.5700 0.6920 0.5334 0.0680  0.1220  -0.0014 7   LEU A CB  
33  C CG  . LEU A 7   ? 0.5903 0.7089 0.5352 0.0530  0.1194  0.0078  7   LEU A CG  
34  C CD1 . LEU A 7   ? 0.4679 0.5927 0.4374 0.0379  0.1052  0.0182  7   LEU A CD1 
35  C CD2 . LEU A 7   ? 0.6252 0.7607 0.5622 0.0521  0.1394  0.0157  7   LEU A CD2 
36  N N   . LEU A 8   ? 0.4096 0.4740 0.3484 0.0532  0.0763  -0.0155 8   LEU A N   
37  C CA  . LEU A 8   ? 0.4468 0.4883 0.3615 0.0491  0.0643  -0.0224 8   LEU A CA  
38  C C   . LEU A 8   ? 0.4698 0.5139 0.3784 0.0397  0.0601  -0.0142 8   LEU A C   
39  O O   . LEU A 8   ? 0.4941 0.5501 0.4235 0.0328  0.0587  -0.0057 8   LEU A O   
40  C CB  . LEU A 8   ? 0.4363 0.4689 0.3631 0.0444  0.0509  -0.0261 8   LEU A CB  
41  C CG  . LEU A 8   ? 0.4689 0.4920 0.4005 0.0516  0.0503  -0.0324 8   LEU A CG  
42  C CD1 . LEU A 8   ? 0.4147 0.4286 0.3530 0.0425  0.0375  -0.0333 8   LEU A CD1 
43  C CD2 . LEU A 8   ? 0.5071 0.5090 0.4105 0.0614  0.0544  -0.0435 8   LEU A CD2 
44  N N   . SER A 9   ? 0.5145 0.5445 0.3936 0.0391  0.0562  -0.0165 9   SER A N   
45  C CA  . SER A 9   ? 0.5002 0.5290 0.3749 0.0313  0.0482  -0.0074 9   SER A CA  
46  C C   . SER A 9   ? 0.4695 0.4804 0.3187 0.0301  0.0341  -0.0125 9   SER A C   
47  O O   . SER A 9   ? 0.5363 0.5335 0.3582 0.0339  0.0351  -0.0218 9   SER A O   
48  C CB  . SER A 9   ? 0.5033 0.5407 0.3682 0.0292  0.0604  0.0040  9   SER A CB  
49  O OG  . SER A 9   ? 0.6482 0.6805 0.4817 0.0352  0.0721  -0.0006 9   SER A OG  
50  N N   . GLY A 10  ? 0.5092 0.5192 0.3680 0.0247  0.0201  -0.0068 10  GLY A N   
51  C CA  . GLY A 10  ? 0.5193 0.5170 0.3593 0.0223  0.0033  -0.0088 10  GLY A CA  
52  C C   . GLY A 10  ? 0.5078 0.5117 0.3739 0.0195  -0.0106 -0.0020 10  GLY A C   
53  O O   . GLY A 10  ? 0.4471 0.4606 0.3422 0.0198  -0.0059 0.0014  10  GLY A O   
54  N N   . TRP A 11  ? 0.5056 0.5032 0.3604 0.0172  -0.0284 0.0001  11  TRP A N   
55  C CA  . TRP A 11  ? 0.5185 0.5250 0.4037 0.0172  -0.0425 0.0064  11  TRP A CA  
56  C C   . TRP A 11  ? 0.5289 0.5474 0.4450 0.0154  -0.0449 -0.0026 11  TRP A C   
57  O O   . TRP A 11  ? 0.5193 0.5333 0.4248 0.0107  -0.0517 -0.0103 11  TRP A O   
58  C CB  . TRP A 11  ? 0.5361 0.5347 0.4018 0.0152  -0.0634 0.0143  11  TRP A CB  
59  C CG  . TRP A 11  ? 0.5789 0.5652 0.4143 0.0155  -0.0610 0.0262  11  TRP A CG  
60  C CD1 . TRP A 11  ? 0.5682 0.5401 0.3555 0.0126  -0.0547 0.0261  11  TRP A CD1 
61  C CD2 . TRP A 11  ? 0.5942 0.5790 0.4432 0.0182  -0.0633 0.0406  11  TRP A CD2 
62  N NE1 . TRP A 11  ? 0.6247 0.5891 0.3947 0.0114  -0.0527 0.0414  11  TRP A NE1 
63  C CE2 . TRP A 11  ? 0.5812 0.5514 0.3887 0.0145  -0.0594 0.0509  11  TRP A CE2 
64  C CE3 . TRP A 11  ? 0.6176 0.6094 0.5078 0.0238  -0.0676 0.0453  11  TRP A CE3 
65  C CZ2 . TRP A 11  ? 0.6134 0.5742 0.4201 0.0142  -0.0617 0.0677  11  TRP A CZ2 
66  C CZ3 . TRP A 11  ? 0.5958 0.5757 0.4851 0.0258  -0.0702 0.0598  11  TRP A CZ3 
67  C CH2 . TRP A 11  ? 0.6023 0.5660 0.4505 0.0200  -0.0684 0.0718  11  TRP A CH2 
68  N N   . LEU A 12  ? 0.4911 0.5218 0.4416 0.0180  -0.0381 -0.0018 12  LEU A N   
69  C CA  . LEU A 12  ? 0.4545 0.4992 0.4352 0.0156  -0.0377 -0.0082 12  LEU A CA  
70  C C   . LEU A 12  ? 0.4464 0.5053 0.4619 0.0205  -0.0434 -0.0030 12  LEU A C   
71  O O   . LEU A 12  ? 0.4528 0.5063 0.4698 0.0268  -0.0447 0.0045  12  LEU A O   
72  C CB  . LEU A 12  ? 0.3877 0.4335 0.3742 0.0148  -0.0206 -0.0140 12  LEU A CB  
73  C CG  . LEU A 12  ? 0.4114 0.4456 0.3719 0.0136  -0.0129 -0.0183 12  LEU A CG  
74  C CD1 . LEU A 12  ? 0.3726 0.4106 0.3447 0.0126  -0.0007 -0.0213 12  LEU A CD1 
75  C CD2 . LEU A 12  ? 0.4914 0.5171 0.4364 0.0093  -0.0219 -0.0246 12  LEU A CD2 
76  N N   . ASP A 13  ? 0.3783 0.4553 0.4235 0.0176  -0.0462 -0.0066 13  ASP A N   
77  C CA  . ASP A 13  ? 0.4047 0.4996 0.4900 0.0249  -0.0446 -0.0043 13  ASP A CA  
78  C C   . ASP A 13  ? 0.4020 0.4969 0.4954 0.0266  -0.0236 -0.0112 13  ASP A C   
79  O O   . ASP A 13  ? 0.3975 0.4928 0.4832 0.0186  -0.0147 -0.0173 13  ASP A O   
80  C CB  . ASP A 13  ? 0.3614 0.4818 0.4800 0.0207  -0.0552 -0.0038 13  ASP A CB  
81  C CG  . ASP A 13  ? 0.4508 0.5738 0.5685 0.0202  -0.0808 0.0050  13  ASP A CG  
82  O OD1 . ASP A 13  ? 0.4047 0.5096 0.4973 0.0251  -0.0891 0.0118  13  ASP A OD1 
83  O OD2 . ASP A 13  ? 0.5148 0.6584 0.6567 0.0129  -0.0934 0.0061  13  ASP A OD2 
84  N N   . LYS A 14  ? 0.3936 0.4847 0.4993 0.0363  -0.0172 -0.0100 14  LYS A N   
85  C CA  . LYS A 14  ? 0.3867 0.4740 0.4955 0.0374  0.0011  -0.0178 14  LYS A CA  
86  C C   . LYS A 14  ? 0.3878 0.4913 0.5339 0.0473  0.0077  -0.0211 14  LYS A C   
87  O O   . LYS A 14  ? 0.3536 0.4586 0.5197 0.0590  -0.0006 -0.0156 14  LYS A O   
88  C CB  . LYS A 14  ? 0.3719 0.4343 0.4575 0.0390  0.0052  -0.0161 14  LYS A CB  
89  C CG  . LYS A 14  ? 0.4082 0.4625 0.4933 0.0387  0.0209  -0.0250 14  LYS A CG  
90  C CD  . LYS A 14  ? 0.4191 0.4486 0.4834 0.0371  0.0223  -0.0229 14  LYS A CD  
91  C CE  . LYS A 14  ? 0.4595 0.4768 0.5247 0.0388  0.0345  -0.0329 14  LYS A CE  
92  N NZ  . LYS A 14  ? 0.4733 0.4920 0.5648 0.0535  0.0374  -0.0366 14  LYS A NZ  
93  N N   . LEU A 15  ? 0.4032 0.5188 0.5589 0.0433  0.0234  -0.0295 15  LEU A N   
94  C CA  . LEU A 15  ? 0.4055 0.5373 0.5954 0.0542  0.0356  -0.0347 15  LEU A CA  
95  C C   . LEU A 15  ? 0.4467 0.5531 0.6297 0.0667  0.0427  -0.0391 15  LEU A C   
96  O O   . LEU A 15  ? 0.4580 0.5394 0.6090 0.0610  0.0494  -0.0440 15  LEU A O   
97  C CB  . LEU A 15  ? 0.3625 0.5093 0.5551 0.0453  0.0540  -0.0426 15  LEU A CB  
98  C CG  . LEU A 15  ? 0.3795 0.5512 0.6105 0.0555  0.0707  -0.0483 15  LEU A CG  
99  C CD1 . LEU A 15  ? 0.3497 0.5578 0.6293 0.0601  0.0587  -0.0398 15  LEU A CD1 
100 C CD2 . LEU A 15  ? 0.4171 0.5964 0.6360 0.0430  0.0909  -0.0553 15  LEU A CD2 
101 N N   . SER A 16  ? 0.4122 0.5240 0.6270 0.0834  0.0392  -0.0367 16  SER A N   
102 C CA  . SER A 16  ? 0.5752 0.6601 0.7881 0.0974  0.0468  -0.0424 16  SER A CA  
103 C C   . SER A 16  ? 0.7062 0.8071 0.9466 0.1086  0.0692  -0.0551 16  SER A C   
104 O O   . SER A 16  ? 0.7433 0.8772 1.0307 0.1202  0.0694  -0.0524 16  SER A O   
105 C CB  . SER A 16  ? 0.6568 0.7312 0.8853 0.1112  0.0281  -0.0306 16  SER A CB  
106 O OG  . SER A 16  ? 0.7199 0.7703 0.9567 0.1281  0.0368  -0.0374 16  SER A OG  
107 N N   . PRO A 17  ? 0.7045 0.7857 0.9176 0.1047  0.0887  -0.0690 17  PRO A N   
108 C CA  . PRO A 17  ? 0.7447 0.8341 0.9770 0.1178  0.1135  -0.0835 17  PRO A CA  
109 C C   . PRO A 17  ? 0.7692 0.8376 1.0152 0.1404  0.1118  -0.0854 17  PRO A C   
110 O O   . PRO A 17  ? 0.7880 0.8740 1.0551 0.1536  0.1223  -0.0889 17  PRO A O   
111 C CB  . PRO A 17  ? 0.7538 0.8181 0.9366 0.1034  0.1288  -0.0960 17  PRO A CB  
112 C CG  . PRO A 17  ? 0.7375 0.7694 0.8824 0.0906  0.1102  -0.0891 17  PRO A CG  
113 C CD  . PRO A 17  ? 0.7051 0.7564 0.8677 0.0877  0.0882  -0.0720 17  PRO A CD  
114 N N   . GLN A 18  ? 0.7726 0.8028 1.0052 0.1446  0.0976  -0.0816 18  GLN A N   
115 C CA  . GLN A 18  ? 0.8440 0.8473 1.0877 0.1658  0.0936  -0.0820 18  GLN A CA  
116 C C   . GLN A 18  ? 0.8875 0.9216 1.1792 0.1820  0.0790  -0.0676 18  GLN A C   
117 O O   . GLN A 18  ? 0.9228 0.9402 1.2262 0.2015  0.0760  -0.0670 18  GLN A O   
118 C CB  . GLN A 18  ? 0.8707 0.8230 1.0823 0.1608  0.0790  -0.0775 18  GLN A CB  
119 C CG  . GLN A 18  ? 0.9520 0.8581 1.1209 0.1552  0.0928  -0.0948 18  GLN A CG  
120 C CD  . GLN A 18  ? 1.0407 0.8932 1.1868 0.1553  0.0777  -0.0893 18  GLN A CD  
121 O OE1 . GLN A 18  ? 1.0748 0.9245 1.2185 0.1478  0.0565  -0.0701 18  GLN A OE1 
122 N NE2 . GLN A 18  ? 1.0578 0.8659 1.1831 0.1622  0.0880  -0.1057 18  GLN A NE2 
123 N N   . GLY A 19  ? 0.8060 0.8824 1.1232 0.1737  0.0680  -0.0560 19  GLY A N   
124 C CA  . GLY A 19  ? 0.7731 0.8830 1.1339 0.1849  0.0520  -0.0420 19  GLY A CA  
125 C C   . GLY A 19  ? 0.7628 0.9226 1.1542 0.1843  0.0660  -0.0455 19  GLY A C   
126 O O   . GLY A 19  ? 0.7398 0.9377 1.1685 0.1859  0.0519  -0.0335 19  GLY A O   
127 N N   . ASN A 20  ? 0.7862 0.9451 1.1591 0.1806  0.0928  -0.0611 20  ASN A N   
128 C CA  . ASN A 20  ? 0.7413 0.9453 1.1348 0.1751  0.1092  -0.0640 20  ASN A CA  
129 C C   . ASN A 20  ? 0.6792 0.9120 1.0770 0.1516  0.1002  -0.0552 20  ASN A C   
130 O O   . ASN A 20  ? 0.6745 0.9512 1.1087 0.1474  0.0948  -0.0465 20  ASN A O   
131 C CB  . ASN A 20  ? 0.7179 0.9557 1.1607 0.1953  0.1092  -0.0598 20  ASN A CB  
132 C CG  . ASN A 20  ? 0.7880 1.0042 1.2236 0.2170  0.1290  -0.0743 20  ASN A CG  
133 O OD1 . ASN A 20  ? 0.8229 0.9904 1.2158 0.2179  0.1356  -0.0855 20  ASN A OD1 
134 N ND2 . ASN A 20  ? 0.8042 1.0567 1.2814 0.2341  0.1384  -0.0751 20  ASN A ND2 
135 N N   . TYR A 21  ? 0.6828 0.8895 1.0423 0.1358  0.0979  -0.0579 21  TYR A N   
136 C CA  . TYR A 21  ? 0.6189 0.8438 0.9719 0.1129  0.0934  -0.0534 21  TYR A CA  
137 C C   . TYR A 21  ? 0.5924 0.8443 0.9789 0.1096  0.0662  -0.0384 21  TYR A C   
138 O O   . TYR A 21  ? 0.5864 0.8759 0.9998 0.1001  0.0630  -0.0321 21  TYR A O   
139 C CB  . TYR A 21  ? 0.5484 0.7977 0.8994 0.1016  0.1153  -0.0582 21  TYR A CB  
140 N N   . VAL A 22  ? 0.5855 0.8127 0.9615 0.1150  0.0443  -0.0312 22  VAL A N   
141 C CA  . VAL A 22  ? 0.4882 0.7289 0.8744 0.1083  0.0143  -0.0161 22  VAL A CA  
142 C C   . VAL A 22  ? 0.4522 0.6561 0.7795 0.0938  0.0010  -0.0129 22  VAL A C   
143 O O   . VAL A 22  ? 0.5131 0.6811 0.8048 0.0961  0.0078  -0.0173 22  VAL A O   
144 C CB  . VAL A 22  ? 0.4613 0.7088 0.8848 0.1286  -0.0043 -0.0053 22  VAL A CB  
145 C CG1 . VAL A 22  ? 0.4643 0.7512 0.9297 0.1359  0.0040  -0.0046 22  VAL A CG1 
146 C CG2 . VAL A 22  ? 0.5183 0.7231 0.9228 0.1456  0.0005  -0.0086 22  VAL A CG2 
147 N N   . PHE A 23  ? 0.3705 0.5836 0.6883 0.0787  -0.0179 -0.0054 23  PHE A N   
148 C CA  . PHE A 23  ? 0.3974 0.5790 0.6606 0.0660  -0.0269 -0.0038 23  PHE A CA  
149 C C   . PHE A 23  ? 0.3927 0.5520 0.6394 0.0737  -0.0468 0.0071  23  PHE A C   
150 O O   . PHE A 23  ? 0.4395 0.6128 0.7128 0.0808  -0.0661 0.0173  23  PHE A O   
151 C CB  . PHE A 23  ? 0.3974 0.5907 0.6505 0.0472  -0.0372 -0.0027 23  PHE A CB  
152 C CG  . PHE A 23  ? 0.4253 0.6247 0.6729 0.0352  -0.0175 -0.0118 23  PHE A CG  
153 C CD1 . PHE A 23  ? 0.3552 0.5270 0.5589 0.0277  -0.0085 -0.0174 23  PHE A CD1 
154 C CD2 . PHE A 23  ? 0.4521 0.6864 0.7404 0.0312  -0.0082 -0.0133 23  PHE A CD2 
155 C CE1 . PHE A 23  ? 0.4389 0.6133 0.6350 0.0167  0.0069  -0.0236 23  PHE A CE1 
156 C CE2 . PHE A 23  ? 0.4277 0.6648 0.7062 0.0184  0.0098  -0.0196 23  PHE A CE2 
157 C CZ  . PHE A 23  ? 0.4115 0.6164 0.6420 0.0113  0.0160  -0.0245 23  PHE A CZ  
158 N N   . GLN A 24  ? 0.4058 0.5315 0.6095 0.0711  -0.0425 0.0064  24  GLN A N   
159 C CA  . GLN A 24  ? 0.4591 0.5603 0.6404 0.0755  -0.0581 0.0179  24  GLN A CA  
160 C C   . GLN A 24  ? 0.4305 0.5124 0.5612 0.0615  -0.0602 0.0191  24  GLN A C   
161 O O   . GLN A 24  ? 0.3894 0.4653 0.5011 0.0537  -0.0445 0.0103  24  GLN A O   
162 C CB  . GLN A 24  ? 0.4360 0.5137 0.6195 0.0880  -0.0485 0.0174  24  GLN A CB  
163 C CG  . GLN A 24  ? 0.5141 0.6078 0.7475 0.1060  -0.0438 0.0144  24  GLN A CG  
164 C CD  . GLN A 24  ? 0.6121 0.6747 0.8416 0.1178  -0.0322 0.0101  24  GLN A CD  
165 O OE1 . GLN A 24  ? 0.6893 0.7241 0.8816 0.1086  -0.0238 0.0064  24  GLN A OE1 
166 N NE2 . GLN A 24  ? 0.6242 0.6907 0.8937 0.1383  -0.0323 0.0104  24  GLN A NE2 
167 N N   . ARG A 25  ? 0.4402 0.5128 0.5491 0.0590  -0.0794 0.0303  25  ARG A N   
168 C CA  . ARG A 25  ? 0.4406 0.4959 0.5007 0.0477  -0.0795 0.0310  25  ARG A CA  
169 C C   . ARG A 25  ? 0.3878 0.4209 0.4245 0.0474  -0.0644 0.0320  25  ARG A C   
170 O O   . ARG A 25  ? 0.4935 0.5121 0.5347 0.0542  -0.0665 0.0401  25  ARG A O   
171 C CB  . ARG A 25  ? 0.4811 0.5292 0.5190 0.0455  -0.1032 0.0432  25  ARG A CB  
172 C CG  . ARG A 25  ? 0.6423 0.6815 0.6357 0.0335  -0.1063 0.0395  25  ARG A CG  
173 C CD  . ARG A 25  ? 0.8139 0.8555 0.7990 0.0297  -0.1342 0.0473  25  ARG A CD  
174 N NE  . ARG A 25  ? 0.9790 1.0007 0.9069 0.0197  -0.1386 0.0455  25  ARG A NE  
175 C CZ  . ARG A 25  ? 1.0487 1.0672 0.9566 0.0117  -0.1315 0.0318  25  ARG A CZ  
176 N NH1 . ARG A 25  ? 1.0963 1.0929 0.9489 0.0052  -0.1341 0.0291  25  ARG A NH1 
177 N NH2 . ARG A 25  ? 1.0300 1.0644 0.9702 0.0105  -0.1211 0.0210  25  ARG A NH2 
178 N N   . ARG A 26  ? 0.4129 0.4430 0.4271 0.0391  -0.0505 0.0245  26  ARG A N   
179 C CA  . ARG A 26  ? 0.4446 0.4595 0.4405 0.0361  -0.0371 0.0263  26  ARG A CA  
180 C C   . ARG A 26  ? 0.4980 0.5103 0.4600 0.0284  -0.0316 0.0254  26  ARG A C   
181 O O   . ARG A 26  ? 0.4545 0.4743 0.4100 0.0257  -0.0329 0.0177  26  ARG A O   
182 C CB  . ARG A 26  ? 0.4114 0.4296 0.4256 0.0360  -0.0215 0.0161  26  ARG A CB  
183 C CG  . ARG A 26  ? 0.4614 0.4777 0.5049 0.0452  -0.0209 0.0139  26  ARG A CG  
184 C CD  . ARG A 26  ? 0.5117 0.5041 0.5497 0.0489  -0.0250 0.0239  26  ARG A CD  
185 N NE  . ARG A 26  ? 0.5100 0.4964 0.5756 0.0608  -0.0234 0.0194  26  ARG A NE  
186 C CZ  . ARG A 26  ? 0.5625 0.5497 0.6503 0.0734  -0.0354 0.0259  26  ARG A CZ  
187 N NH1 . ARG A 26  ? 0.5889 0.5708 0.7041 0.0867  -0.0303 0.0197  26  ARG A NH1 
188 N NH2 . ARG A 26  ? 0.6021 0.5943 0.6838 0.0735  -0.0529 0.0382  26  ARG A NH2 
189 N N   . PHE A 27  ? 0.4534 0.4547 0.3949 0.0247  -0.0243 0.0332  27  PHE A N   
190 C CA  . PHE A 27  ? 0.4538 0.4570 0.3697 0.0196  -0.0130 0.0312  27  PHE A CA  
191 C C   . PHE A 27  ? 0.4463 0.4577 0.3779 0.0173  0.0017  0.0244  27  PHE A C   
192 O O   . PHE A 27  ? 0.4614 0.4689 0.4043 0.0145  0.0059  0.0289  27  PHE A O   
193 C CB  . PHE A 27  ? 0.5062 0.4985 0.3929 0.0155  -0.0110 0.0447  27  PHE A CB  
194 C CG  . PHE A 27  ? 0.5373 0.5352 0.3997 0.0125  0.0039  0.0419  27  PHE A CG  
195 C CD1 . PHE A 27  ? 0.5475 0.5424 0.3821 0.0145  0.0014  0.0350  27  PHE A CD1 
196 C CD2 . PHE A 27  ? 0.5396 0.5460 0.4088 0.0084  0.0201  0.0451  27  PHE A CD2 
197 C CE1 . PHE A 27  ? 0.5692 0.5675 0.3817 0.0150  0.0178  0.0300  27  PHE A CE1 
198 C CE2 . PHE A 27  ? 0.5858 0.6019 0.4392 0.0087  0.0359  0.0424  27  PHE A CE2 
199 C CZ  . PHE A 27  ? 0.5705 0.5818 0.3952 0.0134  0.0362  0.0341  27  PHE A CZ  
200 N N   . VAL A 28  ? 0.4759 0.4960 0.4070 0.0176  0.0074  0.0143  28  VAL A N   
201 C CA  . VAL A 28  ? 0.4140 0.4423 0.3618 0.0158  0.0167  0.0083  28  VAL A CA  
202 C C   . VAL A 28  ? 0.4361 0.4709 0.3728 0.0157  0.0279  0.0082  28  VAL A C   
203 O O   . VAL A 28  ? 0.4089 0.4413 0.3248 0.0192  0.0295  0.0057  28  VAL A O   
204 C CB  . VAL A 28  ? 0.3542 0.3868 0.3162 0.0169  0.0130  -0.0019 28  VAL A CB  
205 C CG1 . VAL A 28  ? 0.3794 0.4172 0.3545 0.0136  0.0207  -0.0060 28  VAL A CG1 
206 C CG2 . VAL A 28  ? 0.3967 0.4286 0.3736 0.0192  0.0036  -0.0014 28  VAL A CG2 
207 N N   . GLN A 29  ? 0.4031 0.4464 0.3538 0.0121  0.0354  0.0107  29  GLN A N   
208 C CA  . GLN A 29  ? 0.4036 0.4597 0.3544 0.0134  0.0466  0.0124  29  GLN A CA  
209 C C   . GLN A 29  ? 0.3772 0.4428 0.3497 0.0111  0.0474  0.0100  29  GLN A C   
210 O O   . GLN A 29  ? 0.2996 0.3638 0.2838 0.0035  0.0434  0.0130  29  GLN A O   
211 C CB  . GLN A 29  ? 0.4305 0.4925 0.3763 0.0086  0.0547  0.0245  29  GLN A CB  
212 C CG  . GLN A 29  ? 0.6375 0.7135 0.5760 0.0138  0.0691  0.0252  29  GLN A CG  
213 C CD  . GLN A 29  ? 0.7962 0.8735 0.7173 0.0088  0.0776  0.0372  29  GLN A CD  
214 O OE1 . GLN A 29  ? 0.8377 0.9105 0.7303 0.0138  0.0846  0.0355  29  GLN A OE1 
215 N NE2 . GLN A 29  ? 0.8216 0.9019 0.7559 -0.0028 0.0765  0.0496  29  GLN A NE2 
216 N N   . PHE A 30  ? 0.4007 0.4728 0.3763 0.0174  0.0510  0.0049  30  PHE A N   
217 C CA  . PHE A 30  ? 0.3657 0.4478 0.3606 0.0160  0.0500  0.0054  30  PHE A CA  
218 C C   . PHE A 30  ? 0.3572 0.4580 0.3631 0.0228  0.0605  0.0096  30  PHE A C   
219 O O   . PHE A 30  ? 0.3720 0.4699 0.3667 0.0339  0.0675  0.0041  30  PHE A O   
220 C CB  . PHE A 30  ? 0.3201 0.3911 0.3127 0.0182  0.0429  -0.0030 30  PHE A CB  
221 C CG  . PHE A 30  ? 0.3469 0.4249 0.3545 0.0165  0.0395  -0.0007 30  PHE A CG  
222 C CD1 . PHE A 30  ? 0.3023 0.3840 0.3187 0.0058  0.0340  0.0038  30  PHE A CD1 
223 C CD2 . PHE A 30  ? 0.3159 0.3937 0.3268 0.0257  0.0399  -0.0026 30  PHE A CD2 
224 C CE1 . PHE A 30  ? 0.3571 0.4446 0.3839 0.0029  0.0277  0.0073  30  PHE A CE1 
225 C CE2 . PHE A 30  ? 0.3504 0.4338 0.3754 0.0245  0.0337  0.0021  30  PHE A CE2 
226 C CZ  . PHE A 30  ? 0.2934 0.3829 0.3258 0.0124  0.0268  0.0076  30  PHE A CZ  
227 N N   . ASN A 31  ? 0.3482 0.4680 0.3756 0.0159  0.0621  0.0193  31  ASN A N   
228 C CA  . ASN A 31  ? 0.2901 0.4370 0.3389 0.0214  0.0728  0.0260  31  ASN A CA  
229 C C   . ASN A 31  ? 0.2836 0.4443 0.3591 0.0235  0.0655  0.0284  31  ASN A C   
230 O O   . ASN A 31  ? 0.2668 0.4564 0.3711 0.0254  0.0710  0.0370  31  ASN A O   
231 C CB  . ASN A 31  ? 0.2948 0.4587 0.3541 0.0097  0.0790  0.0386  31  ASN A CB  
232 C CG  . ASN A 31  ? 0.3381 0.4988 0.4083 -0.0072 0.0653  0.0443  31  ASN A CG  
233 O OD1 . ASN A 31  ? 0.2889 0.4391 0.3598 -0.0094 0.0530  0.0390  31  ASN A OD1 
234 N ND2 . ASN A 31  ? 0.2928 0.4601 0.3684 -0.0205 0.0676  0.0552  31  ASN A ND2 
235 N N   . GLY A 32  ? 0.2935 0.4364 0.3621 0.0204  0.0520  0.0233  32  GLY A N   
236 C CA  . GLY A 32  ? 0.3271 0.4777 0.4143 0.0195  0.0410  0.0275  32  GLY A CA  
237 C C   . GLY A 32  ? 0.3474 0.5040 0.4440 0.0016  0.0290  0.0349  32  GLY A C   
238 O O   . GLY A 32  ? 0.3761 0.5281 0.4741 -0.0034 0.0156  0.0363  32  GLY A O   
239 N N   . ARG A 33  ? 0.2889 0.4530 0.3893 -0.0093 0.0324  0.0401  33  ARG A N   
240 C CA  . ARG A 33  ? 0.2591 0.4200 0.3616 -0.0284 0.0201  0.0449  33  ARG A CA  
241 C C   . ARG A 33  ? 0.2438 0.3716 0.3157 -0.0356 0.0168  0.0355  33  ARG A C   
242 O O   . ARG A 33  ? 0.2997 0.4134 0.3621 -0.0477 0.0055  0.0333  33  ARG A O   
243 C CB  . ARG A 33  ? 0.2340 0.4191 0.3594 -0.0385 0.0242  0.0571  33  ARG A CB  
244 C CG  . ARG A 33  ? 0.4620 0.6882 0.6278 -0.0322 0.0274  0.0680  33  ARG A CG  
245 C CD  . ARG A 33  ? 0.6381 0.8676 0.8142 -0.0259 0.0133  0.0677  33  ARG A CD  
246 N NE  . ARG A 33  ? 0.7236 0.9320 0.8826 -0.0427 -0.0068 0.0662  33  ARG A NE  
247 C CZ  . ARG A 33  ? 0.6665 0.8654 0.8185 -0.0412 -0.0210 0.0650  33  ARG A CZ  
248 N NH1 . ARG A 33  ? 0.6880 0.8951 0.8522 -0.0230 -0.0189 0.0659  33  ARG A NH1 
249 N NH2 . ARG A 33  ? 0.5203 0.6978 0.6494 -0.0582 -0.0372 0.0627  33  ARG A NH2 
250 N N   . SER A 34  ? 0.2821 0.3972 0.3386 -0.0284 0.0262  0.0301  34  SER A N   
251 C CA  . SER A 34  ? 0.3109 0.3987 0.3464 -0.0330 0.0236  0.0224  34  SER A CA  
252 C C   . SER A 34  ? 0.3113 0.3903 0.3340 -0.0207 0.0304  0.0160  34  SER A C   
253 O O   . SER A 34  ? 0.3121 0.4014 0.3362 -0.0119 0.0379  0.0183  34  SER A O   
254 C CB  . SER A 34  ? 0.3738 0.4541 0.4097 -0.0452 0.0219  0.0282  34  SER A CB  
255 O OG  . SER A 34  ? 0.2944 0.3818 0.3320 -0.0410 0.0311  0.0352  34  SER A OG  
256 N N   . LEU A 35  ? 0.3241 0.3841 0.3341 -0.0204 0.0281  0.0076  35  LEU A N   
257 C CA  . LEU A 35  ? 0.3334 0.3858 0.3351 -0.0115 0.0310  0.0029  35  LEU A CA  
258 C C   . LEU A 35  ? 0.3727 0.4117 0.3706 -0.0136 0.0303  0.0054  35  LEU A C   
259 O O   . LEU A 35  ? 0.3508 0.3751 0.3470 -0.0177 0.0277  0.0010  35  LEU A O   
260 C CB  . LEU A 35  ? 0.3260 0.3716 0.3231 -0.0094 0.0294  -0.0065 35  LEU A CB  
261 C CG  . LEU A 35  ? 0.3800 0.4230 0.3742 -0.0017 0.0298  -0.0109 35  LEU A CG  
262 C CD1 . LEU A 35  ? 0.4476 0.4966 0.4373 0.0043  0.0308  -0.0090 35  LEU A CD1 
263 C CD2 . LEU A 35  ? 0.3725 0.4136 0.3667 -0.0031 0.0297  -0.0181 35  LEU A CD2 
264 N N   . MET A 36  ? 0.3734 0.4143 0.3675 -0.0104 0.0326  0.0124  36  MET A N   
265 C CA  . MET A 36  ? 0.4131 0.4381 0.4025 -0.0120 0.0298  0.0177  36  MET A CA  
266 C C   . MET A 36  ? 0.3890 0.4080 0.3721 -0.0021 0.0262  0.0153  36  MET A C   
267 O O   . MET A 36  ? 0.3601 0.3881 0.3363 0.0032  0.0272  0.0141  36  MET A O   
268 C CB  . MET A 36  ? 0.3876 0.4177 0.3744 -0.0187 0.0335  0.0313  36  MET A CB  
269 C CG  . MET A 36  ? 0.3388 0.3815 0.3384 -0.0305 0.0356  0.0369  36  MET A CG  
270 S SD  . MET A 36  ? 0.3626 0.4100 0.3619 -0.0417 0.0406  0.0550  36  MET A SD  
271 C CE  . MET A 36  ? 0.2975 0.3763 0.3231 -0.0529 0.0441  0.0609  36  MET A CE  
272 N N   . TYR A 37  ? 0.3648 0.3677 0.3508 0.0007  0.0210  0.0148  37  TYR A N   
273 C CA  . TYR A 37  ? 0.4026 0.4026 0.3873 0.0097  0.0144  0.0163  37  TYR A CA  
274 C C   . TYR A 37  ? 0.4091 0.3899 0.3898 0.0101  0.0082  0.0271  37  TYR A C   
275 O O   . TYR A 37  ? 0.4266 0.3899 0.4123 0.0075  0.0080  0.0271  37  TYR A O   
276 C CB  . TYR A 37  ? 0.3716 0.3760 0.3713 0.0168  0.0128  0.0053  37  TYR A CB  
277 C CG  . TYR A 37  ? 0.3873 0.3818 0.3974 0.0171  0.0171  -0.0026 37  TYR A CG  
278 C CD1 . TYR A 37  ? 0.4106 0.3895 0.4301 0.0248  0.0141  -0.0025 37  TYR A CD1 
279 C CD2 . TYR A 37  ? 0.3924 0.3907 0.4004 0.0106  0.0239  -0.0106 37  TYR A CD2 
280 C CE1 . TYR A 37  ? 0.4056 0.3713 0.4301 0.0265  0.0204  -0.0126 37  TYR A CE1 
281 C CE2 . TYR A 37  ? 0.4443 0.4300 0.4540 0.0099  0.0286  -0.0195 37  TYR A CE2 
282 C CZ  . TYR A 37  ? 0.4123 0.3808 0.4290 0.0182  0.0281  -0.0217 37  TYR A CZ  
283 O OH  . TYR A 37  ? 0.4978 0.4497 0.5117 0.0189  0.0349  -0.0331 37  TYR A OH  
284 N N   . PHE A 38  ? 0.4306 0.4109 0.3982 0.0127  0.0021  0.0364  38  PHE A N   
285 C CA  . PHE A 38  ? 0.4820 0.4435 0.4388 0.0120  -0.0056 0.0509  38  PHE A CA  
286 C C   . PHE A 38  ? 0.4865 0.4442 0.4491 0.0231  -0.0197 0.0528  38  PHE A C   
287 O O   . PHE A 38  ? 0.4477 0.4216 0.4138 0.0276  -0.0233 0.0460  38  PHE A O   
288 C CB  . PHE A 38  ? 0.4076 0.3727 0.3379 0.0039  -0.0013 0.0630  38  PHE A CB  
289 C CG  . PHE A 38  ? 0.4982 0.4749 0.4286 -0.0066 0.0128  0.0638  38  PHE A CG  
290 C CD1 . PHE A 38  ? 0.4650 0.4321 0.3907 -0.0183 0.0159  0.0776  38  PHE A CD1 
291 C CD2 . PHE A 38  ? 0.4064 0.4046 0.3438 -0.0055 0.0218  0.0527  38  PHE A CD2 
292 C CE1 . PHE A 38  ? 0.4245 0.4084 0.3569 -0.0291 0.0277  0.0802  38  PHE A CE1 
293 C CE2 . PHE A 38  ? 0.3872 0.4004 0.3307 -0.0137 0.0331  0.0553  38  PHE A CE2 
294 C CZ  . PHE A 38  ? 0.4206 0.4294 0.3639 -0.0257 0.0361  0.0689  38  PHE A CZ  
295 N N   . GLY A 39  ? 0.4601 0.3960 0.4246 0.0269  -0.0296 0.0636  39  GLY A N   
296 C CA  . GLY A 39  ? 0.5239 0.4575 0.4939 0.0374  -0.0463 0.0704  39  GLY A CA  
297 C C   . GLY A 39  ? 0.5841 0.5220 0.5231 0.0322  -0.0544 0.0806  39  GLY A C   
298 O O   . GLY A 39  ? 0.5774 0.5235 0.5192 0.0380  -0.0689 0.0816  39  GLY A O   
299 N N   . SER A 40  ? 0.5723 0.5055 0.4811 0.0205  -0.0448 0.0879  40  SER A N   
300 C CA  . SER A 40  ? 0.5765 0.5113 0.4475 0.0149  -0.0476 0.0956  40  SER A CA  
301 C C   . SER A 40  ? 0.5627 0.5073 0.4151 0.0049  -0.0264 0.0933  40  SER A C   
302 O O   . SER A 40  ? 0.5405 0.4853 0.4058 -0.0010 -0.0147 0.0946  40  SER A O   
303 C CB  . SER A 40  ? 0.6026 0.5136 0.4505 0.0130  -0.0629 0.1170  40  SER A CB  
304 O OG  . SER A 40  ? 0.6306 0.5399 0.4328 0.0035  -0.0584 0.1253  40  SER A OG  
305 N N   . ASP A 41  ? 0.5480 0.5008 0.3711 0.0033  -0.0218 0.0895  41  ASP A N   
306 C CA  . ASP A 41  ? 0.5634 0.5275 0.3700 -0.0034 0.0000  0.0887  41  ASP A CA  
307 C C   . ASP A 41  ? 0.6061 0.5598 0.3903 -0.0142 0.0063  0.1087  41  ASP A C   
308 O O   . ASP A 41  ? 0.6276 0.5949 0.4064 -0.0209 0.0265  0.1110  41  ASP A O   
309 C CB  . ASP A 41  ? 0.5844 0.5544 0.3613 -0.0004 0.0048  0.0778  41  ASP A CB  
310 C CG  . ASP A 41  ? 0.6878 0.6403 0.4228 -0.0019 -0.0110 0.0857  41  ASP A CG  
311 O OD1 . ASP A 41  ? 0.6971 0.6373 0.4382 -0.0007 -0.0325 0.0957  41  ASP A OD1 
312 O OD2 . ASP A 41  ? 0.7545 0.7046 0.4490 -0.0036 -0.0023 0.0819  41  ASP A OD2 
313 N N   . LYS A 42  ? 0.5826 0.5134 0.3551 -0.0161 -0.0107 0.1245  42  LYS A N   
314 C CA  . LYS A 42  ? 0.6130 0.5287 0.3646 -0.0284 -0.0070 0.1464  42  LYS A CA  
315 C C   . LYS A 42  ? 0.5822 0.4891 0.3663 -0.0342 -0.0061 0.1526  42  LYS A C   
316 O O   . LYS A 42  ? 0.6246 0.5198 0.3960 -0.0477 -0.0012 0.1709  42  LYS A O   
317 C CB  . LYS A 42  ? 0.6713 0.5611 0.3896 -0.0283 -0.0286 0.1632  42  LYS A CB  
318 C CG  . LYS A 42  ? 0.7367 0.6296 0.4097 -0.0275 -0.0304 0.1593  42  LYS A CG  
319 C CD  . LYS A 42  ? 0.8789 0.7458 0.5176 -0.0286 -0.0564 0.1773  42  LYS A CD  
320 C CE  . LYS A 42  ? 0.9367 0.8062 0.5842 -0.0173 -0.0803 0.1656  42  LYS A CE  
321 N NZ  . LYS A 42  ? 1.0501 0.9040 0.6654 -0.0183 -0.1026 0.1783  42  LYS A NZ  
322 N N   . ASP A 43  ? 0.5584 0.4685 0.3805 -0.0258 -0.0103 0.1377  43  ASP A N   
323 C CA  . ASP A 43  ? 0.5793 0.4744 0.4268 -0.0310 -0.0114 0.1405  43  ASP A CA  
324 C C   . ASP A 43  ? 0.5161 0.4306 0.3735 -0.0448 0.0075  0.1397  43  ASP A C   
325 O O   . ASP A 43  ? 0.4975 0.4400 0.3660 -0.0414 0.0190  0.1255  43  ASP A O   
326 C CB  . ASP A 43  ? 0.5555 0.4479 0.4356 -0.0176 -0.0194 0.1229  43  ASP A CB  
327 C CG  . ASP A 43  ? 0.5756 0.4513 0.4592 -0.0033 -0.0390 0.1254  43  ASP A CG  
328 O OD1 . ASP A 43  ? 0.5564 0.4132 0.4178 -0.0049 -0.0509 0.1437  43  ASP A OD1 
329 O OD2 . ASP A 43  ? 0.5268 0.4104 0.4370 0.0094  -0.0425 0.1099  43  ASP A OD2 
330 N N   . PRO A 44  ? 0.5126 0.4123 0.3705 -0.0605 0.0092  0.1549  44  PRO A N   
331 C CA  . PRO A 44  ? 0.4970 0.4189 0.3734 -0.0749 0.0238  0.1547  44  PRO A CA  
332 C C   . PRO A 44  ? 0.5025 0.4310 0.4096 -0.0705 0.0219  0.1353  44  PRO A C   
333 O O   . PRO A 44  ? 0.4655 0.4249 0.3885 -0.0738 0.0331  0.1283  44  PRO A O   
334 C CB  . PRO A 44  ? 0.5385 0.4350 0.4086 -0.0945 0.0204  0.1765  44  PRO A CB  
335 C CG  . PRO A 44  ? 0.6369 0.5047 0.4750 -0.0904 0.0093  0.1917  44  PRO A CG  
336 C CD  . PRO A 44  ? 0.5605 0.4231 0.4013 -0.0674 -0.0034 0.1757  44  PRO A CD  
337 N N   . PHE A 45  ? 0.4820 0.3817 0.3967 -0.0621 0.0082  0.1267  45  PHE A N   
338 C CA  . PHE A 45  ? 0.4465 0.3493 0.3830 -0.0604 0.0078  0.1089  45  PHE A CA  
339 C C   . PHE A 45  ? 0.4751 0.3831 0.4179 -0.0405 0.0048  0.0909  45  PHE A C   
340 O O   . PHE A 45  ? 0.4429 0.3384 0.3797 -0.0281 -0.0035 0.0923  45  PHE A O   
341 C CB  . PHE A 45  ? 0.4801 0.3445 0.4208 -0.0685 -0.0018 0.1094  45  PHE A CB  
342 C CG  . PHE A 45  ? 0.5072 0.3586 0.4420 -0.0908 -0.0022 0.1293  45  PHE A CG  
343 C CD1 . PHE A 45  ? 0.5121 0.3853 0.4598 -0.1099 0.0041  0.1323  45  PHE A CD1 
344 C CD2 . PHE A 45  ? 0.5503 0.3674 0.4684 -0.0937 -0.0107 0.1465  45  PHE A CD2 
345 C CE1 . PHE A 45  ? 0.5323 0.3966 0.4783 -0.1335 0.0036  0.1525  45  PHE A CE1 
346 C CE2 . PHE A 45  ? 0.5861 0.3893 0.4977 -0.1173 -0.0111 0.1670  45  PHE A CE2 
347 C CZ  . PHE A 45  ? 0.5763 0.4042 0.5029 -0.1379 -0.0033 0.1697  45  PHE A CZ  
348 N N   . PRO A 46  ? 0.4194 0.3461 0.3758 -0.0386 0.0099  0.0755  46  PRO A N   
349 C CA  . PRO A 46  ? 0.4934 0.4269 0.4573 -0.0228 0.0086  0.0594  46  PRO A CA  
350 C C   . PRO A 46  ? 0.4826 0.3877 0.4536 -0.0149 0.0017  0.0510  46  PRO A C   
351 O O   . PRO A 46  ? 0.4250 0.3037 0.3948 -0.0226 -0.0013 0.0524  46  PRO A O   
352 C CB  . PRO A 46  ? 0.3586 0.3160 0.3318 -0.0270 0.0161  0.0487  46  PRO A CB  
353 C CG  . PRO A 46  ? 0.3768 0.3264 0.3533 -0.0440 0.0158  0.0547  46  PRO A CG  
354 C CD  . PRO A 46  ? 0.3990 0.3402 0.3662 -0.0525 0.0154  0.0737  46  PRO A CD  
355 N N   . LYS A 47  ? 0.4191 0.3301 0.3992 0.0005  -0.0002 0.0414  47  LYS A N   
356 C CA  . LYS A 47  ? 0.4364 0.3271 0.4280 0.0105  -0.0018 0.0302  47  LYS A CA  
357 C C   . LYS A 47  ? 0.4422 0.3362 0.4354 0.0054  0.0067  0.0142  47  LYS A C   
358 O O   . LYS A 47  ? 0.4091 0.2768 0.4009 0.0058  0.0076  0.0054  47  LYS A O   
359 C CB  . LYS A 47  ? 0.4586 0.3599 0.4655 0.0282  -0.0059 0.0269  47  LYS A CB  
360 C CG  . LYS A 47  ? 0.6550 0.5415 0.6594 0.0345  -0.0189 0.0431  47  LYS A CG  
361 C CD  . LYS A 47  ? 0.7783 0.6753 0.8049 0.0524  -0.0268 0.0413  47  LYS A CD  
362 C CE  . LYS A 47  ? 0.8860 0.7664 0.9073 0.0578  -0.0438 0.0603  47  LYS A CE  
363 N NZ  . LYS A 47  ? 0.9691 0.8647 1.0168 0.0747  -0.0554 0.0611  47  LYS A NZ  
364 N N   . GLY A 48  ? 0.4481 0.3702 0.4408 0.0001  0.0121  0.0105  48  GLY A N   
365 C CA  . GLY A 48  ? 0.4360 0.3603 0.4260 -0.0065 0.0176  -0.0017 48  GLY A CA  
366 C C   . GLY A 48  ? 0.4010 0.3508 0.3891 -0.0165 0.0194  0.0028  48  GLY A C   
367 O O   . GLY A 48  ? 0.4022 0.3709 0.3919 -0.0141 0.0200  0.0107  48  GLY A O   
368 N N   . VAL A 49  ? 0.3762 0.3248 0.3600 -0.0272 0.0197  -0.0025 49  VAL A N   
369 C CA  . VAL A 49  ? 0.3549 0.3279 0.3418 -0.0354 0.0198  0.0021  49  VAL A CA  
370 C C   . VAL A 49  ? 0.3955 0.3681 0.3759 -0.0394 0.0196  -0.0087 49  VAL A C   
371 O O   . VAL A 49  ? 0.4037 0.3535 0.3724 -0.0464 0.0171  -0.0162 49  VAL A O   
372 C CB  . VAL A 49  ? 0.4253 0.4003 0.4157 -0.0500 0.0158  0.0146  49  VAL A CB  
373 C CG1 . VAL A 49  ? 0.3968 0.4019 0.3982 -0.0561 0.0158  0.0194  49  VAL A CG1 
374 C CG2 . VAL A 49  ? 0.3422 0.3164 0.3338 -0.0479 0.0175  0.0273  49  VAL A CG2 
375 N N   . ILE A 50  ? 0.3582 0.3521 0.3425 -0.0356 0.0217  -0.0095 50  ILE A N   
376 C CA  . ILE A 50  ? 0.3921 0.3878 0.3682 -0.0409 0.0202  -0.0156 50  ILE A CA  
377 C C   . ILE A 50  ? 0.3592 0.3742 0.3441 -0.0482 0.0139  -0.0058 50  ILE A C   
378 O O   . ILE A 50  ? 0.3148 0.3491 0.3106 -0.0407 0.0163  -0.0010 50  ILE A O   
379 C CB  . ILE A 50  ? 0.3792 0.3823 0.3548 -0.0314 0.0262  -0.0219 50  ILE A CB  
380 C CG1 . ILE A 50  ? 0.3413 0.3348 0.3195 -0.0218 0.0324  -0.0288 50  ILE A CG1 
381 C CG2 . ILE A 50  ? 0.4259 0.4255 0.3871 -0.0387 0.0254  -0.0273 50  ILE A CG2 
382 C CD1 . ILE A 50  ? 0.3471 0.3553 0.3345 -0.0129 0.0361  -0.0302 50  ILE A CD1 
383 N N   . PRO A 51  ? 0.3488 0.3595 0.3309 -0.0624 0.0051  -0.0028 51  PRO A N   
384 C CA  . PRO A 51  ? 0.3527 0.3875 0.3505 -0.0678 -0.0022 0.0078  51  PRO A CA  
385 C C   . PRO A 51  ? 0.3745 0.4157 0.3673 -0.0632 -0.0044 0.0055  51  PRO A C   
386 O O   . PRO A 51  ? 0.3566 0.3802 0.3278 -0.0646 -0.0035 -0.0039 51  PRO A O   
387 C CB  . PRO A 51  ? 0.3240 0.3488 0.3172 -0.0868 -0.0148 0.0103  51  PRO A CB  
388 C CG  . PRO A 51  ? 0.3921 0.3854 0.3692 -0.0894 -0.0112 0.0024  51  PRO A CG  
389 C CD  . PRO A 51  ? 0.3379 0.3205 0.3028 -0.0741 -0.0001 -0.0092 51  PRO A CD  
390 N N   . LEU A 52  ? 0.3540 0.4193 0.3668 -0.0570 -0.0058 0.0143  52  LEU A N   
391 C CA  . LEU A 52  ? 0.3967 0.4642 0.4053 -0.0524 -0.0100 0.0143  52  LEU A CA  
392 C C   . LEU A 52  ? 0.3673 0.4216 0.3560 -0.0669 -0.0229 0.0137  52  LEU A C   
393 O O   . LEU A 52  ? 0.3465 0.3887 0.3154 -0.0669 -0.0235 0.0098  52  LEU A O   
394 C CB  . LEU A 52  ? 0.2981 0.3917 0.3344 -0.0428 -0.0112 0.0246  52  LEU A CB  
395 C CG  . LEU A 52  ? 0.3376 0.4282 0.3704 -0.0342 -0.0147 0.0250  52  LEU A CG  
396 C CD1 . LEU A 52  ? 0.3629 0.4413 0.3843 -0.0230 -0.0028 0.0160  52  LEU A CD1 
397 C CD2 . LEU A 52  ? 0.2949 0.4102 0.3583 -0.0258 -0.0202 0.0364  52  LEU A CD2 
398 N N   . THR A 53  ? 0.3071 0.3622 0.2982 -0.0811 -0.0339 0.0180  53  THR A N   
399 C CA  . THR A 53  ? 0.3456 0.3845 0.3112 -0.0969 -0.0485 0.0168  53  THR A CA  
400 C C   . THR A 53  ? 0.3869 0.3932 0.3128 -0.1004 -0.0400 0.0012  53  THR A C   
401 O O   . THR A 53  ? 0.3945 0.3847 0.2900 -0.1108 -0.0478 -0.0017 53  THR A O   
402 C CB  . THR A 53  ? 0.4020 0.4446 0.3758 -0.1143 -0.0634 0.0231  53  THR A CB  
403 O OG1 . THR A 53  ? 0.4082 0.4415 0.3851 -0.1157 -0.0540 0.0182  53  THR A OG1 
404 C CG2 . THR A 53  ? 0.3869 0.4682 0.4033 -0.1128 -0.0739 0.0404  53  THR A CG2 
405 N N   . ALA A 54  ? 0.3563 0.3535 0.2816 -0.0912 -0.0241 -0.0084 54  ALA A N   
406 C CA  . ALA A 54  ? 0.4023 0.3736 0.2971 -0.0913 -0.0133 -0.0233 54  ALA A CA  
407 C C   . ALA A 54  ? 0.4430 0.4192 0.3333 -0.0820 -0.0023 -0.0261 54  ALA A C   
408 O O   . ALA A 54  ? 0.3893 0.3496 0.2549 -0.0836 0.0077  -0.0369 54  ALA A O   
409 C CB  . ALA A 54  ? 0.3688 0.3280 0.2692 -0.0846 -0.0027 -0.0313 54  ALA A CB  
410 N N   . ILE A 55  ? 0.3826 0.3794 0.2956 -0.0727 -0.0029 -0.0170 55  ILE A N   
411 C CA  . ILE A 55  ? 0.3445 0.3445 0.2568 -0.0653 0.0061  -0.0187 55  ILE A CA  
412 C C   . ILE A 55  ? 0.4040 0.3982 0.2956 -0.0742 -0.0017 -0.0134 55  ILE A C   
413 O O   . ILE A 55  ? 0.3581 0.3586 0.2557 -0.0772 -0.0165 -0.0024 55  ILE A O   
414 C CB  . ILE A 55  ? 0.3402 0.3574 0.2802 -0.0522 0.0077  -0.0131 55  ILE A CB  
415 C CG1 . ILE A 55  ? 0.2882 0.3093 0.2432 -0.0454 0.0135  -0.0159 55  ILE A CG1 
416 C CG2 . ILE A 55  ? 0.2958 0.3130 0.2343 -0.0474 0.0144  -0.0149 55  ILE A CG2 
417 C CD1 . ILE A 55  ? 0.2687 0.3043 0.2435 -0.0337 0.0154  -0.0110 55  ILE A CD1 
418 N N   . GLU A 56  ? 0.3789 0.3611 0.2457 -0.0794 0.0081  -0.0202 56  GLU A N   
419 C CA  . GLU A 56  ? 0.3649 0.3392 0.2076 -0.0889 0.0028  -0.0135 56  GLU A CA  
420 C C   . GLU A 56  ? 0.4621 0.4438 0.3189 -0.0825 0.0058  -0.0072 56  GLU A C   
421 O O   . GLU A 56  ? 0.3627 0.3392 0.2107 -0.0870 -0.0050 0.0039  56  GLU A O   
422 C CB  . GLU A 56  ? 0.4013 0.3583 0.2055 -0.0998 0.0140  -0.0235 56  GLU A CB  
423 C CG  . GLU A 56  ? 0.4255 0.3673 0.2099 -0.1071 0.0092  -0.0318 56  GLU A CG  
424 C CD  . GLU A 56  ? 0.5164 0.4356 0.2531 -0.1189 0.0190  -0.0425 56  GLU A CD  
425 O OE1 . GLU A 56  ? 0.4963 0.4162 0.2194 -0.1201 0.0345  -0.0443 56  GLU A OE1 
426 O OE2 . GLU A 56  ? 0.6018 0.5014 0.3123 -0.1282 0.0114  -0.0493 56  GLU A OE2 
427 N N   . MET A 57  ? 0.3364 0.3274 0.2131 -0.0733 0.0185  -0.0134 57  MET A N   
428 C CA  . MET A 57  ? 0.3438 0.3377 0.2311 -0.0701 0.0189  -0.0080 57  MET A CA  
429 C C   . MET A 57  ? 0.3646 0.3707 0.2791 -0.0583 0.0259  -0.0139 57  MET A C   
430 O O   . MET A 57  ? 0.3726 0.3845 0.2943 -0.0546 0.0349  -0.0224 57  MET A O   
431 C CB  . MET A 57  ? 0.3500 0.3368 0.2155 -0.0823 0.0277  -0.0072 57  MET A CB  
432 C CG  . MET A 57  ? 0.3692 0.3580 0.2482 -0.0816 0.0287  -0.0024 57  MET A CG  
433 S SD  . MET A 57  ? 0.4105 0.3975 0.2698 -0.0986 0.0433  -0.0006 57  MET A SD  
434 C CE  . MET A 57  ? 0.4744 0.4383 0.2913 -0.1135 0.0320  0.0124  57  MET A CE  
435 N N   . THR A 58  ? 0.3389 0.3455 0.2662 -0.0522 0.0203  -0.0094 58  THR A N   
436 C CA  . THR A 58  ? 0.3175 0.3319 0.2628 -0.0449 0.0248  -0.0145 58  THR A CA  
437 C C   . THR A 58  ? 0.3621 0.3698 0.3050 -0.0515 0.0238  -0.0112 58  THR A C   
438 O O   . THR A 58  ? 0.3325 0.3259 0.2654 -0.0542 0.0152  -0.0037 58  THR A O   
439 C CB  . THR A 58  ? 0.3120 0.3294 0.2703 -0.0322 0.0193  -0.0141 58  THR A CB  
440 O OG1 . THR A 58  ? 0.3483 0.3723 0.3101 -0.0293 0.0202  -0.0150 58  THR A OG1 
441 C CG2 . THR A 58  ? 0.2811 0.3029 0.2504 -0.0266 0.0216  -0.0193 58  THR A CG2 
442 N N   . ARG A 59  ? 0.3530 0.3707 0.3068 -0.0547 0.0312  -0.0157 59  ARG A N   
443 C CA  . ARG A 59  ? 0.3211 0.3345 0.2753 -0.0651 0.0302  -0.0118 59  ARG A CA  
444 C C   . ARG A 59  ? 0.3669 0.3918 0.3421 -0.0625 0.0293  -0.0164 59  ARG A C   
445 O O   . ARG A 59  ? 0.3104 0.3508 0.3004 -0.0545 0.0333  -0.0220 59  ARG A O   
446 C CB  . ARG A 59  ? 0.3146 0.3326 0.2584 -0.0799 0.0415  -0.0089 59  ARG A CB  
447 C CG  . ARG A 59  ? 0.3091 0.3493 0.2655 -0.0787 0.0580  -0.0170 59  ARG A CG  
448 C CD  . ARG A 59  ? 0.3313 0.3774 0.2758 -0.0934 0.0736  -0.0149 59  ARG A CD  
449 N NE  . ARG A 59  ? 0.3705 0.4199 0.3226 -0.1074 0.0731  -0.0068 59  ARG A NE  
450 C CZ  . ARG A 59  ? 0.3352 0.4091 0.3179 -0.1111 0.0801  -0.0079 59  ARG A CZ  
451 N NH1 . ARG A 59  ? 0.3329 0.4305 0.3428 -0.0991 0.0880  -0.0167 59  ARG A NH1 
452 N NH2 . ARG A 59  ? 0.3496 0.4239 0.3377 -0.1272 0.0774  0.0010  59  ARG A NH2 
453 N N   . SER A 60  ? 0.3213 0.3363 0.2971 -0.0705 0.0219  -0.0131 60  SER A N   
454 C CA  . SER A 60  ? 0.3680 0.3937 0.3626 -0.0731 0.0178  -0.0163 60  SER A CA  
455 C C   . SER A 60  ? 0.3657 0.4170 0.3802 -0.0853 0.0286  -0.0144 60  SER A C   
456 O O   . SER A 60  ? 0.3382 0.3911 0.3447 -0.0960 0.0388  -0.0096 60  SER A O   
457 C CB  . SER A 60  ? 0.3458 0.3463 0.3306 -0.0787 0.0039  -0.0146 60  SER A CB  
458 O OG  . SER A 60  ? 0.4274 0.4085 0.3978 -0.0634 -0.0027 -0.0187 60  SER A OG  
459 N N   . SER A 61  ? 0.3150 0.3880 0.3562 -0.0837 0.0264  -0.0173 61  SER A N   
460 C CA  . SER A 61  ? 0.3596 0.4638 0.4300 -0.0942 0.0363  -0.0148 61  SER A CA  
461 C C   . SER A 61  ? 0.3912 0.5052 0.4842 -0.1016 0.0211  -0.0132 61  SER A C   
462 O O   . SER A 61  ? 0.4931 0.5849 0.5719 -0.0984 0.0041  -0.0157 61  SER A O   
463 C CB  . SER A 61  ? 0.2851 0.4140 0.3733 -0.0813 0.0515  -0.0202 61  SER A CB  
464 O OG  . SER A 61  ? 0.2866 0.4503 0.4091 -0.0880 0.0637  -0.0185 61  SER A OG  
465 N N   . LYS A 62  ? 0.3524 0.5009 0.4811 -0.1114 0.0275  -0.0095 62  LYS A N   
466 C CA  . LYS A 62  ? 0.2696 0.4333 0.4256 -0.1218 0.0111  -0.0064 62  LYS A CA  
467 C C   . LYS A 62  ? 0.4543 0.6181 0.6150 -0.1062 -0.0047 -0.0115 62  LYS A C   
468 O O   . LYS A 62  ? 0.4152 0.5763 0.5683 -0.0872 0.0008  -0.0163 62  LYS A O   
469 C CB  . LYS A 62  ? 0.4629 0.6747 0.6669 -0.1316 0.0238  -0.0007 62  LYS A CB  
470 C CG  . LYS A 62  ? 0.5948 0.8140 0.7946 -0.1455 0.0464  0.0047  62  LYS A CG  
471 C CD  . LYS A 62  ? 0.6901 0.8890 0.8761 -0.1715 0.0361  0.0137  62  LYS A CD  
472 C CE  . LYS A 62  ? 0.7492 0.9523 0.9249 -0.1871 0.0583  0.0215  62  LYS A CE  
473 N NZ  . LYS A 62  ? 0.8228 0.9909 0.9740 -0.2087 0.0455  0.0313  62  LYS A NZ  
474 N N   . ASP A 63  ? 0.4716 0.6332 0.6393 -0.1163 -0.0267 -0.0099 63  ASP A N   
475 C CA  . ASP A 63  ? 0.4583 0.6269 0.6350 -0.1063 -0.0445 -0.0119 63  ASP A CA  
476 C C   . ASP A 63  ? 0.3703 0.5099 0.5100 -0.0867 -0.0455 -0.0186 63  ASP A C   
477 O O   . ASP A 63  ? 0.2958 0.4481 0.4459 -0.0718 -0.0472 -0.0186 63  ASP A O   
478 C CB  . ASP A 63  ? 0.5602 0.7779 0.7898 -0.0996 -0.0393 -0.0074 63  ASP A CB  
479 C CG  . ASP A 63  ? 0.6418 0.8973 0.9163 -0.1191 -0.0373 0.0005  63  ASP A CG  
480 O OD1 . ASP A 63  ? 0.6065 0.8507 0.8754 -0.1409 -0.0529 0.0038  63  ASP A OD1 
481 O OD2 . ASP A 63  ? 0.7032 0.9993 1.0196 -0.1126 -0.0191 0.0031  63  ASP A OD2 
482 N N   . ASN A 64  ? 0.3262 0.4273 0.4245 -0.0867 -0.0447 -0.0230 64  ASN A N   
483 C CA  . ASN A 64  ? 0.3937 0.4681 0.4573 -0.0708 -0.0461 -0.0287 64  ASN A CA  
484 C C   . ASN A 64  ? 0.3396 0.4249 0.4074 -0.0550 -0.0295 -0.0286 64  ASN A C   
485 O O   . ASN A 64  ? 0.3779 0.4562 0.4327 -0.0422 -0.0316 -0.0302 64  ASN A O   
486 C CB  . ASN A 64  ? 0.3944 0.4627 0.4478 -0.0682 -0.0656 -0.0308 64  ASN A CB  
487 C CG  . ASN A 64  ? 0.5233 0.5707 0.5617 -0.0846 -0.0847 -0.0335 64  ASN A CG  
488 O OD1 . ASN A 64  ? 0.5856 0.6168 0.6175 -0.0963 -0.0828 -0.0340 64  ASN A OD1 
489 N ND2 . ASN A 64  ? 0.5732 0.6164 0.6019 -0.0867 -0.1048 -0.0349 64  ASN A ND2 
490 N N   . LYS A 65  ? 0.2986 0.3972 0.3801 -0.0572 -0.0131 -0.0266 65  LYS A N   
491 C CA  . LYS A 65  ? 0.3049 0.4083 0.3861 -0.0447 0.0019  -0.0281 65  LYS A CA  
492 C C   . LYS A 65  ? 0.3126 0.3934 0.3656 -0.0449 0.0096  -0.0289 65  LYS A C   
493 O O   . LYS A 65  ? 0.3427 0.4103 0.3841 -0.0554 0.0080  -0.0270 65  LYS A O   
494 C CB  . LYS A 65  ? 0.3179 0.4512 0.4311 -0.0453 0.0161  -0.0270 65  LYS A CB  
495 C CG  . LYS A 65  ? 0.3271 0.4881 0.4773 -0.0400 0.0095  -0.0251 65  LYS A CG  
496 C CD  . LYS A 65  ? 0.3276 0.5193 0.5120 -0.0377 0.0278  -0.0255 65  LYS A CD  
497 C CE  . LYS A 65  ? 0.4290 0.6393 0.6301 -0.0564 0.0333  -0.0215 65  LYS A CE  
498 N NZ  . LYS A 65  ? 0.4467 0.6581 0.6378 -0.0603 0.0574  -0.0239 65  LYS A NZ  
499 N N   . PHE A 66  ? 0.2597 0.3350 0.3024 -0.0338 0.0156  -0.0306 66  PHE A N   
500 C CA  . PHE A 66  ? 0.3035 0.3659 0.3278 -0.0346 0.0231  -0.0300 66  PHE A CA  
501 C C   . PHE A 66  ? 0.3329 0.4036 0.3618 -0.0291 0.0344  -0.0324 66  PHE A C   
502 O O   . PHE A 66  ? 0.3928 0.4724 0.4352 -0.0205 0.0348  -0.0342 66  PHE A O   
503 C CB  . PHE A 66  ? 0.3077 0.3498 0.3109 -0.0283 0.0165  -0.0297 66  PHE A CB  
504 C CG  . PHE A 66  ? 0.3434 0.3861 0.3444 -0.0167 0.0150  -0.0309 66  PHE A CG  
505 C CD1 . PHE A 66  ? 0.3189 0.3625 0.3171 -0.0118 0.0209  -0.0297 66  PHE A CD1 
506 C CD2 . PHE A 66  ? 0.3072 0.3476 0.3056 -0.0127 0.0066  -0.0322 66  PHE A CD2 
507 C CE1 . PHE A 66  ? 0.2978 0.3413 0.2934 -0.0036 0.0200  -0.0285 66  PHE A CE1 
508 C CE2 . PHE A 66  ? 0.3050 0.3446 0.2967 -0.0036 0.0062  -0.0314 66  PHE A CE2 
509 C CZ  . PHE A 66  ? 0.2695 0.3114 0.2612 0.0005  0.0137  -0.0288 66  PHE A CZ  
510 N N   . GLN A 67  ? 0.3423 0.4069 0.3576 -0.0347 0.0423  -0.0321 67  GLN A N   
511 C CA  . GLN A 67  ? 0.2819 0.3483 0.2941 -0.0324 0.0533  -0.0362 67  GLN A CA  
512 C C   . GLN A 67  ? 0.3251 0.3750 0.3149 -0.0329 0.0495  -0.0345 67  GLN A C   
513 O O   . GLN A 67  ? 0.3174 0.3578 0.2927 -0.0394 0.0444  -0.0295 67  GLN A O   
514 C CB  . GLN A 67  ? 0.2949 0.3702 0.3077 -0.0415 0.0671  -0.0381 67  GLN A CB  
515 C CG  . GLN A 67  ? 0.2599 0.3582 0.3020 -0.0431 0.0712  -0.0378 67  GLN A CG  
516 C CD  . GLN A 67  ? 0.3095 0.4187 0.3510 -0.0547 0.0868  -0.0374 67  GLN A CD  
517 O OE1 . GLN A 67  ? 0.3688 0.4630 0.3817 -0.0655 0.0890  -0.0342 67  GLN A OE1 
518 N NE2 . GLN A 67  ? 0.2857 0.4227 0.3592 -0.0531 0.0980  -0.0395 67  GLN A NE2 
519 N N   . VAL A 68  ? 0.3103 0.3565 0.2995 -0.0264 0.0504  -0.0374 68  VAL A N   
520 C CA  . VAL A 68  ? 0.3237 0.3582 0.2969 -0.0288 0.0463  -0.0357 68  VAL A CA  
521 C C   . VAL A 68  ? 0.3574 0.3838 0.3160 -0.0340 0.0553  -0.0424 68  VAL A C   
522 O O   . VAL A 68  ? 0.3606 0.3857 0.3260 -0.0280 0.0627  -0.0494 68  VAL A O   
523 C CB  . VAL A 68  ? 0.3417 0.3753 0.3224 -0.0212 0.0409  -0.0336 68  VAL A CB  
524 C CG1 . VAL A 68  ? 0.2844 0.3099 0.2535 -0.0264 0.0363  -0.0309 68  VAL A CG1 
525 C CG2 . VAL A 68  ? 0.2747 0.3141 0.2629 -0.0156 0.0346  -0.0289 68  VAL A CG2 
526 N N   . ILE A 69  ? 0.3127 0.3309 0.2489 -0.0447 0.0546  -0.0406 69  ILE A N   
527 C CA  . ILE A 69  ? 0.3700 0.3777 0.2827 -0.0520 0.0647  -0.0480 69  ILE A CA  
528 C C   . ILE A 69  ? 0.3794 0.3702 0.2695 -0.0589 0.0548  -0.0476 69  ILE A C   
529 O O   . ILE A 69  ? 0.3706 0.3600 0.2538 -0.0650 0.0412  -0.0380 69  ILE A O   
530 C CB  . ILE A 69  ? 0.3848 0.3943 0.2823 -0.0626 0.0709  -0.0449 69  ILE A CB  
531 C CG1 . ILE A 69  ? 0.4161 0.4451 0.3412 -0.0590 0.0775  -0.0431 69  ILE A CG1 
532 C CG2 . ILE A 69  ? 0.3807 0.3785 0.2473 -0.0705 0.0845  -0.0536 69  ILE A CG2 
533 C CD1 . ILE A 69  ? 0.3793 0.4085 0.2947 -0.0713 0.0766  -0.0342 69  ILE A CD1 
534 N N   . THR A 70  ? 0.3984 0.3756 0.2776 -0.0582 0.0607  -0.0579 70  THR A N   
535 C CA  . THR A 70  ? 0.4066 0.3641 0.2616 -0.0678 0.0506  -0.0595 70  THR A CA  
536 C C   . THR A 70  ? 0.4971 0.4356 0.3127 -0.0771 0.0606  -0.0701 70  THR A C   
537 O O   . THR A 70  ? 0.4693 0.4144 0.2799 -0.0762 0.0762  -0.0737 70  THR A O   
538 C CB  . THR A 70  ? 0.4014 0.3506 0.2699 -0.0616 0.0476  -0.0631 70  THR A CB  
539 O OG1 . THR A 70  ? 0.4488 0.3856 0.3143 -0.0534 0.0631  -0.0771 70  THR A OG1 
540 C CG2 . THR A 70  ? 0.3383 0.3078 0.2422 -0.0515 0.0424  -0.0530 70  THR A CG2 
541 N N   . GLY A 71  ? 0.5201 0.4348 0.3054 -0.0879 0.0518  -0.0747 71  GLY A N   
542 C CA  . GLY A 71  ? 0.5279 0.4200 0.2663 -0.0979 0.0611  -0.0861 71  GLY A CA  
543 C C   . GLY A 71  ? 0.5368 0.4278 0.2829 -0.0841 0.0854  -0.0996 71  GLY A C   
544 O O   . GLY A 71  ? 0.5514 0.4432 0.2831 -0.0851 0.0976  -0.1015 71  GLY A O   
545 N N   . GLN A 72  ? 0.5258 0.4117 0.2927 -0.0713 0.0912  -0.1085 72  GLN A N   
546 C CA  . GLN A 72  ? 0.5981 0.4831 0.3773 -0.0552 0.1113  -0.1202 72  GLN A CA  
547 C C   . GLN A 72  ? 0.4697 0.3817 0.2961 -0.0381 0.1218  -0.1188 72  GLN A C   
548 O O   . GLN A 72  ? 0.5098 0.4263 0.3531 -0.0231 0.1369  -0.1266 72  GLN A O   
549 C CB  . GLN A 72  ? 0.6528 0.5024 0.4140 -0.0526 0.1087  -0.1328 72  GLN A CB  
550 C CG  . GLN A 72  ? 0.7133 0.5379 0.4285 -0.0694 0.0986  -0.1348 72  GLN A CG  
551 C CD  . GLN A 72  ? 0.7164 0.5047 0.4107 -0.0664 0.0990  -0.1494 72  GLN A CD  
552 O OE1 . GLN A 72  ? 0.7452 0.5209 0.4583 -0.0551 0.0996  -0.1553 72  GLN A OE1 
553 N NE2 . GLN A 72  ? 0.7606 0.5294 0.4147 -0.0763 0.0983  -0.1551 72  GLN A NE2 
554 N N   . ARG A 73  ? 0.4418 0.3740 0.2944 -0.0383 0.1106  -0.1064 73  ARG A N   
555 C CA  . ARG A 73  ? 0.4670 0.4218 0.3654 -0.0222 0.1128  -0.1022 73  ARG A CA  
556 C C   . ARG A 73  ? 0.4023 0.3864 0.3227 -0.0252 0.1055  -0.0879 73  ARG A C   
557 O O   . ARG A 73  ? 0.4251 0.4094 0.3309 -0.0371 0.0940  -0.0789 73  ARG A O   
558 C CB  . ARG A 73  ? 0.4963 0.4370 0.4081 -0.0152 0.0996  -0.0995 73  ARG A CB  
559 C CG  . ARG A 73  ? 0.5294 0.4360 0.4245 -0.0098 0.1058  -0.1139 73  ARG A CG  
560 C CD  . ARG A 73  ? 0.6088 0.4990 0.5133 -0.0084 0.0895  -0.1069 73  ARG A CD  
561 N NE  . ARG A 73  ? 0.7913 0.6408 0.6744 -0.0065 0.0925  -0.1206 73  ARG A NE  
562 C CZ  . ARG A 73  ? 0.8964 0.7325 0.7951 0.0119  0.1020  -0.1291 73  ARG A CZ  
563 N NH1 . ARG A 73  ? 0.8818 0.7473 0.8206 0.0284  0.1072  -0.1233 73  ARG A NH1 
564 N NH2 . ARG A 73  ? 0.9844 0.7761 0.8593 0.0139  0.1045  -0.1432 73  ARG A NH2 
565 N N   . VAL A 74  ? 0.3792 0.3866 0.3358 -0.0139 0.1106  -0.0858 74  VAL A N   
566 C CA  . VAL A 74  ? 0.3701 0.3999 0.3479 -0.0159 0.1005  -0.0736 74  VAL A CA  
567 C C   . VAL A 74  ? 0.3987 0.4348 0.4053 -0.0032 0.0909  -0.0693 74  VAL A C   
568 O O   . VAL A 74  ? 0.3862 0.4207 0.4092 0.0091  0.0967  -0.0750 74  VAL A O   
569 C CB  . VAL A 74  ? 0.3116 0.3651 0.3026 -0.0199 0.1126  -0.0727 74  VAL A CB  
570 C CG1 . VAL A 74  ? 0.3166 0.3882 0.3396 -0.0065 0.1283  -0.0801 74  VAL A CG1 
571 C CG2 . VAL A 74  ? 0.2990 0.3667 0.3043 -0.0250 0.0990  -0.0608 74  VAL A CG2 
572 N N   . PHE A 75  ? 0.2951 0.3355 0.3049 -0.0059 0.0763  -0.0593 75  PHE A N   
573 C CA  . PHE A 75  ? 0.3586 0.4049 0.3883 0.0031  0.0659  -0.0532 75  PHE A CA  
574 C C   . PHE A 75  ? 0.3893 0.4544 0.4323 0.0004  0.0603  -0.0477 75  PHE A C   
575 O O   . PHE A 75  ? 0.3638 0.4269 0.3930 -0.0081 0.0559  -0.0439 75  PHE A O   
576 C CB  . PHE A 75  ? 0.2803 0.3116 0.2960 0.0015  0.0552  -0.0474 75  PHE A CB  
577 C CG  . PHE A 75  ? 0.3639 0.3735 0.3653 0.0002  0.0578  -0.0524 75  PHE A CG  
578 C CD1 . PHE A 75  ? 0.3428 0.3412 0.3208 -0.0105 0.0606  -0.0567 75  PHE A CD1 
579 C CD2 . PHE A 75  ? 0.4137 0.4106 0.4227 0.0087  0.0560  -0.0525 75  PHE A CD2 
580 C CE1 . PHE A 75  ? 0.3988 0.3734 0.3598 -0.0141 0.0609  -0.0625 75  PHE A CE1 
581 C CE2 . PHE A 75  ? 0.4340 0.4044 0.4273 0.0060  0.0572  -0.0580 75  PHE A CE2 
582 C CZ  . PHE A 75  ? 0.4654 0.4245 0.4342 -0.0061 0.0596  -0.0639 75  PHE A CZ  
583 N N   . VAL A 76  ? 0.3050 0.3869 0.3752 0.0074  0.0593  -0.0469 76  VAL A N   
584 C CA  . VAL A 76  ? 0.3279 0.4278 0.4124 0.0021  0.0532  -0.0426 76  VAL A CA  
585 C C   . VAL A 76  ? 0.3434 0.4427 0.4324 0.0071  0.0367  -0.0365 76  VAL A C   
586 O O   . VAL A 76  ? 0.3034 0.4060 0.4082 0.0173  0.0322  -0.0347 76  VAL A O   
587 C CB  . VAL A 76  ? 0.2825 0.4079 0.3978 0.0030  0.0634  -0.0452 76  VAL A CB  
588 C CG1 . VAL A 76  ? 0.3012 0.4438 0.4304 -0.0076 0.0551  -0.0396 76  VAL A CG1 
589 C CG2 . VAL A 76  ? 0.2772 0.4006 0.3821 -0.0006 0.0833  -0.0523 76  VAL A CG2 
590 N N   . PHE A 77  ? 0.2923 0.3854 0.3654 0.0003  0.0275  -0.0335 77  PHE A N   
591 C CA  . PHE A 77  ? 0.2952 0.3840 0.3626 0.0032  0.0128  -0.0292 77  PHE A CA  
592 C C   . PHE A 77  ? 0.3369 0.4338 0.4107 -0.0051 0.0029  -0.0285 77  PHE A C   
593 O O   . PHE A 77  ? 0.3336 0.4319 0.4068 -0.0148 0.0071  -0.0301 77  PHE A O   
594 C CB  . PHE A 77  ? 0.3305 0.4005 0.3691 0.0038  0.0118  -0.0281 77  PHE A CB  
595 C CG  . PHE A 77  ? 0.3677 0.4297 0.4009 0.0085  0.0186  -0.0271 77  PHE A CG  
596 C CD1 . PHE A 77  ? 0.3874 0.4442 0.4197 0.0150  0.0139  -0.0223 77  PHE A CD1 
597 C CD2 . PHE A 77  ? 0.3904 0.4477 0.4172 0.0042  0.0277  -0.0299 77  PHE A CD2 
598 C CE1 . PHE A 77  ? 0.3983 0.4446 0.4256 0.0165  0.0189  -0.0207 77  PHE A CE1 
599 C CE2 . PHE A 77  ? 0.3144 0.3623 0.3353 0.0056  0.0313  -0.0294 77  PHE A CE2 
600 C CZ  . PHE A 77  ? 0.3886 0.4306 0.4109 0.0113  0.0273  -0.0249 77  PHE A CZ  
601 N N   . ARG A 78  ? 0.2980 0.3978 0.3756 -0.0028 -0.0119 -0.0251 78  ARG A N   
602 C CA  . ARG A 78  ? 0.3169 0.4222 0.3992 -0.0126 -0.0256 -0.0245 78  ARG A CA  
603 C C   . ARG A 78  ? 0.3901 0.4747 0.4403 -0.0119 -0.0396 -0.0244 78  ARG A C   
604 O O   . ARG A 78  ? 0.3462 0.4254 0.3862 -0.0034 -0.0434 -0.0207 78  ARG A O   
605 C CB  . ARG A 78  ? 0.2910 0.4256 0.4144 -0.0126 -0.0325 -0.0202 78  ARG A CB  
606 C CG  . ARG A 78  ? 0.3642 0.5080 0.4978 -0.0270 -0.0487 -0.0186 78  ARG A CG  
607 C CD  . ARG A 78  ? 0.3884 0.5690 0.5718 -0.0263 -0.0558 -0.0125 78  ARG A CD  
608 N NE  . ARG A 78  ? 0.4862 0.6687 0.6752 -0.0127 -0.0679 -0.0072 78  ARG A NE  
609 C CZ  . ARG A 78  ? 0.4632 0.6757 0.6980 -0.0038 -0.0718 -0.0011 78  ARG A CZ  
610 N NH1 . ARG A 78  ? 0.4090 0.6563 0.6899 -0.0068 -0.0614 -0.0007 78  ARG A NH1 
611 N NH2 . ARG A 78  ? 0.4749 0.6828 0.7101 0.0087  -0.0851 0.0055  78  ARG A NH2 
612 N N   . THR A 79  ? 0.3792 0.4484 0.4094 -0.0212 -0.0461 -0.0286 79  THR A N   
613 C CA  . THR A 79  ? 0.4031 0.4480 0.3958 -0.0203 -0.0563 -0.0317 79  THR A CA  
614 C C   . THR A 79  ? 0.4430 0.4882 0.4359 -0.0308 -0.0782 -0.0314 79  THR A C   
615 O O   . THR A 79  ? 0.4302 0.4976 0.4574 -0.0398 -0.0850 -0.0280 79  THR A O   
616 C CB  . THR A 79  ? 0.4707 0.4909 0.4364 -0.0207 -0.0479 -0.0386 79  THR A CB  
617 O OG1 . THR A 79  ? 0.4640 0.4819 0.4398 -0.0329 -0.0510 -0.0405 79  THR A OG1 
618 C CG2 . THR A 79  ? 0.3263 0.3487 0.2935 -0.0114 -0.0297 -0.0372 79  THR A CG2 
619 N N   . GLU A 80  ? 0.4110 0.4317 0.3640 -0.0308 -0.0889 -0.0354 80  GLU A N   
620 C CA  . GLU A 80  ? 0.5104 0.5249 0.4544 -0.0431 -0.1133 -0.0364 80  GLU A CA  
621 C C   . GLU A 80  ? 0.5306 0.5270 0.4667 -0.0569 -0.1181 -0.0441 80  GLU A C   
622 O O   . GLU A 80  ? 0.5269 0.5285 0.4749 -0.0723 -0.1380 -0.0428 80  GLU A O   
623 C CB  . GLU A 80  ? 0.6337 0.6236 0.5289 -0.0395 -0.1233 -0.0387 80  GLU A CB  
624 C CG  . GLU A 80  ? 0.7654 0.7722 0.6699 -0.0332 -0.1325 -0.0269 80  GLU A CG  
625 C CD  . GLU A 80  ? 0.8471 0.8830 0.7951 -0.0413 -0.1542 -0.0181 80  GLU A CD  
626 O OE1 . GLU A 80  ? 0.8572 0.9198 0.8436 -0.0325 -0.1520 -0.0080 80  GLU A OE1 
627 O OE2 . GLU A 80  ? 0.8824 0.9150 0.8289 -0.0565 -0.1736 -0.0212 80  GLU A OE2 
628 N N   . SER A 81  ? 0.4703 0.4450 0.3881 -0.0524 -0.1024 -0.0511 81  SER A N   
629 C CA  . SER A 81  ? 0.4900 0.4395 0.3961 -0.0648 -0.1083 -0.0578 81  SER A CA  
630 C C   . SER A 81  ? 0.4749 0.4256 0.3961 -0.0619 -0.0898 -0.0563 81  SER A C   
631 O O   . SER A 81  ? 0.4576 0.4203 0.3861 -0.0488 -0.0724 -0.0534 81  SER A O   
632 C CB  . SER A 81  ? 0.5975 0.5014 0.4485 -0.0620 -0.1142 -0.0707 81  SER A CB  
633 O OG  . SER A 81  ? 0.5991 0.4886 0.4322 -0.0446 -0.0929 -0.0754 81  SER A OG  
634 N N   . GLU A 82  ? 0.4634 0.3983 0.3861 -0.0763 -0.0957 -0.0575 82  GLU A N   
635 C CA  . GLU A 82  ? 0.4316 0.3629 0.3637 -0.0764 -0.0816 -0.0542 82  GLU A CA  
636 C C   . GLU A 82  ? 0.4402 0.3432 0.3434 -0.0589 -0.0701 -0.0605 82  GLU A C   
637 O O   . GLU A 82  ? 0.4739 0.3874 0.3882 -0.0506 -0.0555 -0.0556 82  GLU A O   
638 C CB  . GLU A 82  ? 0.4794 0.3943 0.4151 -0.0977 -0.0930 -0.0526 82  GLU A CB  
639 C CG  . GLU A 82  ? 0.5794 0.4906 0.5233 -0.1007 -0.0805 -0.0460 82  GLU A CG  
640 C CD  . GLU A 82  ? 0.6767 0.5713 0.6242 -0.1247 -0.0918 -0.0417 82  GLU A CD  
641 O OE1 . GLU A 82  ? 0.7040 0.6232 0.6768 -0.1424 -0.1012 -0.0369 82  GLU A OE1 
642 O OE2 . GLU A 82  ? 0.7790 0.6362 0.7060 -0.1262 -0.0921 -0.0420 82  GLU A OE2 
643 N N   . ALA A 83  ? 0.4905 0.3574 0.3568 -0.0533 -0.0766 -0.0716 83  ALA A N   
644 C CA  . ALA A 83  ? 0.5241 0.3683 0.3682 -0.0341 -0.0636 -0.0779 83  ALA A CA  
645 C C   . ALA A 83  ? 0.4969 0.3705 0.3509 -0.0184 -0.0478 -0.0737 83  ALA A C   
646 O O   . ALA A 83  ? 0.4744 0.3511 0.3351 -0.0064 -0.0346 -0.0711 83  ALA A O   
647 C CB  . ALA A 83  ? 0.5363 0.3375 0.3365 -0.0295 -0.0708 -0.0929 83  ALA A CB  
648 N N   . GLN A 84  ? 0.4492 0.3434 0.3048 -0.0192 -0.0508 -0.0717 84  GLN A N   
649 C CA  . GLN A 84  ? 0.4365 0.3561 0.3020 -0.0073 -0.0375 -0.0659 84  GLN A CA  
650 C C   . GLN A 84  ? 0.4337 0.3793 0.3337 -0.0086 -0.0286 -0.0565 84  GLN A C   
651 O O   . GLN A 84  ? 0.3635 0.3179 0.2690 0.0014  -0.0158 -0.0534 84  GLN A O   
652 C CB  . GLN A 84  ? 0.4199 0.3523 0.2808 -0.0102 -0.0464 -0.0633 84  GLN A CB  
653 C CG  . GLN A 84  ? 0.6640 0.6144 0.5275 0.0003  -0.0350 -0.0571 84  GLN A CG  
654 C CD  . GLN A 84  ? 0.7182 0.6794 0.5800 -0.0037 -0.0474 -0.0515 84  GLN A CD  
655 O OE1 . GLN A 84  ? 0.6694 0.6300 0.5342 -0.0143 -0.0656 -0.0518 84  GLN A OE1 
656 N NE2 . GLN A 84  ? 0.6819 0.6532 0.5411 0.0039  -0.0395 -0.0448 84  GLN A NE2 
657 N N   . ARG A 85  ? 0.4085 0.3676 0.3316 -0.0219 -0.0349 -0.0520 85  ARG A N   
658 C CA  . ARG A 85  ? 0.3828 0.3624 0.3314 -0.0242 -0.0252 -0.0448 85  ARG A CA  
659 C C   . ARG A 85  ? 0.3927 0.3566 0.3341 -0.0209 -0.0186 -0.0441 85  ARG A C   
660 O O   . ARG A 85  ? 0.3531 0.3279 0.3023 -0.0153 -0.0090 -0.0398 85  ARG A O   
661 C CB  . ARG A 85  ? 0.3293 0.3254 0.3021 -0.0395 -0.0306 -0.0409 85  ARG A CB  
662 C CG  . ARG A 85  ? 0.3072 0.3230 0.3010 -0.0433 -0.0183 -0.0351 85  ARG A CG  
663 C CD  . ARG A 85  ? 0.3183 0.3154 0.3010 -0.0491 -0.0151 -0.0327 85  ARG A CD  
664 N NE  . ARG A 85  ? 0.3966 0.3772 0.3756 -0.0638 -0.0252 -0.0320 85  ARG A NE  
665 C CZ  . ARG A 85  ? 0.4629 0.4603 0.4621 -0.0802 -0.0271 -0.0276 85  ARG A CZ  
666 N NH1 . ARG A 85  ? 0.3973 0.4300 0.4236 -0.0810 -0.0180 -0.0247 85  ARG A NH1 
667 N NH2 . ARG A 85  ? 0.4440 0.4226 0.4380 -0.0957 -0.0379 -0.0261 85  ARG A NH2 
668 N N   . ASP A 86  ? 0.3680 0.3035 0.2942 -0.0249 -0.0259 -0.0478 86  ASP A N   
669 C CA  . ASP A 86  ? 0.4164 0.3324 0.3357 -0.0195 -0.0227 -0.0461 86  ASP A CA  
670 C C   . ASP A 86  ? 0.4130 0.3321 0.3284 -0.0008 -0.0130 -0.0475 86  ASP A C   
671 O O   . ASP A 86  ? 0.3925 0.3159 0.3164 0.0042  -0.0082 -0.0414 86  ASP A O   
672 C CB  . ASP A 86  ? 0.4379 0.3152 0.3374 -0.0234 -0.0332 -0.0519 86  ASP A CB  
673 C CG  . ASP A 86  ? 0.4718 0.3455 0.3781 -0.0455 -0.0434 -0.0480 86  ASP A CG  
674 O OD1 . ASP A 86  ? 0.3949 0.2977 0.3231 -0.0562 -0.0392 -0.0398 86  ASP A OD1 
675 O OD2 . ASP A 86  ? 0.4579 0.2986 0.3470 -0.0525 -0.0550 -0.0535 86  ASP A OD2 
676 N N   . MET A 87  ? 0.3712 0.2875 0.2726 0.0089  -0.0107 -0.0548 87  MET A N   
677 C CA  . MET A 87  ? 0.4318 0.3540 0.3316 0.0258  0.0009  -0.0555 87  MET A CA  
678 C C   . MET A 87  ? 0.3425 0.2969 0.2642 0.0255  0.0082  -0.0461 87  MET A C   
679 O O   . MET A 87  ? 0.3706 0.3336 0.3042 0.0331  0.0142  -0.0411 87  MET A O   
680 C CB  . MET A 87  ? 0.4752 0.3892 0.3508 0.0335  0.0041  -0.0643 87  MET A CB  
681 C CG  . MET A 87  ? 0.5804 0.5020 0.4547 0.0512  0.0197  -0.0653 87  MET A CG  
682 S SD  . MET A 87  ? 0.6345 0.5433 0.4706 0.0586  0.0263  -0.0760 87  MET A SD  
683 C CE  . MET A 87  ? 0.5296 0.4593 0.3674 0.0440  0.0178  -0.0680 87  MET A CE  
684 N N   . TRP A 88  ? 0.3217 0.2928 0.2505 0.0168  0.0065  -0.0435 88  TRP A N   
685 C CA  . TRP A 88  ? 0.4079 0.4024 0.3540 0.0157  0.0125  -0.0362 88  TRP A CA  
686 C C   . TRP A 88  ? 0.3947 0.3919 0.3524 0.0095  0.0120  -0.0310 88  TRP A C   
687 O O   . TRP A 88  ? 0.3639 0.3710 0.3298 0.0120  0.0158  -0.0258 88  TRP A O   
688 C CB  . TRP A 88  ? 0.3276 0.3345 0.2797 0.0098  0.0101  -0.0352 88  TRP A CB  
689 C CG  . TRP A 88  ? 0.3417 0.3490 0.2813 0.0154  0.0104  -0.0361 88  TRP A CG  
690 C CD1 . TRP A 88  ? 0.4593 0.4532 0.3787 0.0158  0.0036  -0.0414 88  TRP A CD1 
691 C CD2 . TRP A 88  ? 0.3828 0.4016 0.3248 0.0190  0.0168  -0.0305 88  TRP A CD2 
692 N NE1 . TRP A 88  ? 0.4503 0.4473 0.3568 0.0203  0.0060  -0.0388 88  TRP A NE1 
693 C CE2 . TRP A 88  ? 0.4474 0.4600 0.3692 0.0221  0.0145  -0.0313 88  TRP A CE2 
694 C CE3 . TRP A 88  ? 0.3605 0.3917 0.3171 0.0183  0.0230  -0.0243 88  TRP A CE3 
695 C CZ2 . TRP A 88  ? 0.4119 0.4308 0.3282 0.0243  0.0196  -0.0246 88  TRP A CZ2 
696 C CZ3 . TRP A 88  ? 0.3841 0.4209 0.3379 0.0200  0.0271  -0.0183 88  TRP A CZ3 
697 C CH2 . TRP A 88  ? 0.3552 0.3865 0.2895 0.0230  0.0260  -0.0177 88  TRP A CH2 
698 N N   . CYS A 89  ? 0.3565 0.3450 0.3132 -0.0006 0.0064  -0.0314 89  CYS A N   
699 C CA  . CYS A 89  ? 0.2873 0.2767 0.2485 -0.0089 0.0065  -0.0254 89  CYS A CA  
700 C C   . CYS A 89  ? 0.2990 0.2765 0.2567 -0.0022 0.0040  -0.0211 89  CYS A C   
701 O O   . CYS A 89  ? 0.3092 0.2944 0.2713 -0.0037 0.0043  -0.0148 89  CYS A O   
702 C CB  . CYS A 89  ? 0.3193 0.3026 0.2798 -0.0226 0.0027  -0.0253 89  CYS A CB  
703 S SG  . CYS A 89  ? 0.3988 0.3828 0.3574 -0.0351 0.0055  -0.0172 89  CYS A SG  
704 N N   . SER A 90  ? 0.2996 0.2566 0.2493 0.0056  0.0002  -0.0245 90  SER A N   
705 C CA  . SER A 90  ? 0.3563 0.3016 0.3074 0.0148  -0.0030 -0.0197 90  SER A CA  
706 C C   . SER A 90  ? 0.3723 0.3374 0.3373 0.0285  0.0033  -0.0177 90  SER A C   
707 O O   . SER A 90  ? 0.3036 0.2737 0.2796 0.0327  -0.0002 -0.0094 90  SER A O   
708 C CB  . SER A 90  ? 0.3845 0.2971 0.3225 0.0212  -0.0081 -0.0255 90  SER A CB  
709 O OG  . SER A 90  ? 0.4658 0.3763 0.3961 0.0323  -0.0022 -0.0364 90  SER A OG  
710 N N   . THR A 91  ? 0.3192 0.2977 0.2847 0.0343  0.0117  -0.0232 91  THR A N   
711 C CA  . THR A 91  ? 0.2947 0.2964 0.2761 0.0433  0.0190  -0.0189 91  THR A CA  
712 C C   . THR A 91  ? 0.3106 0.3309 0.3044 0.0322  0.0156  -0.0100 91  THR A C   
713 O O   . THR A 91  ? 0.3276 0.3596 0.3371 0.0351  0.0124  -0.0020 91  THR A O   
714 C CB  . THR A 91  ? 0.3047 0.3150 0.2794 0.0481  0.0290  -0.0246 91  THR A CB  
715 O OG1 . THR A 91  ? 0.3156 0.3052 0.2734 0.0590  0.0320  -0.0342 91  THR A OG1 
716 C CG2 . THR A 91  ? 0.3183 0.3559 0.3121 0.0542  0.0380  -0.0180 91  THR A CG2 
717 N N   . LEU A 92  ? 0.2842 0.3058 0.2708 0.0195  0.0152  -0.0117 92  LEU A N   
718 C CA  . LEU A 92  ? 0.2663 0.2982 0.2573 0.0087  0.0127  -0.0063 92  LEU A CA  
719 C C   . LEU A 92  ? 0.3431 0.3670 0.3314 0.0033  0.0035  0.0005  92  LEU A C   
720 O O   . LEU A 92  ? 0.3316 0.3652 0.3269 -0.0002 -0.0019 0.0077  92  LEU A O   
721 C CB  . LEU A 92  ? 0.2594 0.2899 0.2426 -0.0008 0.0157  -0.0113 92  LEU A CB  
722 C CG  . LEU A 92  ? 0.3167 0.3567 0.3040 0.0021  0.0215  -0.0138 92  LEU A CG  
723 C CD1 . LEU A 92  ? 0.3737 0.4106 0.3576 -0.0017 0.0229  -0.0192 92  LEU A CD1 
724 C CD2 . LEU A 92  ? 0.3675 0.4169 0.3612 -0.0029 0.0217  -0.0092 92  LEU A CD2 
725 N N   . GLN A 93  ? 0.3226 0.3278 0.2995 0.0007  -0.0002 -0.0002 93  GLN A N   
726 C CA  . GLN A 93  ? 0.3149 0.3089 0.2852 -0.0053 -0.0100 0.0085  93  GLN A CA  
727 C C   . GLN A 93  ? 0.3263 0.3251 0.3124 0.0067  -0.0175 0.0166  93  GLN A C   
728 O O   . GLN A 93  ? 0.3187 0.3206 0.3057 0.0012  -0.0276 0.0264  93  GLN A O   
729 C CB  . GLN A 93  ? 0.3386 0.3089 0.2949 -0.0104 -0.0127 0.0079  93  GLN A CB  
730 C CG  . GLN A 93  ? 0.3533 0.3259 0.2999 -0.0251 -0.0062 0.0036  93  GLN A CG  
731 C CD  . GLN A 93  ? 0.4536 0.4074 0.3905 -0.0336 -0.0084 0.0042  93  GLN A CD  
732 O OE1 . GLN A 93  ? 0.4118 0.3462 0.3475 -0.0270 -0.0146 0.0041  93  GLN A OE1 
733 N NE2 . GLN A 93  ? 0.4226 0.3817 0.3534 -0.0489 -0.0025 0.0045  93  GLN A NE2 
734 N N   . SER A 94  ? 0.2856 0.2856 0.2844 0.0237  -0.0126 0.0125  94  SER A N   
735 C CA  . SER A 94  ? 0.3551 0.3638 0.3760 0.0384  -0.0174 0.0201  94  SER A CA  
736 C C   . SER A 94  ? 0.3068 0.3473 0.3484 0.0354  -0.0185 0.0272  94  SER A C   
737 O O   . SER A 94  ? 0.2851 0.3352 0.3423 0.0361  -0.0308 0.0389  94  SER A O   
738 C CB  . SER A 94  ? 0.4213 0.4251 0.4493 0.0586  -0.0073 0.0116  94  SER A CB  
739 O OG  . SER A 94  ? 0.5738 0.5424 0.5836 0.0613  -0.0114 0.0069  94  SER A OG  
740 N N   . CYS A 95  ? 0.2903 0.3462 0.3326 0.0307  -0.0080 0.0215  95  CYS A N   
741 C CA  . CYS A 95  ? 0.3002 0.3829 0.3607 0.0242  -0.0102 0.0286  95  CYS A CA  
742 C C   . CYS A 95  ? 0.3217 0.3989 0.3700 0.0065  -0.0246 0.0350  95  CYS A C   
743 O O   . CYS A 95  ? 0.3180 0.4118 0.3831 0.0023  -0.0363 0.0454  95  CYS A O   
744 C CB  . CYS A 95  ? 0.3450 0.4370 0.4027 0.0206  0.0027  0.0221  95  CYS A CB  
745 S SG  . CYS A 95  ? 0.2990 0.4019 0.3693 0.0408  0.0194  0.0176  95  CYS A SG  
746 N N   . LEU A 96  ? 0.2836 0.3385 0.3026 -0.0041 -0.0246 0.0293  96  LEU A N   
747 C CA  . LEU A 96  ? 0.3413 0.3872 0.3398 -0.0213 -0.0351 0.0333  96  LEU A CA  
748 C C   . LEU A 96  ? 0.3687 0.4077 0.3666 -0.0213 -0.0518 0.0458  96  LEU A C   
749 O O   . LEU A 96  ? 0.4295 0.4698 0.4192 -0.0335 -0.0658 0.0536  96  LEU A O   
750 C CB  . LEU A 96  ? 0.4197 0.4470 0.3898 -0.0308 -0.0264 0.0239  96  LEU A CB  
751 C CG  . LEU A 96  ? 0.4240 0.4565 0.3950 -0.0306 -0.0126 0.0128  96  LEU A CG  
752 C CD1 . LEU A 96  ? 0.3993 0.4199 0.3552 -0.0337 -0.0024 0.0041  96  LEU A CD1 
753 C CD2 . LEU A 96  ? 0.4469 0.4832 0.4125 -0.0417 -0.0155 0.0123  96  LEU A CD2 
754 N N   . LYS A 97  ? 0.3947 0.4231 0.3990 -0.0080 -0.0524 0.0480  97  LYS A N   
755 C CA  . LYS A 97  ? 0.4051 0.4246 0.4127 -0.0047 -0.0699 0.0618  97  LYS A CA  
756 C C   . LYS A 97  ? 0.3833 0.4314 0.4273 0.0039  -0.0807 0.0724  97  LYS A C   
757 O O   . LYS A 97  ? 0.3953 0.4447 0.4402 -0.0025 -0.1007 0.0862  97  LYS A O   
758 C CB  . LYS A 97  ? 0.3753 0.3721 0.3826 0.0093  -0.0674 0.0603  97  LYS A CB  
759 C CG  . LYS A 97  ? 0.4127 0.3942 0.4238 0.0152  -0.0864 0.0757  97  LYS A CG  
760 C CD  . LYS A 97  ? 0.4262 0.3742 0.4279 0.0251  -0.0833 0.0719  97  LYS A CD  
761 C CE  . LYS A 97  ? 0.5728 0.5021 0.5849 0.0381  -0.1008 0.0861  97  LYS A CE  
762 N NZ  . LYS A 97  ? 0.5956 0.4848 0.5918 0.0436  -0.0979 0.0808  97  LYS A NZ  
763 N N   . GLU A 98  ? 0.3255 0.3985 0.4004 0.0174  -0.0680 0.0674  98  GLU A N   
764 C CA  . GLU A 98  ? 0.3212 0.4292 0.4377 0.0240  -0.0758 0.0785  98  GLU A CA  
765 C C   . GLU A 98  ? 0.4009 0.5218 0.5120 0.0014  -0.0886 0.0843  98  GLU A C   
766 O O   . GLU A 98  ? 0.3687 0.5050 0.4981 -0.0028 -0.1089 0.0986  98  GLU A O   
767 C CB  . GLU A 98  ? 0.3015 0.4345 0.4476 0.0402  -0.0552 0.0716  98  GLU A CB  
768 C CG  . GLU A 98  ? 0.2975 0.4742 0.4965 0.0504  -0.0583 0.0836  98  GLU A CG  
769 C CD  . GLU A 98  ? 0.6800 0.8592 0.9084 0.0743  -0.0653 0.0919  98  GLU A CD  
770 O OE1 . GLU A 98  ? 0.7159 0.8598 0.9210 0.0777  -0.0754 0.0925  98  GLU A OE1 
771 O OE2 . GLU A 98  ? 0.6414 0.8581 0.9183 0.0901  -0.0605 0.0986  98  GLU A OE2 
772 N N   . GLN A 99  ? 0.3801 0.4935 0.4664 -0.0130 -0.0782 0.0732  99  GLN A N   
773 C CA  . GLN A 99  ? 0.3661 0.4820 0.4391 -0.0351 -0.0893 0.0752  99  GLN A CA  
774 C C   . GLN A 99  ? 0.4306 0.5260 0.4732 -0.0492 -0.1103 0.0828  99  GLN A C   
775 O O   . GLN A 99  ? 0.4621 0.5668 0.5072 -0.0629 -0.1303 0.0922  99  GLN A O   
776 C CB  . GLN A 99  ? 0.4013 0.5026 0.4475 -0.0444 -0.0730 0.0600  99  GLN A CB  
777 C CG  . GLN A 99  ? 0.4374 0.5254 0.4547 -0.0673 -0.0824 0.0570  99  GLN A CG  
778 C CD  . GLN A 99  ? 0.4546 0.5299 0.4548 -0.0713 -0.0652 0.0423  99  GLN A CD  
779 O OE1 . GLN A 99  ? 0.4693 0.5575 0.4875 -0.0735 -0.0611 0.0420  99  GLN A OE1 
780 N NE2 . GLN A 99  ? 0.3884 0.4393 0.3565 -0.0720 -0.0548 0.0314  99  GLN A NE2 
781 N N   . ARG A 100 ? 0.4050 0.4720 0.4167 -0.0479 -0.1071 0.0797  100 ARG A N   
782 C CA  . ARG A 100 ? 0.4610 0.5045 0.4356 -0.0627 -0.1242 0.0873  100 ARG A CA  
783 C C   . ARG A 100 ? 0.5785 0.6318 0.5757 -0.0573 -0.1498 0.1071  100 ARG A C   
784 O O   . ARG A 100 ? 0.6403 0.6876 0.6170 -0.0735 -0.1723 0.1176  100 ARG A O   
785 C CB  . ARG A 100 ? 0.5030 0.5176 0.4455 -0.0623 -0.1111 0.0805  100 ARG A CB  
786 C CG  . ARG A 100 ? 0.6235 0.6108 0.5181 -0.0801 -0.1206 0.0860  100 ARG A CG  
787 C CD  . ARG A 100 ? 0.7269 0.6931 0.6005 -0.0795 -0.1036 0.0795  100 ARG A CD  
788 N NE  . ARG A 100 ? 0.7516 0.7246 0.6303 -0.0764 -0.0794 0.0615  100 ARG A NE  
789 C CZ  . ARG A 100 ? 0.7499 0.7238 0.6460 -0.0638 -0.0659 0.0550  100 ARG A CZ  
790 N NH1 . ARG A 100 ? 0.7040 0.6686 0.6122 -0.0528 -0.0721 0.0627  100 ARG A NH1 
791 N NH2 . ARG A 100 ? 0.7491 0.7303 0.6491 -0.0623 -0.0476 0.0406  100 ARG A NH2 
792 N N   . LEU A 101 ? 0.5102 0.5783 0.5492 -0.0340 -0.1476 0.1126  101 LEU A N   
793 C CA  . LEU A 101 ? 0.5911 0.6687 0.6579 -0.0241 -0.1716 0.1321  101 LEU A CA  
794 C C   . LEU A 101 ? 0.5937 0.7151 0.7085 -0.0239 -0.1849 0.1423  101 LEU A C   
795 O O   . LEU A 101 ? 0.5539 0.6938 0.6744 -0.0351 -0.1766 0.1345  101 LEU A O   
796 C CB  . LEU A 101 ? 0.5737 0.6438 0.6646 0.0032  -0.1631 0.1327  101 LEU A CB  
797 C CG  . LEU A 101 ? 0.5687 0.5944 0.6220 0.0042  -0.1602 0.1309  101 LEU A CG  
798 C CD1 . LEU A 101 ? 0.5972 0.6002 0.5995 -0.0174 -0.1463 0.1180  101 LEU A CD1 
799 C CD2 . LEU A 101 ? 0.5261 0.5453 0.6034 0.0309  -0.1436 0.1224  101 LEU A CD2 
# 
loop_
_pdbx_poly_seq_scheme.asym_id 
_pdbx_poly_seq_scheme.entity_id 
_pdbx_poly_seq_scheme.seq_id 
_pdbx_poly_seq_scheme.mon_id 
_pdbx_poly_seq_scheme.ndb_seq_num 
_pdbx_poly_seq_scheme.pdb_seq_num 
_pdbx_poly_seq_scheme.auth_seq_num 
_pdbx_poly_seq_scheme.pdb_mon_id 
_pdbx_poly_seq_scheme.auth_mon_id 
_pdbx_poly_seq_scheme.pdb_strand_id 
_pdbx_poly_seq_scheme.pdb_ins_code 
_pdbx_poly_seq_scheme.hetero 
A 1 1   MET 1   1   ?   ?   ?   A . n 
A 1 2   ASP 2   2   ?   ?   ?   A . n 
A 1 3   ARG 3   3   3   ARG ARG A . n 
A 1 4   LEU 4   4   4   LEU LEU A . n 
A 1 5   THR 5   5   5   THR THR A . n 
A 1 6   PRO 6   6   6   PRO PRO A . n 
A 1 7   LEU 7   7   7   LEU LEU A . n 
A 1 8   LEU 8   8   8   LEU LEU A . n 
A 1 9   SER 9   9   9   SER SER A . n 
A 1 10  GLY 10  10  10  GLY GLY A . n 
A 1 11  TRP 11  11  11  TRP TRP A . n 
A 1 12  LEU 12  12  12  LEU LEU A . n 
A 1 13  ASP 13  13  13  ASP ASP A . n 
A 1 14  LYS 14  14  14  LYS LYS A . n 
A 1 15  LEU 15  15  15  LEU LEU A . n 
A 1 16  SER 16  16  16  SER SER A . n 
A 1 17  PRO 17  17  17  PRO PRO A . n 
A 1 18  GLN 18  18  18  GLN GLN A . n 
A 1 19  GLY 19  19  19  GLY GLY A . n 
A 1 20  ASN 20  20  20  ASN ASN A . n 
A 1 21  TYR 21  21  21  TYR TYR A . n 
A 1 22  VAL 22  22  22  VAL VAL A . n 
A 1 23  PHE 23  23  23  PHE PHE A . n 
A 1 24  GLN 24  24  24  GLN GLN A . n 
A 1 25  ARG 25  25  25  ARG ARG A . n 
A 1 26  ARG 26  26  26  ARG ARG A . n 
A 1 27  PHE 27  27  27  PHE PHE A . n 
A 1 28  VAL 28  28  28  VAL VAL A . n 
A 1 29  GLN 29  29  29  GLN GLN A . n 
A 1 30  PHE 30  30  30  PHE PHE A . n 
A 1 31  ASN 31  31  31  ASN ASN A . n 
A 1 32  GLY 32  32  32  GLY GLY A . n 
A 1 33  ARG 33  33  33  ARG ARG A . n 
A 1 34  SER 34  34  34  SER SER A . n 
A 1 35  LEU 35  35  35  LEU LEU A . n 
A 1 36  MET 36  36  36  MET MET A . n 
A 1 37  TYR 37  37  37  TYR TYR A . n 
A 1 38  PHE 38  38  38  PHE PHE A . n 
A 1 39  GLY 39  39  39  GLY GLY A . n 
A 1 40  SER 40  40  40  SER SER A . n 
A 1 41  ASP 41  41  41  ASP ASP A . n 
A 1 42  LYS 42  42  42  LYS LYS A . n 
A 1 43  ASP 43  43  43  ASP ASP A . n 
A 1 44  PRO 44  44  44  PRO PRO A . n 
A 1 45  PHE 45  45  45  PHE PHE A . n 
A 1 46  PRO 46  46  46  PRO PRO A . n 
A 1 47  LYS 47  47  47  LYS LYS A . n 
A 1 48  GLY 48  48  48  GLY GLY A . n 
A 1 49  VAL 49  49  49  VAL VAL A . n 
A 1 50  ILE 50  50  50  ILE ILE A . n 
A 1 51  PRO 51  51  51  PRO PRO A . n 
A 1 52  LEU 52  52  52  LEU LEU A . n 
A 1 53  THR 53  53  53  THR THR A . n 
A 1 54  ALA 54  54  54  ALA ALA A . n 
A 1 55  ILE 55  55  55  ILE ILE A . n 
A 1 56  GLU 56  56  56  GLU GLU A . n 
A 1 57  MET 57  57  57  MET MET A . n 
A 1 58  THR 58  58  58  THR THR A . n 
A 1 59  ARG 59  59  59  ARG ARG A . n 
A 1 60  SER 60  60  60  SER SER A . n 
A 1 61  SER 61  61  61  SER SER A . n 
A 1 62  LYS 62  62  62  LYS LYS A . n 
A 1 63  ASP 63  63  63  ASP ASP A . n 
A 1 64  ASN 64  64  64  ASN ASN A . n 
A 1 65  LYS 65  65  65  LYS LYS A . n 
A 1 66  PHE 66  66  66  PHE PHE A . n 
A 1 67  GLN 67  67  67  GLN GLN A . n 
A 1 68  VAL 68  68  68  VAL VAL A . n 
A 1 69  ILE 69  69  69  ILE ILE A . n 
A 1 70  THR 70  70  70  THR THR A . n 
A 1 71  GLY 71  71  71  GLY GLY A . n 
A 1 72  GLN 72  72  72  GLN GLN A . n 
A 1 73  ARG 73  73  73  ARG ARG A . n 
A 1 74  VAL 74  74  74  VAL VAL A . n 
A 1 75  PHE 75  75  75  PHE PHE A . n 
A 1 76  VAL 76  76  76  VAL VAL A . n 
A 1 77  PHE 77  77  77  PHE PHE A . n 
A 1 78  ARG 78  78  78  ARG ARG A . n 
A 1 79  THR 79  79  79  THR THR A . n 
A 1 80  GLU 80  80  80  GLU GLU A . n 
A 1 81  SER 81  81  81  SER SER A . n 
A 1 82  GLU 82  82  82  GLU GLU A . n 
A 1 83  ALA 83  83  83  ALA ALA A . n 
A 1 84  GLN 84  84  84  GLN GLN A . n 
A 1 85  ARG 85  85  85  ARG ARG A . n 
A 1 86  ASP 86  86  86  ASP ASP A . n 
A 1 87  MET 87  87  87  MET MET A . n 
A 1 88  TRP 88  88  88  TRP TRP A . n 
A 1 89  CYS 89  89  89  CYS CYS A . n 
A 1 90  SER 90  90  90  SER SER A . n 
A 1 91  THR 91  91  91  THR THR A . n 
A 1 92  LEU 92  92  92  LEU LEU A . n 
A 1 93  GLN 93  93  93  GLN GLN A . n 
A 1 94  SER 94  94  94  SER SER A . n 
A 1 95  CYS 95  95  95  CYS CYS A . n 
A 1 96  LEU 96  96  96  LEU LEU A . n 
A 1 97  LYS 97  97  97  LYS LYS A . n 
A 1 98  GLU 98  98  98  GLU GLU A . n 
A 1 99  GLN 99  99  99  GLN GLN A . n 
A 1 100 ARG 100 100 100 ARG ARG A . n 
A 1 101 LEU 101 101 101 LEU LEU A . n 
A 1 102 LEU 102 102 ?   ?   ?   A . n 
A 1 103 GLY 103 103 ?   ?   ?   A . n 
A 1 104 LEU 104 104 ?   ?   ?   A . n 
A 1 105 GLU 105 105 ?   ?   ?   A . n 
A 1 106 HIS 106 106 ?   ?   ?   A . n 
A 1 107 HIS 107 107 ?   ?   ?   A . n 
A 1 108 HIS 108 108 ?   ?   ?   A . n 
A 1 109 HIS 109 109 ?   ?   ?   A . n 
A 1 110 HIS 110 110 ?   ?   ?   A . n 
A 1 111 HIS 111 111 ?   ?   ?   A . n 
# 
_pdbx_contact_author.id                 2 
_pdbx_contact_author.email              wubo@hmfl.ac.cn 
_pdbx_contact_author.name_first         Bo 
_pdbx_contact_author.name_last          Wu 
_pdbx_contact_author.name_mi            ? 
_pdbx_contact_author.role               'principal investigator/group leader' 
_pdbx_contact_author.identifier_ORCID   0000-0003-4556-0477 
# 
loop_
_pdbx_nonpoly_scheme.asym_id 
_pdbx_nonpoly_scheme.entity_id 
_pdbx_nonpoly_scheme.mon_id 
_pdbx_nonpoly_scheme.ndb_seq_num 
_pdbx_nonpoly_scheme.pdb_seq_num 
_pdbx_nonpoly_scheme.auth_seq_num 
_pdbx_nonpoly_scheme.pdb_mon_id 
_pdbx_nonpoly_scheme.auth_mon_id 
_pdbx_nonpoly_scheme.pdb_strand_id 
_pdbx_nonpoly_scheme.pdb_ins_code 
B 2 PEG 1  201 201 PEG PEG A . 
C 3 HOH 1  301 42  HOH HOH A . 
C 3 HOH 2  302 40  HOH HOH A . 
C 3 HOH 3  303 21  HOH HOH A . 
C 3 HOH 4  304 31  HOH HOH A . 
C 3 HOH 5  305 12  HOH HOH A . 
C 3 HOH 6  306 34  HOH HOH A . 
C 3 HOH 7  307 25  HOH HOH A . 
C 3 HOH 8  308 41  HOH HOH A . 
C 3 HOH 9  309 26  HOH HOH A . 
C 3 HOH 10 310 19  HOH HOH A . 
C 3 HOH 11 311 15  HOH HOH A . 
C 3 HOH 12 312 22  HOH HOH A . 
C 3 HOH 13 313 13  HOH HOH A . 
C 3 HOH 14 314 7   HOH HOH A . 
C 3 HOH 15 315 8   HOH HOH A . 
C 3 HOH 16 316 32  HOH HOH A . 
C 3 HOH 17 317 23  HOH HOH A . 
C 3 HOH 18 318 24  HOH HOH A . 
C 3 HOH 19 319 43  HOH HOH A . 
C 3 HOH 20 320 37  HOH HOH A . 
C 3 HOH 21 321 39  HOH HOH A . 
C 3 HOH 22 322 14  HOH HOH A . 
C 3 HOH 23 323 18  HOH HOH A . 
C 3 HOH 24 324 10  HOH HOH A . 
C 3 HOH 25 325 17  HOH HOH A . 
C 3 HOH 26 326 9   HOH HOH A . 
C 3 HOH 27 327 11  HOH HOH A . 
C 3 HOH 28 328 4   HOH HOH A . 
C 3 HOH 29 329 33  HOH HOH A . 
C 3 HOH 30 330 2   HOH HOH A . 
C 3 HOH 31 331 20  HOH HOH A . 
C 3 HOH 32 332 5   HOH HOH A . 
C 3 HOH 33 333 16  HOH HOH A . 
C 3 HOH 34 334 3   HOH HOH A . 
C 3 HOH 35 335 6   HOH HOH A . 
C 3 HOH 36 336 27  HOH HOH A . 
# 
_pdbx_struct_assembly.id                   1 
_pdbx_struct_assembly.details              author_defined_assembly 
_pdbx_struct_assembly.method_details       ? 
_pdbx_struct_assembly.oligomeric_details   monomeric 
_pdbx_struct_assembly.oligomeric_count     1 
# 
_pdbx_struct_assembly_gen.assembly_id       1 
_pdbx_struct_assembly_gen.oper_expression   1 
_pdbx_struct_assembly_gen.asym_id_list      A,B,C 
# 
loop_
_pdbx_struct_assembly_prop.biol_id 
_pdbx_struct_assembly_prop.type 
_pdbx_struct_assembly_prop.value 
_pdbx_struct_assembly_prop.details 
1 'ABSA (A^2)' 210  ? 
1 MORE         2    ? 
1 'SSA (A^2)'  6130 ? 
# 
_pdbx_struct_oper_list.id                   1 
_pdbx_struct_oper_list.type                 'identity operation' 
_pdbx_struct_oper_list.name                 1_555 
_pdbx_struct_oper_list.symmetry_operation   x,y,z 
_pdbx_struct_oper_list.matrix[1][1]         1.0000000000 
_pdbx_struct_oper_list.matrix[1][2]         0.0000000000 
_pdbx_struct_oper_list.matrix[1][3]         0.0000000000 
_pdbx_struct_oper_list.vector[1]            0.0000000000 
_pdbx_struct_oper_list.matrix[2][1]         0.0000000000 
_pdbx_struct_oper_list.matrix[2][2]         1.0000000000 
_pdbx_struct_oper_list.matrix[2][3]         0.0000000000 
_pdbx_struct_oper_list.vector[2]            0.0000000000 
_pdbx_struct_oper_list.matrix[3][1]         0.0000000000 
_pdbx_struct_oper_list.matrix[3][2]         0.0000000000 
_pdbx_struct_oper_list.matrix[3][3]         1.0000000000 
_pdbx_struct_oper_list.vector[3]            0.0000000000 
# 
loop_
_pdbx_struct_special_symmetry.id 
_pdbx_struct_special_symmetry.PDB_model_num 
_pdbx_struct_special_symmetry.auth_asym_id 
_pdbx_struct_special_symmetry.auth_comp_id 
_pdbx_struct_special_symmetry.auth_seq_id 
_pdbx_struct_special_symmetry.PDB_ins_code 
_pdbx_struct_special_symmetry.label_asym_id 
_pdbx_struct_special_symmetry.label_comp_id 
_pdbx_struct_special_symmetry.label_seq_id 
1 1 A HOH 318 ? C HOH . 
2 1 A HOH 331 ? C HOH . 
# 
loop_
_pdbx_audit_revision_history.ordinal 
_pdbx_audit_revision_history.data_content_type 
_pdbx_audit_revision_history.major_revision 
_pdbx_audit_revision_history.minor_revision 
_pdbx_audit_revision_history.revision_date 
1 'Structure model' 1 0 2023-05-03 
2 'Structure model' 1 1 2023-11-29 
# 
_pdbx_audit_revision_details.ordinal             1 
_pdbx_audit_revision_details.revision_ordinal    1 
_pdbx_audit_revision_details.data_content_type   'Structure model' 
_pdbx_audit_revision_details.provider            repository 
_pdbx_audit_revision_details.type                'Initial release' 
_pdbx_audit_revision_details.description         ? 
_pdbx_audit_revision_details.details             ? 
# 
loop_
_pdbx_audit_revision_group.ordinal 
_pdbx_audit_revision_group.revision_ordinal 
_pdbx_audit_revision_group.data_content_type 
_pdbx_audit_revision_group.group 
1 2 'Structure model' 'Data collection'        
2 2 'Structure model' 'Refinement description' 
# 
loop_
_pdbx_audit_revision_category.ordinal 
_pdbx_audit_revision_category.revision_ordinal 
_pdbx_audit_revision_category.data_content_type 
_pdbx_audit_revision_category.category 
1 2 'Structure model' chem_comp_atom                
2 2 'Structure model' chem_comp_bond                
3 2 'Structure model' pdbx_initial_refinement_model 
# 
_pdbx_refine_tls.id               1 
_pdbx_refine_tls.pdbx_refine_id   'X-RAY DIFFRACTION' 
_pdbx_refine_tls.details          ? 
_pdbx_refine_tls.method           refined 
_pdbx_refine_tls.origin_x         -0.2506 
_pdbx_refine_tls.origin_y         0.0643 
_pdbx_refine_tls.origin_z         -0.1367 
_pdbx_refine_tls.T[1][1]          0.1507 
_pdbx_refine_tls.T[1][1]_esd      ? 
_pdbx_refine_tls.T[1][2]          0.0027 
_pdbx_refine_tls.T[1][2]_esd      ? 
_pdbx_refine_tls.T[1][3]          0.0264 
_pdbx_refine_tls.T[1][3]_esd      ? 
_pdbx_refine_tls.T[2][2]          0.1950 
_pdbx_refine_tls.T[2][2]_esd      ? 
_pdbx_refine_tls.T[2][3]          -0.0226 
_pdbx_refine_tls.T[2][3]_esd      ? 
_pdbx_refine_tls.T[3][3]          0.1482 
_pdbx_refine_tls.T[3][3]_esd      ? 
_pdbx_refine_tls.L[1][1]          2.5458 
_pdbx_refine_tls.L[1][1]_esd      ? 
_pdbx_refine_tls.L[1][2]          0.7031 
_pdbx_refine_tls.L[1][2]_esd      ? 
_pdbx_refine_tls.L[1][3]          0.5999 
_pdbx_refine_tls.L[1][3]_esd      ? 
_pdbx_refine_tls.L[2][2]          3.9838 
_pdbx_refine_tls.L[2][2]_esd      ? 
_pdbx_refine_tls.L[2][3]          -0.7245 
_pdbx_refine_tls.L[2][3]_esd      ? 
_pdbx_refine_tls.L[3][3]          3.3840 
_pdbx_refine_tls.L[3][3]_esd      ? 
_pdbx_refine_tls.S[1][1]          0.0970 
_pdbx_refine_tls.S[1][1]_esd      ? 
_pdbx_refine_tls.S[1][2]          0.0654 
_pdbx_refine_tls.S[1][2]_esd      ? 
_pdbx_refine_tls.S[1][3]          0.1136 
_pdbx_refine_tls.S[1][3]_esd      ? 
_pdbx_refine_tls.S[2][1]          -0.0625 
_pdbx_refine_tls.S[2][1]_esd      ? 
_pdbx_refine_tls.S[2][2]          -0.1283 
_pdbx_refine_tls.S[2][2]_esd      ? 
_pdbx_refine_tls.S[2][3]          0.1534 
_pdbx_refine_tls.S[2][3]_esd      ? 
_pdbx_refine_tls.S[3][1]          -0.0302 
_pdbx_refine_tls.S[3][1]_esd      ? 
_pdbx_refine_tls.S[3][2]          -0.0477 
_pdbx_refine_tls.S[3][2]_esd      ? 
_pdbx_refine_tls.S[3][3]          0.0235 
_pdbx_refine_tls.S[3][3]_esd      ? 
# 
_pdbx_refine_tls_group.id                  1 
_pdbx_refine_tls_group.pdbx_refine_id      'X-RAY DIFFRACTION' 
_pdbx_refine_tls_group.refine_tls_id       1 
_pdbx_refine_tls_group.beg_label_asym_id   ? 
_pdbx_refine_tls_group.beg_label_seq_id    ? 
_pdbx_refine_tls_group.beg_auth_asym_id    A 
_pdbx_refine_tls_group.beg_auth_seq_id     3 
_pdbx_refine_tls_group.beg_PDB_ins_code    ? 
_pdbx_refine_tls_group.end_label_asym_id   ? 
_pdbx_refine_tls_group.end_label_seq_id    ? 
_pdbx_refine_tls_group.end_auth_asym_id    A 
_pdbx_refine_tls_group.end_auth_seq_id     101 
_pdbx_refine_tls_group.end_PDB_ins_code    ? 
_pdbx_refine_tls_group.selection           ? 
_pdbx_refine_tls_group.selection_details   
;(chain 'A' and resid 3 through 101)
;
# 
loop_
_software.citation_id 
_software.classification 
_software.compiler_name 
_software.compiler_version 
_software.contact_author 
_software.contact_author_email 
_software.date 
_software.description 
_software.dependencies 
_software.hardware 
_software.language 
_software.location 
_software.mods 
_software.name 
_software.os 
_software.os_version 
_software.type 
_software.version 
_software.pdbx_ordinal 
? 'data scaling'    ? ? ? ? ? ? ? ? ? ? ? SCALA       ? ? ? .           1 
? refinement        ? ? ? ? ? ? ? ? ? ? ? PHENIX      ? ? ? 1.19.2-4158 2 
? 'data extraction' ? ? ? ? ? ? ? ? ? ? ? PDB_EXTRACT ? ? ? 3.27        3 
? 'data reduction'  ? ? ? ? ? ? ? ? ? ? ? HKL-2000    ? ? ? .           4 
? phasing           ? ? ? ? ? ? ? ? ? ? ? PHASER      ? ? ? .           5 
# 
_pdbx_entry_details.entry_id                 7YIR 
_pdbx_entry_details.has_ligand_of_interest   Y 
_pdbx_entry_details.compound_details         ? 
_pdbx_entry_details.source_details           ? 
_pdbx_entry_details.nonpolymer_details       ? 
_pdbx_entry_details.sequence_details         ? 
# 
_pdbx_validate_torsion.id              1 
_pdbx_validate_torsion.PDB_model_num   1 
_pdbx_validate_torsion.auth_comp_id    TYR 
_pdbx_validate_torsion.auth_asym_id    A 
_pdbx_validate_torsion.auth_seq_id     21 
_pdbx_validate_torsion.PDB_ins_code    ? 
_pdbx_validate_torsion.label_alt_id    ? 
_pdbx_validate_torsion.phi             61.05 
_pdbx_validate_torsion.psi             65.99 
# 
loop_
_pdbx_unobs_or_zero_occ_atoms.id 
_pdbx_unobs_or_zero_occ_atoms.PDB_model_num 
_pdbx_unobs_or_zero_occ_atoms.polymer_flag 
_pdbx_unobs_or_zero_occ_atoms.occupancy_flag 
_pdbx_unobs_or_zero_occ_atoms.auth_asym_id 
_pdbx_unobs_or_zero_occ_atoms.auth_comp_id 
_pdbx_unobs_or_zero_occ_atoms.auth_seq_id 
_pdbx_unobs_or_zero_occ_atoms.PDB_ins_code 
_pdbx_unobs_or_zero_occ_atoms.auth_atom_id 
_pdbx_unobs_or_zero_occ_atoms.label_alt_id 
_pdbx_unobs_or_zero_occ_atoms.label_asym_id 
_pdbx_unobs_or_zero_occ_atoms.label_comp_id 
_pdbx_unobs_or_zero_occ_atoms.label_seq_id 
_pdbx_unobs_or_zero_occ_atoms.label_atom_id 
1  1 Y 1 A ARG 3  ? CG  ? A ARG 3  CG  
2  1 Y 1 A ARG 3  ? CD  ? A ARG 3  CD  
3  1 Y 1 A ARG 3  ? NE  ? A ARG 3  NE  
4  1 Y 1 A ARG 3  ? CZ  ? A ARG 3  CZ  
5  1 Y 1 A ARG 3  ? NH1 ? A ARG 3  NH1 
6  1 Y 1 A ARG 3  ? NH2 ? A ARG 3  NH2 
7  1 Y 1 A TYR 21 ? CG  ? A TYR 21 CG  
8  1 Y 1 A TYR 21 ? CD1 ? A TYR 21 CD1 
9  1 Y 1 A TYR 21 ? CD2 ? A TYR 21 CD2 
10 1 Y 1 A TYR 21 ? CE1 ? A TYR 21 CE1 
11 1 Y 1 A TYR 21 ? CE2 ? A TYR 21 CE2 
12 1 Y 1 A TYR 21 ? CZ  ? A TYR 21 CZ  
13 1 Y 1 A TYR 21 ? OH  ? A TYR 21 OH  
# 
loop_
_pdbx_unobs_or_zero_occ_residues.id 
_pdbx_unobs_or_zero_occ_residues.PDB_model_num 
_pdbx_unobs_or_zero_occ_residues.polymer_flag 
_pdbx_unobs_or_zero_occ_residues.occupancy_flag 
_pdbx_unobs_or_zero_occ_residues.auth_asym_id 
_pdbx_unobs_or_zero_occ_residues.auth_comp_id 
_pdbx_unobs_or_zero_occ_residues.auth_seq_id 
_pdbx_unobs_or_zero_occ_residues.PDB_ins_code 
_pdbx_unobs_or_zero_occ_residues.label_asym_id 
_pdbx_unobs_or_zero_occ_residues.label_comp_id 
_pdbx_unobs_or_zero_occ_residues.label_seq_id 
1  1 Y 1 A MET 1   ? A MET 1   
2  1 Y 1 A ASP 2   ? A ASP 2   
3  1 Y 1 A LEU 102 ? A LEU 102 
4  1 Y 1 A GLY 103 ? A GLY 103 
5  1 Y 1 A LEU 104 ? A LEU 104 
6  1 Y 1 A GLU 105 ? A GLU 105 
7  1 Y 1 A HIS 106 ? A HIS 106 
8  1 Y 1 A HIS 107 ? A HIS 107 
9  1 Y 1 A HIS 108 ? A HIS 108 
10 1 Y 1 A HIS 109 ? A HIS 109 
11 1 Y 1 A HIS 110 ? A HIS 110 
12 1 Y 1 A HIS 111 ? A HIS 111 
# 
loop_
_chem_comp_atom.comp_id 
_chem_comp_atom.atom_id 
_chem_comp_atom.type_symbol 
_chem_comp_atom.pdbx_aromatic_flag 
_chem_comp_atom.pdbx_stereo_config 
_chem_comp_atom.pdbx_ordinal 
ALA N    N N N 1   
ALA CA   C N S 2   
ALA C    C N N 3   
ALA O    O N N 4   
ALA CB   C N N 5   
ALA OXT  O N N 6   
ALA H    H N N 7   
ALA H2   H N N 8   
ALA HA   H N N 9   
ALA HB1  H N N 10  
ALA HB2  H N N 11  
ALA HB3  H N N 12  
ALA HXT  H N N 13  
ARG N    N N N 14  
ARG CA   C N S 15  
ARG C    C N N 16  
ARG O    O N N 17  
ARG CB   C N N 18  
ARG CG   C N N 19  
ARG CD   C N N 20  
ARG NE   N N N 21  
ARG CZ   C N N 22  
ARG NH1  N N N 23  
ARG NH2  N N N 24  
ARG OXT  O N N 25  
ARG H    H N N 26  
ARG H2   H N N 27  
ARG HA   H N N 28  
ARG HB2  H N N 29  
ARG HB3  H N N 30  
ARG HG2  H N N 31  
ARG HG3  H N N 32  
ARG HD2  H N N 33  
ARG HD3  H N N 34  
ARG HE   H N N 35  
ARG HH11 H N N 36  
ARG HH12 H N N 37  
ARG HH21 H N N 38  
ARG HH22 H N N 39  
ARG HXT  H N N 40  
ASN N    N N N 41  
ASN CA   C N S 42  
ASN C    C N N 43  
ASN O    O N N 44  
ASN CB   C N N 45  
ASN CG   C N N 46  
ASN OD1  O N N 47  
ASN ND2  N N N 48  
ASN OXT  O N N 49  
ASN H    H N N 50  
ASN H2   H N N 51  
ASN HA   H N N 52  
ASN HB2  H N N 53  
ASN HB3  H N N 54  
ASN HD21 H N N 55  
ASN HD22 H N N 56  
ASN HXT  H N N 57  
ASP N    N N N 58  
ASP CA   C N S 59  
ASP C    C N N 60  
ASP O    O N N 61  
ASP CB   C N N 62  
ASP CG   C N N 63  
ASP OD1  O N N 64  
ASP OD2  O N N 65  
ASP OXT  O N N 66  
ASP H    H N N 67  
ASP H2   H N N 68  
ASP HA   H N N 69  
ASP HB2  H N N 70  
ASP HB3  H N N 71  
ASP HD2  H N N 72  
ASP HXT  H N N 73  
CYS N    N N N 74  
CYS CA   C N R 75  
CYS C    C N N 76  
CYS O    O N N 77  
CYS CB   C N N 78  
CYS SG   S N N 79  
CYS OXT  O N N 80  
CYS H    H N N 81  
CYS H2   H N N 82  
CYS HA   H N N 83  
CYS HB2  H N N 84  
CYS HB3  H N N 85  
CYS HG   H N N 86  
CYS HXT  H N N 87  
GLN N    N N N 88  
GLN CA   C N S 89  
GLN C    C N N 90  
GLN O    O N N 91  
GLN CB   C N N 92  
GLN CG   C N N 93  
GLN CD   C N N 94  
GLN OE1  O N N 95  
GLN NE2  N N N 96  
GLN OXT  O N N 97  
GLN H    H N N 98  
GLN H2   H N N 99  
GLN HA   H N N 100 
GLN HB2  H N N 101 
GLN HB3  H N N 102 
GLN HG2  H N N 103 
GLN HG3  H N N 104 
GLN HE21 H N N 105 
GLN HE22 H N N 106 
GLN HXT  H N N 107 
GLU N    N N N 108 
GLU CA   C N S 109 
GLU C    C N N 110 
GLU O    O N N 111 
GLU CB   C N N 112 
GLU CG   C N N 113 
GLU CD   C N N 114 
GLU OE1  O N N 115 
GLU OE2  O N N 116 
GLU OXT  O N N 117 
GLU H    H N N 118 
GLU H2   H N N 119 
GLU HA   H N N 120 
GLU HB2  H N N 121 
GLU HB3  H N N 122 
GLU HG2  H N N 123 
GLU HG3  H N N 124 
GLU HE2  H N N 125 
GLU HXT  H N N 126 
GLY N    N N N 127 
GLY CA   C N N 128 
GLY C    C N N 129 
GLY O    O N N 130 
GLY OXT  O N N 131 
GLY H    H N N 132 
GLY H2   H N N 133 
GLY HA2  H N N 134 
GLY HA3  H N N 135 
GLY HXT  H N N 136 
HIS N    N N N 137 
HIS CA   C N S 138 
HIS C    C N N 139 
HIS O    O N N 140 
HIS CB   C N N 141 
HIS CG   C Y N 142 
HIS ND1  N Y N 143 
HIS CD2  C Y N 144 
HIS CE1  C Y N 145 
HIS NE2  N Y N 146 
HIS OXT  O N N 147 
HIS H    H N N 148 
HIS H2   H N N 149 
HIS HA   H N N 150 
HIS HB2  H N N 151 
HIS HB3  H N N 152 
HIS HD1  H N N 153 
HIS HD2  H N N 154 
HIS HE1  H N N 155 
HIS HE2  H N N 156 
HIS HXT  H N N 157 
HOH O    O N N 158 
HOH H1   H N N 159 
HOH H2   H N N 160 
ILE N    N N N 161 
ILE CA   C N S 162 
ILE C    C N N 163 
ILE O    O N N 164 
ILE CB   C N S 165 
ILE CG1  C N N 166 
ILE CG2  C N N 167 
ILE CD1  C N N 168 
ILE OXT  O N N 169 
ILE H    H N N 170 
ILE H2   H N N 171 
ILE HA   H N N 172 
ILE HB   H N N 173 
ILE HG12 H N N 174 
ILE HG13 H N N 175 
ILE HG21 H N N 176 
ILE HG22 H N N 177 
ILE HG23 H N N 178 
ILE HD11 H N N 179 
ILE HD12 H N N 180 
ILE HD13 H N N 181 
ILE HXT  H N N 182 
LEU N    N N N 183 
LEU CA   C N S 184 
LEU C    C N N 185 
LEU O    O N N 186 
LEU CB   C N N 187 
LEU CG   C N N 188 
LEU CD1  C N N 189 
LEU CD2  C N N 190 
LEU OXT  O N N 191 
LEU H    H N N 192 
LEU H2   H N N 193 
LEU HA   H N N 194 
LEU HB2  H N N 195 
LEU HB3  H N N 196 
LEU HG   H N N 197 
LEU HD11 H N N 198 
LEU HD12 H N N 199 
LEU HD13 H N N 200 
LEU HD21 H N N 201 
LEU HD22 H N N 202 
LEU HD23 H N N 203 
LEU HXT  H N N 204 
LYS N    N N N 205 
LYS CA   C N S 206 
LYS C    C N N 207 
LYS O    O N N 208 
LYS CB   C N N 209 
LYS CG   C N N 210 
LYS CD   C N N 211 
LYS CE   C N N 212 
LYS NZ   N N N 213 
LYS OXT  O N N 214 
LYS H    H N N 215 
LYS H2   H N N 216 
LYS HA   H N N 217 
LYS HB2  H N N 218 
LYS HB3  H N N 219 
LYS HG2  H N N 220 
LYS HG3  H N N 221 
LYS HD2  H N N 222 
LYS HD3  H N N 223 
LYS HE2  H N N 224 
LYS HE3  H N N 225 
LYS HZ1  H N N 226 
LYS HZ2  H N N 227 
LYS HZ3  H N N 228 
LYS HXT  H N N 229 
MET N    N N N 230 
MET CA   C N S 231 
MET C    C N N 232 
MET O    O N N 233 
MET CB   C N N 234 
MET CG   C N N 235 
MET SD   S N N 236 
MET CE   C N N 237 
MET OXT  O N N 238 
MET H    H N N 239 
MET H2   H N N 240 
MET HA   H N N 241 
MET HB2  H N N 242 
MET HB3  H N N 243 
MET HG2  H N N 244 
MET HG3  H N N 245 
MET HE1  H N N 246 
MET HE2  H N N 247 
MET HE3  H N N 248 
MET HXT  H N N 249 
PEG C1   C N N 250 
PEG O1   O N N 251 
PEG C2   C N N 252 
PEG O2   O N N 253 
PEG C3   C N N 254 
PEG C4   C N N 255 
PEG O4   O N N 256 
PEG H11  H N N 257 
PEG H12  H N N 258 
PEG HO1  H N N 259 
PEG H21  H N N 260 
PEG H22  H N N 261 
PEG H31  H N N 262 
PEG H32  H N N 263 
PEG H41  H N N 264 
PEG H42  H N N 265 
PEG HO4  H N N 266 
PHE N    N N N 267 
PHE CA   C N S 268 
PHE C    C N N 269 
PHE O    O N N 270 
PHE CB   C N N 271 
PHE CG   C Y N 272 
PHE CD1  C Y N 273 
PHE CD2  C Y N 274 
PHE CE1  C Y N 275 
PHE CE2  C Y N 276 
PHE CZ   C Y N 277 
PHE OXT  O N N 278 
PHE H    H N N 279 
PHE H2   H N N 280 
PHE HA   H N N 281 
PHE HB2  H N N 282 
PHE HB3  H N N 283 
PHE HD1  H N N 284 
PHE HD2  H N N 285 
PHE HE1  H N N 286 
PHE HE2  H N N 287 
PHE HZ   H N N 288 
PHE HXT  H N N 289 
PRO N    N N N 290 
PRO CA   C N S 291 
PRO C    C N N 292 
PRO O    O N N 293 
PRO CB   C N N 294 
PRO CG   C N N 295 
PRO CD   C N N 296 
PRO OXT  O N N 297 
PRO H    H N N 298 
PRO HA   H N N 299 
PRO HB2  H N N 300 
PRO HB3  H N N 301 
PRO HG2  H N N 302 
PRO HG3  H N N 303 
PRO HD2  H N N 304 
PRO HD3  H N N 305 
PRO HXT  H N N 306 
SER N    N N N 307 
SER CA   C N S 308 
SER C    C N N 309 
SER O    O N N 310 
SER CB   C N N 311 
SER OG   O N N 312 
SER OXT  O N N 313 
SER H    H N N 314 
SER H2   H N N 315 
SER HA   H N N 316 
SER HB2  H N N 317 
SER HB3  H N N 318 
SER HG   H N N 319 
SER HXT  H N N 320 
THR N    N N N 321 
THR CA   C N S 322 
THR C    C N N 323 
THR O    O N N 324 
THR CB   C N R 325 
THR OG1  O N N 326 
THR CG2  C N N 327 
THR OXT  O N N 328 
THR H    H N N 329 
THR H2   H N N 330 
THR HA   H N N 331 
THR HB   H N N 332 
THR HG1  H N N 333 
THR HG21 H N N 334 
THR HG22 H N N 335 
THR HG23 H N N 336 
THR HXT  H N N 337 
TRP N    N N N 338 
TRP CA   C N S 339 
TRP C    C N N 340 
TRP O    O N N 341 
TRP CB   C N N 342 
TRP CG   C Y N 343 
TRP CD1  C Y N 344 
TRP CD2  C Y N 345 
TRP NE1  N Y N 346 
TRP CE2  C Y N 347 
TRP CE3  C Y N 348 
TRP CZ2  C Y N 349 
TRP CZ3  C Y N 350 
TRP CH2  C Y N 351 
TRP OXT  O N N 352 
TRP H    H N N 353 
TRP H2   H N N 354 
TRP HA   H N N 355 
TRP HB2  H N N 356 
TRP HB3  H N N 357 
TRP HD1  H N N 358 
TRP HE1  H N N 359 
TRP HE3  H N N 360 
TRP HZ2  H N N 361 
TRP HZ3  H N N 362 
TRP HH2  H N N 363 
TRP HXT  H N N 364 
TYR N    N N N 365 
TYR CA   C N S 366 
TYR C    C N N 367 
TYR O    O N N 368 
TYR CB   C N N 369 
TYR CG   C Y N 370 
TYR CD1  C Y N 371 
TYR CD2  C Y N 372 
TYR CE1  C Y N 373 
TYR CE2  C Y N 374 
TYR CZ   C Y N 375 
TYR OH   O N N 376 
TYR OXT  O N N 377 
TYR H    H N N 378 
TYR H2   H N N 379 
TYR HA   H N N 380 
TYR HB2  H N N 381 
TYR HB3  H N N 382 
TYR HD1  H N N 383 
TYR HD2  H N N 384 
TYR HE1  H N N 385 
TYR HE2  H N N 386 
TYR HH   H N N 387 
TYR HXT  H N N 388 
VAL N    N N N 389 
VAL CA   C N S 390 
VAL C    C N N 391 
VAL O    O N N 392 
VAL CB   C N N 393 
VAL CG1  C N N 394 
VAL CG2  C N N 395 
VAL OXT  O N N 396 
VAL H    H N N 397 
VAL H2   H N N 398 
VAL HA   H N N 399 
VAL HB   H N N 400 
VAL HG11 H N N 401 
VAL HG12 H N N 402 
VAL HG13 H N N 403 
VAL HG21 H N N 404 
VAL HG22 H N N 405 
VAL HG23 H N N 406 
VAL HXT  H N N 407 
# 
loop_
_chem_comp_bond.comp_id 
_chem_comp_bond.atom_id_1 
_chem_comp_bond.atom_id_2 
_chem_comp_bond.value_order 
_chem_comp_bond.pdbx_aromatic_flag 
_chem_comp_bond.pdbx_stereo_config 
_chem_comp_bond.pdbx_ordinal 
ALA N   CA   sing N N 1   
ALA N   H    sing N N 2   
ALA N   H2   sing N N 3   
ALA CA  C    sing N N 4   
ALA CA  CB   sing N N 5   
ALA CA  HA   sing N N 6   
ALA C   O    doub N N 7   
ALA C   OXT  sing N N 8   
ALA CB  HB1  sing N N 9   
ALA CB  HB2  sing N N 10  
ALA CB  HB3  sing N N 11  
ALA OXT HXT  sing N N 12  
ARG N   CA   sing N N 13  
ARG N   H    sing N N 14  
ARG N   H2   sing N N 15  
ARG CA  C    sing N N 16  
ARG CA  CB   sing N N 17  
ARG CA  HA   sing N N 18  
ARG C   O    doub N N 19  
ARG C   OXT  sing N N 20  
ARG CB  CG   sing N N 21  
ARG CB  HB2  sing N N 22  
ARG CB  HB3  sing N N 23  
ARG CG  CD   sing N N 24  
ARG CG  HG2  sing N N 25  
ARG CG  HG3  sing N N 26  
ARG CD  NE   sing N N 27  
ARG CD  HD2  sing N N 28  
ARG CD  HD3  sing N N 29  
ARG NE  CZ   sing N N 30  
ARG NE  HE   sing N N 31  
ARG CZ  NH1  sing N N 32  
ARG CZ  NH2  doub N N 33  
ARG NH1 HH11 sing N N 34  
ARG NH1 HH12 sing N N 35  
ARG NH2 HH21 sing N N 36  
ARG NH2 HH22 sing N N 37  
ARG OXT HXT  sing N N 38  
ASN N   CA   sing N N 39  
ASN N   H    sing N N 40  
ASN N   H2   sing N N 41  
ASN CA  C    sing N N 42  
ASN CA  CB   sing N N 43  
ASN CA  HA   sing N N 44  
ASN C   O    doub N N 45  
ASN C   OXT  sing N N 46  
ASN CB  CG   sing N N 47  
ASN CB  HB2  sing N N 48  
ASN CB  HB3  sing N N 49  
ASN CG  OD1  doub N N 50  
ASN CG  ND2  sing N N 51  
ASN ND2 HD21 sing N N 52  
ASN ND2 HD22 sing N N 53  
ASN OXT HXT  sing N N 54  
ASP N   CA   sing N N 55  
ASP N   H    sing N N 56  
ASP N   H2   sing N N 57  
ASP CA  C    sing N N 58  
ASP CA  CB   sing N N 59  
ASP CA  HA   sing N N 60  
ASP C   O    doub N N 61  
ASP C   OXT  sing N N 62  
ASP CB  CG   sing N N 63  
ASP CB  HB2  sing N N 64  
ASP CB  HB3  sing N N 65  
ASP CG  OD1  doub N N 66  
ASP CG  OD2  sing N N 67  
ASP OD2 HD2  sing N N 68  
ASP OXT HXT  sing N N 69  
CYS N   CA   sing N N 70  
CYS N   H    sing N N 71  
CYS N   H2   sing N N 72  
CYS CA  C    sing N N 73  
CYS CA  CB   sing N N 74  
CYS CA  HA   sing N N 75  
CYS C   O    doub N N 76  
CYS C   OXT  sing N N 77  
CYS CB  SG   sing N N 78  
CYS CB  HB2  sing N N 79  
CYS CB  HB3  sing N N 80  
CYS SG  HG   sing N N 81  
CYS OXT HXT  sing N N 82  
GLN N   CA   sing N N 83  
GLN N   H    sing N N 84  
GLN N   H2   sing N N 85  
GLN CA  C    sing N N 86  
GLN CA  CB   sing N N 87  
GLN CA  HA   sing N N 88  
GLN C   O    doub N N 89  
GLN C   OXT  sing N N 90  
GLN CB  CG   sing N N 91  
GLN CB  HB2  sing N N 92  
GLN CB  HB3  sing N N 93  
GLN CG  CD   sing N N 94  
GLN CG  HG2  sing N N 95  
GLN CG  HG3  sing N N 96  
GLN CD  OE1  doub N N 97  
GLN CD  NE2  sing N N 98  
GLN NE2 HE21 sing N N 99  
GLN NE2 HE22 sing N N 100 
GLN OXT HXT  sing N N 101 
GLU N   CA   sing N N 102 
GLU N   H    sing N N 103 
GLU N   H2   sing N N 104 
GLU CA  C    sing N N 105 
GLU CA  CB   sing N N 106 
GLU CA  HA   sing N N 107 
GLU C   O    doub N N 108 
GLU C   OXT  sing N N 109 
GLU CB  CG   sing N N 110 
GLU CB  HB2  sing N N 111 
GLU CB  HB3  sing N N 112 
GLU CG  CD   sing N N 113 
GLU CG  HG2  sing N N 114 
GLU CG  HG3  sing N N 115 
GLU CD  OE1  doub N N 116 
GLU CD  OE2  sing N N 117 
GLU OE2 HE2  sing N N 118 
GLU OXT HXT  sing N N 119 
GLY N   CA   sing N N 120 
GLY N   H    sing N N 121 
GLY N   H2   sing N N 122 
GLY CA  C    sing N N 123 
GLY CA  HA2  sing N N 124 
GLY CA  HA3  sing N N 125 
GLY C   O    doub N N 126 
GLY C   OXT  sing N N 127 
GLY OXT HXT  sing N N 128 
HIS N   CA   sing N N 129 
HIS N   H    sing N N 130 
HIS N   H2   sing N N 131 
HIS CA  C    sing N N 132 
HIS CA  CB   sing N N 133 
HIS CA  HA   sing N N 134 
HIS C   O    doub N N 135 
HIS C   OXT  sing N N 136 
HIS CB  CG   sing N N 137 
HIS CB  HB2  sing N N 138 
HIS CB  HB3  sing N N 139 
HIS CG  ND1  sing Y N 140 
HIS CG  CD2  doub Y N 141 
HIS ND1 CE1  doub Y N 142 
HIS ND1 HD1  sing N N 143 
HIS CD2 NE2  sing Y N 144 
HIS CD2 HD2  sing N N 145 
HIS CE1 NE2  sing Y N 146 
HIS CE1 HE1  sing N N 147 
HIS NE2 HE2  sing N N 148 
HIS OXT HXT  sing N N 149 
HOH O   H1   sing N N 150 
HOH O   H2   sing N N 151 
ILE N   CA   sing N N 152 
ILE N   H    sing N N 153 
ILE N   H2   sing N N 154 
ILE CA  C    sing N N 155 
ILE CA  CB   sing N N 156 
ILE CA  HA   sing N N 157 
ILE C   O    doub N N 158 
ILE C   OXT  sing N N 159 
ILE CB  CG1  sing N N 160 
ILE CB  CG2  sing N N 161 
ILE CB  HB   sing N N 162 
ILE CG1 CD1  sing N N 163 
ILE CG1 HG12 sing N N 164 
ILE CG1 HG13 sing N N 165 
ILE CG2 HG21 sing N N 166 
ILE CG2 HG22 sing N N 167 
ILE CG2 HG23 sing N N 168 
ILE CD1 HD11 sing N N 169 
ILE CD1 HD12 sing N N 170 
ILE CD1 HD13 sing N N 171 
ILE OXT HXT  sing N N 172 
LEU N   CA   sing N N 173 
LEU N   H    sing N N 174 
LEU N   H2   sing N N 175 
LEU CA  C    sing N N 176 
LEU CA  CB   sing N N 177 
LEU CA  HA   sing N N 178 
LEU C   O    doub N N 179 
LEU C   OXT  sing N N 180 
LEU CB  CG   sing N N 181 
LEU CB  HB2  sing N N 182 
LEU CB  HB3  sing N N 183 
LEU CG  CD1  sing N N 184 
LEU CG  CD2  sing N N 185 
LEU CG  HG   sing N N 186 
LEU CD1 HD11 sing N N 187 
LEU CD1 HD12 sing N N 188 
LEU CD1 HD13 sing N N 189 
LEU CD2 HD21 sing N N 190 
LEU CD2 HD22 sing N N 191 
LEU CD2 HD23 sing N N 192 
LEU OXT HXT  sing N N 193 
LYS N   CA   sing N N 194 
LYS N   H    sing N N 195 
LYS N   H2   sing N N 196 
LYS CA  C    sing N N 197 
LYS CA  CB   sing N N 198 
LYS CA  HA   sing N N 199 
LYS C   O    doub N N 200 
LYS C   OXT  sing N N 201 
LYS CB  CG   sing N N 202 
LYS CB  HB2  sing N N 203 
LYS CB  HB3  sing N N 204 
LYS CG  CD   sing N N 205 
LYS CG  HG2  sing N N 206 
LYS CG  HG3  sing N N 207 
LYS CD  CE   sing N N 208 
LYS CD  HD2  sing N N 209 
LYS CD  HD3  sing N N 210 
LYS CE  NZ   sing N N 211 
LYS CE  HE2  sing N N 212 
LYS CE  HE3  sing N N 213 
LYS NZ  HZ1  sing N N 214 
LYS NZ  HZ2  sing N N 215 
LYS NZ  HZ3  sing N N 216 
LYS OXT HXT  sing N N 217 
MET N   CA   sing N N 218 
MET N   H    sing N N 219 
MET N   H2   sing N N 220 
MET CA  C    sing N N 221 
MET CA  CB   sing N N 222 
MET CA  HA   sing N N 223 
MET C   O    doub N N 224 
MET C   OXT  sing N N 225 
MET CB  CG   sing N N 226 
MET CB  HB2  sing N N 227 
MET CB  HB3  sing N N 228 
MET CG  SD   sing N N 229 
MET CG  HG2  sing N N 230 
MET CG  HG3  sing N N 231 
MET SD  CE   sing N N 232 
MET CE  HE1  sing N N 233 
MET CE  HE2  sing N N 234 
MET CE  HE3  sing N N 235 
MET OXT HXT  sing N N 236 
PEG C1  O1   sing N N 237 
PEG C1  C2   sing N N 238 
PEG C1  H11  sing N N 239 
PEG C1  H12  sing N N 240 
PEG O1  HO1  sing N N 241 
PEG C2  O2   sing N N 242 
PEG C2  H21  sing N N 243 
PEG C2  H22  sing N N 244 
PEG O2  C3   sing N N 245 
PEG C3  C4   sing N N 246 
PEG C3  H31  sing N N 247 
PEG C3  H32  sing N N 248 
PEG C4  O4   sing N N 249 
PEG C4  H41  sing N N 250 
PEG C4  H42  sing N N 251 
PEG O4  HO4  sing N N 252 
PHE N   CA   sing N N 253 
PHE N   H    sing N N 254 
PHE N   H2   sing N N 255 
PHE CA  C    sing N N 256 
PHE CA  CB   sing N N 257 
PHE CA  HA   sing N N 258 
PHE C   O    doub N N 259 
PHE C   OXT  sing N N 260 
PHE CB  CG   sing N N 261 
PHE CB  HB2  sing N N 262 
PHE CB  HB3  sing N N 263 
PHE CG  CD1  doub Y N 264 
PHE CG  CD2  sing Y N 265 
PHE CD1 CE1  sing Y N 266 
PHE CD1 HD1  sing N N 267 
PHE CD2 CE2  doub Y N 268 
PHE CD2 HD2  sing N N 269 
PHE CE1 CZ   doub Y N 270 
PHE CE1 HE1  sing N N 271 
PHE CE2 CZ   sing Y N 272 
PHE CE2 HE2  sing N N 273 
PHE CZ  HZ   sing N N 274 
PHE OXT HXT  sing N N 275 
PRO N   CA   sing N N 276 
PRO N   CD   sing N N 277 
PRO N   H    sing N N 278 
PRO CA  C    sing N N 279 
PRO CA  CB   sing N N 280 
PRO CA  HA   sing N N 281 
PRO C   O    doub N N 282 
PRO C   OXT  sing N N 283 
PRO CB  CG   sing N N 284 
PRO CB  HB2  sing N N 285 
PRO CB  HB3  sing N N 286 
PRO CG  CD   sing N N 287 
PRO CG  HG2  sing N N 288 
PRO CG  HG3  sing N N 289 
PRO CD  HD2  sing N N 290 
PRO CD  HD3  sing N N 291 
PRO OXT HXT  sing N N 292 
SER N   CA   sing N N 293 
SER N   H    sing N N 294 
SER N   H2   sing N N 295 
SER CA  C    sing N N 296 
SER CA  CB   sing N N 297 
SER CA  HA   sing N N 298 
SER C   O    doub N N 299 
SER C   OXT  sing N N 300 
SER CB  OG   sing N N 301 
SER CB  HB2  sing N N 302 
SER CB  HB3  sing N N 303 
SER OG  HG   sing N N 304 
SER OXT HXT  sing N N 305 
THR N   CA   sing N N 306 
THR N   H    sing N N 307 
THR N   H2   sing N N 308 
THR CA  C    sing N N 309 
THR CA  CB   sing N N 310 
THR CA  HA   sing N N 311 
THR C   O    doub N N 312 
THR C   OXT  sing N N 313 
THR CB  OG1  sing N N 314 
THR CB  CG2  sing N N 315 
THR CB  HB   sing N N 316 
THR OG1 HG1  sing N N 317 
THR CG2 HG21 sing N N 318 
THR CG2 HG22 sing N N 319 
THR CG2 HG23 sing N N 320 
THR OXT HXT  sing N N 321 
TRP N   CA   sing N N 322 
TRP N   H    sing N N 323 
TRP N   H2   sing N N 324 
TRP CA  C    sing N N 325 
TRP CA  CB   sing N N 326 
TRP CA  HA   sing N N 327 
TRP C   O    doub N N 328 
TRP C   OXT  sing N N 329 
TRP CB  CG   sing N N 330 
TRP CB  HB2  sing N N 331 
TRP CB  HB3  sing N N 332 
TRP CG  CD1  doub Y N 333 
TRP CG  CD2  sing Y N 334 
TRP CD1 NE1  sing Y N 335 
TRP CD1 HD1  sing N N 336 
TRP CD2 CE2  doub Y N 337 
TRP CD2 CE3  sing Y N 338 
TRP NE1 CE2  sing Y N 339 
TRP NE1 HE1  sing N N 340 
TRP CE2 CZ2  sing Y N 341 
TRP CE3 CZ3  doub Y N 342 
TRP CE3 HE3  sing N N 343 
TRP CZ2 CH2  doub Y N 344 
TRP CZ2 HZ2  sing N N 345 
TRP CZ3 CH2  sing Y N 346 
TRP CZ3 HZ3  sing N N 347 
TRP CH2 HH2  sing N N 348 
TRP OXT HXT  sing N N 349 
TYR N   CA   sing N N 350 
TYR N   H    sing N N 351 
TYR N   H2   sing N N 352 
TYR CA  C    sing N N 353 
TYR CA  CB   sing N N 354 
TYR CA  HA   sing N N 355 
TYR C   O    doub N N 356 
TYR C   OXT  sing N N 357 
TYR CB  CG   sing N N 358 
TYR CB  HB2  sing N N 359 
TYR CB  HB3  sing N N 360 
TYR CG  CD1  doub Y N 361 
TYR CG  CD2  sing Y N 362 
TYR CD1 CE1  sing Y N 363 
TYR CD1 HD1  sing N N 364 
TYR CD2 CE2  doub Y N 365 
TYR CD2 HD2  sing N N 366 
TYR CE1 CZ   doub Y N 367 
TYR CE1 HE1  sing N N 368 
TYR CE2 CZ   sing Y N 369 
TYR CE2 HE2  sing N N 370 
TYR CZ  OH   sing N N 371 
TYR OH  HH   sing N N 372 
TYR OXT HXT  sing N N 373 
VAL N   CA   sing N N 374 
VAL N   H    sing N N 375 
VAL N   H2   sing N N 376 
VAL CA  C    sing N N 377 
VAL CA  CB   sing N N 378 
VAL CA  HA   sing N N 379 
VAL C   O    doub N N 380 
VAL C   OXT  sing N N 381 
VAL CB  CG1  sing N N 382 
VAL CB  CG2  sing N N 383 
VAL CB  HB   sing N N 384 
VAL CG1 HG11 sing N N 385 
VAL CG1 HG12 sing N N 386 
VAL CG1 HG13 sing N N 387 
VAL CG2 HG21 sing N N 388 
VAL CG2 HG22 sing N N 389 
VAL CG2 HG23 sing N N 390 
VAL OXT HXT  sing N N 391 
# 
_pdbx_audit_support.funding_organization   'Not funded' 
_pdbx_audit_support.country                ? 
_pdbx_audit_support.grant_number           ? 
_pdbx_audit_support.ordinal                1 
# 
_pdbx_entity_instance_feature.ordinal        1 
_pdbx_entity_instance_feature.comp_id        PEG 
_pdbx_entity_instance_feature.asym_id        ? 
_pdbx_entity_instance_feature.seq_num        ? 
_pdbx_entity_instance_feature.auth_comp_id   PEG 
_pdbx_entity_instance_feature.auth_asym_id   ? 
_pdbx_entity_instance_feature.auth_seq_num   ? 
_pdbx_entity_instance_feature.feature_type   'SUBJECT OF INVESTIGATION' 
_pdbx_entity_instance_feature.details        ? 
# 
loop_
_pdbx_entity_nonpoly.entity_id 
_pdbx_entity_nonpoly.name 
_pdbx_entity_nonpoly.comp_id 
2 'DI(HYDROXYETHYL)ETHER' PEG 
3 water                   HOH 
# 
_pdbx_initial_refinement_model.id               1 
_pdbx_initial_refinement_model.entity_id_list   ? 
_pdbx_initial_refinement_model.type             'experimental model' 
_pdbx_initial_refinement_model.source_name      PDB 
_pdbx_initial_refinement_model.accession_code   1UPR 
_pdbx_initial_refinement_model.details          ? 
# 
_pdbx_struct_assembly_auth_evidence.id                     1 
_pdbx_struct_assembly_auth_evidence.assembly_id            1 
_pdbx_struct_assembly_auth_evidence.experimental_support   'gel filtration' 
_pdbx_struct_assembly_auth_evidence.details                ? 
# 
